data_1XN1
#
_entry.id   1XN1
#
_cell.length_a   116.554
_cell.length_b   120.238
_cell.length_c   159.372
_cell.angle_alpha   90.00
_cell.angle_beta   90.00
_cell.angle_gamma   90.00
#
_symmetry.space_group_name_H-M   'P 21 21 21'
#
loop_
_entity.id
_entity.type
_entity.pdbx_description
1 polymer '6,7-dimethyl-8-ribityllumazine synthase'
2 non-polymer 'PHOSPHATE ION'
3 non-polymer 'SODIUM ION'
4 non-polymer 'SULFATE ION'
5 water water
#
_entity_poly.entity_id   1
_entity_poly.type   'polypeptide(L)'
_entity_poly.pdbx_seq_one_letter_code
;MNQSCPNKTSFKIAFIQARWHADIVDEARKSFVAELAAKTGGSVEVEIFDVPGAYEIPLHAKTLARTGRYAAIVGAAFVI
DGGIYRHDFVATAVINGMMQVQLETEVPVLSVVLTPHHFHESKEHHDFFHAHFKVKGVEAAHAALQIVSERSRIAALV
;
_entity_poly.pdbx_strand_id   A,B,C,D,E,F,G,H,I,J
#
loop_
_chem_comp.id
_chem_comp.type
_chem_comp.name
_chem_comp.formula
NA non-polymer 'SODIUM ION' 'Na 1'
PO4 non-polymer 'PHOSPHATE ION' 'O4 P -3'
SO4 non-polymer 'SULFATE ION' 'O4 S -2'
#
# COMPACT_ATOMS: atom_id res chain seq x y z
N THR A 9 13.84 -17.29 -42.03
CA THR A 9 14.34 -16.53 -43.21
C THR A 9 14.75 -15.13 -42.78
N SER A 10 14.62 -14.15 -43.68
CA SER A 10 15.01 -12.78 -43.36
C SER A 10 13.88 -11.76 -43.32
N PHE A 11 13.96 -10.87 -42.33
CA PHE A 11 12.99 -9.80 -42.13
C PHE A 11 13.68 -8.69 -41.33
N LYS A 12 13.02 -7.55 -41.18
CA LYS A 12 13.61 -6.46 -40.43
C LYS A 12 12.87 -6.16 -39.13
N ILE A 13 13.63 -5.80 -38.11
CA ILE A 13 13.09 -5.47 -36.79
C ILE A 13 13.44 -4.04 -36.44
N ALA A 14 12.43 -3.24 -36.10
CA ALA A 14 12.68 -1.84 -35.71
C ALA A 14 12.82 -1.81 -34.18
N PHE A 15 13.97 -1.39 -33.72
CA PHE A 15 14.27 -1.33 -32.29
C PHE A 15 14.23 0.12 -31.81
N ILE A 16 13.21 0.46 -31.04
CA ILE A 16 13.05 1.82 -30.55
C ILE A 16 13.54 1.93 -29.12
N GLN A 17 14.61 2.70 -28.88
CA GLN A 17 15.10 2.84 -27.50
C GLN A 17 15.12 4.28 -26.98
N ALA A 18 14.73 4.44 -25.72
CA ALA A 18 14.72 5.74 -25.08
C ALA A 18 16.17 6.09 -24.68
N ARG A 19 16.49 7.38 -24.75
CA ARG A 19 17.84 7.80 -24.42
C ARG A 19 18.17 7.74 -22.93
N TRP A 20 17.15 7.79 -22.07
CA TRP A 20 17.39 7.72 -20.62
C TRP A 20 18.04 6.42 -20.21
N HIS A 21 18.90 6.48 -19.21
CA HIS A 21 19.59 5.30 -18.74
C HIS A 21 20.13 4.52 -19.92
N ALA A 22 20.87 5.22 -20.77
CA ALA A 22 21.45 4.61 -21.95
C ALA A 22 22.36 3.44 -21.61
N ASP A 23 23.31 3.68 -20.71
CA ASP A 23 24.26 2.64 -20.32
C ASP A 23 23.61 1.28 -20.04
N ILE A 24 22.39 1.33 -19.54
CA ILE A 24 21.66 0.12 -19.23
C ILE A 24 20.86 -0.36 -20.44
N VAL A 25 19.91 0.45 -20.90
CA VAL A 25 19.10 0.08 -22.05
C VAL A 25 19.97 -0.33 -23.23
N ASP A 26 21.16 0.25 -23.32
CA ASP A 26 22.07 -0.10 -24.40
C ASP A 26 22.40 -1.59 -24.34
N GLU A 27 22.63 -2.07 -23.12
CA GLU A 27 22.94 -3.47 -22.91
C GLU A 27 21.93 -4.38 -23.57
N ALA A 28 20.65 -4.12 -23.33
CA ALA A 28 19.57 -4.89 -23.93
C ALA A 28 19.71 -4.85 -25.44
N ARG A 29 19.86 -3.65 -26.00
CA ARG A 29 20.01 -3.52 -27.44
C ARG A 29 21.14 -4.39 -27.97
N LYS A 30 22.36 -4.17 -27.48
CA LYS A 30 23.51 -4.95 -27.92
C LYS A 30 23.19 -6.45 -27.87
N SER A 31 22.65 -6.91 -26.74
CA SER A 31 22.30 -8.32 -26.59
C SER A 31 21.30 -8.71 -27.67
N PHE A 32 20.26 -7.91 -27.81
CA PHE A 32 19.24 -8.16 -28.81
C PHE A 32 19.95 -8.40 -30.13
N VAL A 33 20.63 -7.37 -30.62
CA VAL A 33 21.35 -7.47 -31.89
C VAL A 33 22.25 -8.71 -32.03
N ALA A 34 23.14 -8.89 -31.06
CA ALA A 34 24.06 -10.02 -31.07
C ALA A 34 23.31 -11.33 -31.22
N GLU A 35 22.35 -11.58 -30.34
CA GLU A 35 21.56 -12.80 -30.38
C GLU A 35 21.04 -13.04 -31.77
N LEU A 36 20.22 -12.12 -32.28
CA LEU A 36 19.67 -12.27 -33.61
C LEU A 36 20.80 -12.49 -34.61
N ALA A 37 21.86 -11.71 -34.50
CA ALA A 37 23.00 -11.86 -35.40
C ALA A 37 23.27 -13.36 -35.43
N ALA A 38 23.55 -13.92 -34.26
CA ALA A 38 23.83 -15.33 -34.13
C ALA A 38 22.74 -16.16 -34.79
N LYS A 39 21.58 -16.19 -34.16
CA LYS A 39 20.46 -16.97 -34.64
C LYS A 39 19.99 -16.75 -36.08
N THR A 40 20.47 -15.71 -36.75
CA THR A 40 20.01 -15.47 -38.13
C THR A 40 21.14 -15.17 -39.11
N GLY A 41 22.31 -14.82 -38.56
CA GLY A 41 23.48 -14.51 -39.36
C GLY A 41 23.25 -13.51 -40.48
N GLY A 42 22.93 -12.27 -40.12
CA GLY A 42 22.70 -11.24 -41.12
C GLY A 42 21.34 -11.31 -41.82
N SER A 43 20.55 -12.33 -41.53
CA SER A 43 19.23 -12.49 -42.13
C SER A 43 18.25 -11.45 -41.58
N VAL A 44 18.15 -11.39 -40.25
CA VAL A 44 17.28 -10.45 -39.58
C VAL A 44 18.07 -9.18 -39.31
N GLU A 45 17.59 -8.07 -39.86
CA GLU A 45 18.23 -6.78 -39.69
C GLU A 45 17.51 -5.99 -38.62
N VAL A 46 18.27 -5.50 -37.64
CA VAL A 46 17.67 -4.71 -36.59
C VAL A 46 18.02 -3.25 -36.78
N GLU A 47 17.02 -2.45 -37.12
CA GLU A 47 17.20 -1.03 -37.33
C GLU A 47 16.99 -0.28 -36.03
N ILE A 48 18.04 0.39 -35.57
CA ILE A 48 17.97 1.14 -34.34
C ILE A 48 17.32 2.50 -34.57
N PHE A 49 16.54 2.92 -33.58
CA PHE A 49 15.86 4.20 -33.64
C PHE A 49 15.87 4.81 -32.26
N ASP A 50 16.51 5.97 -32.14
CA ASP A 50 16.57 6.65 -30.85
C ASP A 50 15.34 7.49 -30.61
N VAL A 51 15.02 7.64 -29.34
CA VAL A 51 13.85 8.38 -28.93
C VAL A 51 14.18 8.93 -27.55
N PRO A 52 13.71 10.15 -27.24
CA PRO A 52 14.00 10.75 -25.92
C PRO A 52 13.62 9.87 -24.72
N GLY A 53 12.32 9.75 -24.47
CA GLY A 53 11.86 8.96 -23.33
C GLY A 53 11.02 7.78 -23.76
N ALA A 54 10.54 7.01 -22.80
CA ALA A 54 9.70 5.84 -23.09
C ALA A 54 8.37 6.29 -23.69
N TYR A 55 7.93 7.47 -23.27
CA TYR A 55 6.68 8.06 -23.73
C TYR A 55 6.72 8.26 -25.24
N GLU A 56 7.93 8.48 -25.75
CA GLU A 56 8.12 8.72 -27.16
C GLU A 56 8.15 7.43 -27.98
N ILE A 57 8.12 6.28 -27.33
CA ILE A 57 8.16 5.02 -28.08
C ILE A 57 6.87 4.69 -28.82
N PRO A 58 5.73 4.56 -28.11
CA PRO A 58 4.46 4.23 -28.75
C PRO A 58 4.29 4.85 -30.13
N LEU A 59 4.11 6.16 -30.17
CA LEU A 59 3.94 6.86 -31.44
C LEU A 59 5.01 6.46 -32.43
N HIS A 60 6.25 6.44 -31.97
CA HIS A 60 7.32 6.07 -32.88
C HIS A 60 7.03 4.71 -33.47
N ALA A 61 6.81 3.73 -32.61
CA ALA A 61 6.50 2.38 -33.07
C ALA A 61 5.33 2.45 -34.03
N LYS A 62 4.30 3.19 -33.65
CA LYS A 62 3.13 3.31 -34.51
C LYS A 62 3.53 3.79 -35.90
N THR A 63 4.44 4.76 -35.96
CA THR A 63 4.86 5.30 -37.25
C THR A 63 5.67 4.33 -38.09
N LEU A 64 6.63 3.68 -37.44
CA LEU A 64 7.47 2.73 -38.14
C LEU A 64 6.59 1.55 -38.54
N ALA A 65 5.82 1.05 -37.59
CA ALA A 65 4.96 -0.08 -37.86
C ALA A 65 4.16 0.11 -39.14
N ARG A 66 3.64 1.31 -39.34
CA ARG A 66 2.81 1.56 -40.51
C ARG A 66 3.54 1.48 -41.85
N THR A 67 4.87 1.59 -41.84
CA THR A 67 5.59 1.52 -43.11
C THR A 67 5.57 0.10 -43.67
N GLY A 68 5.26 -0.88 -42.83
CA GLY A 68 5.23 -2.25 -43.27
C GLY A 68 6.62 -2.80 -43.51
N ARG A 69 7.63 -1.99 -43.19
CA ARG A 69 9.01 -2.40 -43.37
C ARG A 69 9.46 -3.44 -42.34
N TYR A 70 8.89 -3.36 -41.14
CA TYR A 70 9.30 -4.25 -40.06
C TYR A 70 8.36 -5.35 -39.66
N ALA A 71 8.91 -6.54 -39.51
CA ALA A 71 8.13 -7.72 -39.14
C ALA A 71 7.79 -7.68 -37.66
N ALA A 72 8.51 -6.83 -36.93
CA ALA A 72 8.31 -6.69 -35.51
C ALA A 72 9.09 -5.51 -35.00
N ILE A 73 8.53 -4.83 -34.01
CA ILE A 73 9.14 -3.66 -33.41
C ILE A 73 9.48 -3.99 -31.96
N VAL A 74 10.54 -3.37 -31.44
CA VAL A 74 10.95 -3.59 -30.05
C VAL A 74 11.24 -2.28 -29.35
N GLY A 75 10.44 -1.98 -28.32
CA GLY A 75 10.62 -0.77 -27.54
C GLY A 75 11.47 -1.09 -26.33
N ALA A 76 12.58 -0.38 -26.20
CA ALA A 76 13.48 -0.60 -25.08
C ALA A 76 13.64 0.66 -24.27
N ALA A 77 13.43 0.55 -22.96
CA ALA A 77 13.56 1.70 -22.08
C ALA A 77 13.57 1.19 -20.66
N PHE A 78 14.28 1.89 -19.78
CA PHE A 78 14.39 1.52 -18.38
C PHE A 78 13.58 2.59 -17.68
N VAL A 79 12.30 2.33 -17.49
CA VAL A 79 11.43 3.28 -16.82
C VAL A 79 11.47 2.96 -15.34
N ILE A 80 12.05 3.85 -14.54
CA ILE A 80 12.14 3.62 -13.11
C ILE A 80 11.41 4.71 -12.37
N ASP A 81 11.36 4.58 -11.04
CA ASP A 81 10.74 5.60 -10.19
C ASP A 81 11.87 6.58 -9.85
N GLY A 82 11.83 7.76 -10.44
CA GLY A 82 12.86 8.77 -10.20
C GLY A 82 13.00 9.25 -8.78
N GLY A 83 12.04 8.88 -7.94
CA GLY A 83 12.08 9.28 -6.56
C GLY A 83 11.45 10.64 -6.36
N ILE A 84 11.31 11.40 -7.46
CA ILE A 84 10.72 12.72 -7.41
C ILE A 84 9.28 12.69 -7.94
N TYR A 85 9.10 12.25 -9.17
CA TYR A 85 7.76 12.17 -9.73
C TYR A 85 7.37 10.72 -9.98
N ARG A 86 6.07 10.45 -9.89
CA ARG A 86 5.58 9.10 -10.12
C ARG A 86 5.84 8.76 -11.57
N HIS A 87 6.40 7.58 -11.80
CA HIS A 87 6.72 7.13 -13.15
C HIS A 87 5.55 6.38 -13.78
N ASP A 88 5.09 5.34 -13.09
CA ASP A 88 4.00 4.48 -13.54
C ASP A 88 2.99 5.08 -14.53
N PHE A 89 2.43 6.24 -14.21
CA PHE A 89 1.46 6.86 -15.11
C PHE A 89 1.97 6.72 -16.53
N VAL A 90 3.26 6.97 -16.70
CA VAL A 90 3.90 6.87 -18.00
C VAL A 90 4.06 5.41 -18.40
N ALA A 91 4.74 4.64 -17.55
CA ALA A 91 4.95 3.21 -17.83
C ALA A 91 3.64 2.63 -18.36
N THR A 92 2.56 2.87 -17.64
CA THR A 92 1.27 2.37 -18.06
C THR A 92 0.96 2.82 -19.47
N ALA A 93 0.97 4.13 -19.69
CA ALA A 93 0.67 4.65 -21.02
C ALA A 93 1.59 4.08 -22.09
N VAL A 94 2.83 3.82 -21.72
CA VAL A 94 3.78 3.26 -22.68
C VAL A 94 3.48 1.80 -22.94
N ILE A 95 3.42 0.98 -21.89
CA ILE A 95 3.14 -0.44 -22.08
C ILE A 95 1.77 -0.67 -22.73
N ASN A 96 0.81 0.17 -22.41
CA ASN A 96 -0.53 0.03 -22.99
C ASN A 96 -0.49 0.51 -24.43
N GLY A 97 0.23 1.61 -24.62
CA GLY A 97 0.36 2.21 -25.93
C GLY A 97 0.94 1.30 -26.98
N MET A 98 2.06 0.67 -26.67
CA MET A 98 2.68 -0.23 -27.63
C MET A 98 1.67 -1.31 -27.96
N MET A 99 0.97 -1.79 -26.94
CA MET A 99 -0.02 -2.82 -27.17
C MET A 99 -1.08 -2.27 -28.12
N GLN A 100 -1.46 -1.02 -27.88
CA GLN A 100 -2.47 -0.34 -28.69
C GLN A 100 -2.08 -0.31 -30.16
N VAL A 101 -0.79 -0.10 -30.39
CA VAL A 101 -0.22 -0.01 -31.72
C VAL A 101 -0.13 -1.35 -32.40
N GLN A 102 0.47 -2.33 -31.73
CA GLN A 102 0.58 -3.64 -32.35
C GLN A 102 -0.79 -4.16 -32.70
N LEU A 103 -1.77 -3.86 -31.85
CA LEU A 103 -3.13 -4.33 -32.09
C LEU A 103 -3.79 -3.56 -33.20
N GLU A 104 -3.26 -2.39 -33.54
CA GLU A 104 -3.88 -1.58 -34.57
C GLU A 104 -3.05 -1.51 -35.82
N THR A 105 -1.95 -2.24 -35.83
CA THR A 105 -1.08 -2.26 -37.00
C THR A 105 -0.74 -3.71 -37.26
N GLU A 106 -1.15 -4.55 -36.33
CA GLU A 106 -0.89 -5.98 -36.38
C GLU A 106 0.57 -6.23 -36.67
N VAL A 107 1.42 -5.53 -35.93
CA VAL A 107 2.86 -5.69 -36.04
C VAL A 107 3.29 -5.95 -34.62
N PRO A 108 3.89 -7.10 -34.37
CA PRO A 108 4.32 -7.42 -33.01
C PRO A 108 5.20 -6.30 -32.48
N VAL A 109 4.90 -5.83 -31.28
CA VAL A 109 5.72 -4.80 -30.66
C VAL A 109 6.17 -5.44 -29.36
N LEU A 110 7.41 -5.92 -29.35
CA LEU A 110 7.89 -6.54 -28.14
C LEU A 110 8.32 -5.48 -27.16
N SER A 111 8.06 -5.76 -25.88
CA SER A 111 8.39 -4.82 -24.84
C SER A 111 9.59 -5.17 -23.98
N VAL A 112 10.53 -4.25 -23.97
CA VAL A 112 11.72 -4.37 -23.15
C VAL A 112 11.76 -3.00 -22.54
N VAL A 113 10.57 -2.53 -22.15
CA VAL A 113 10.40 -1.26 -21.47
C VAL A 113 10.20 -1.70 -20.03
N LEU A 114 11.27 -2.18 -19.39
CA LEU A 114 11.20 -2.66 -18.02
C LEU A 114 11.15 -1.58 -16.96
N THR A 115 10.44 -1.89 -15.89
CA THR A 115 10.27 -0.99 -14.76
C THR A 115 10.66 -1.78 -13.52
N PRO A 116 11.85 -1.51 -12.98
CA PRO A 116 12.31 -2.22 -11.79
C PRO A 116 11.42 -1.85 -10.62
N HIS A 117 11.43 -2.69 -9.60
CA HIS A 117 10.64 -2.43 -8.41
C HIS A 117 11.33 -1.30 -7.66
N HIS A 118 12.64 -1.42 -7.50
CA HIS A 118 13.45 -0.43 -6.81
C HIS A 118 14.69 -0.12 -7.63
N PHE A 119 15.13 1.12 -7.57
CA PHE A 119 16.32 1.50 -8.31
C PHE A 119 16.79 2.91 -8.01
N HIS A 120 17.71 3.03 -7.05
CA HIS A 120 18.28 4.32 -6.68
C HIS A 120 19.59 4.31 -7.42
N GLU A 121 19.95 5.42 -8.07
CA GLU A 121 21.18 5.45 -8.85
C GLU A 121 22.40 5.08 -8.01
N SER A 122 22.46 3.81 -7.60
CA SER A 122 23.56 3.28 -6.80
C SER A 122 24.40 2.34 -7.65
N LYS A 123 25.60 2.02 -7.18
CA LYS A 123 26.47 1.14 -7.93
C LYS A 123 25.76 -0.18 -8.13
N GLU A 124 25.53 -0.89 -7.03
CA GLU A 124 24.88 -2.18 -7.05
C GLU A 124 23.71 -2.21 -8.02
N HIS A 125 22.72 -1.35 -7.78
CA HIS A 125 21.55 -1.27 -8.63
C HIS A 125 21.89 -1.08 -10.09
N HIS A 126 22.74 -0.10 -10.37
CA HIS A 126 23.13 0.20 -11.73
C HIS A 126 23.80 -1.02 -12.38
N ASP A 127 24.78 -1.58 -11.69
CA ASP A 127 25.46 -2.75 -12.24
C ASP A 127 24.50 -3.92 -12.47
N PHE A 128 23.58 -4.13 -11.54
CA PHE A 128 22.64 -5.24 -11.66
C PHE A 128 21.85 -5.22 -12.95
N PHE A 129 21.18 -4.11 -13.22
CA PHE A 129 20.37 -4.00 -14.43
C PHE A 129 21.19 -3.89 -15.68
N HIS A 130 22.29 -3.16 -15.58
CA HIS A 130 23.19 -3.00 -16.70
C HIS A 130 23.49 -4.42 -17.14
N ALA A 131 23.61 -5.29 -16.15
CA ALA A 131 23.91 -6.68 -16.41
C ALA A 131 22.65 -7.41 -16.83
N HIS A 132 21.57 -7.21 -16.08
CA HIS A 132 20.33 -7.90 -16.37
C HIS A 132 19.70 -7.52 -17.70
N PHE A 133 19.83 -6.26 -18.09
CA PHE A 133 19.25 -5.86 -19.35
C PHE A 133 19.84 -6.69 -20.48
N LYS A 134 21.04 -7.20 -20.28
CA LYS A 134 21.70 -8.03 -21.29
C LYS A 134 20.86 -9.29 -21.49
N VAL A 135 20.48 -9.92 -20.38
CA VAL A 135 19.66 -11.11 -20.46
C VAL A 135 18.34 -10.78 -21.19
N LYS A 136 17.74 -9.66 -20.78
CA LYS A 136 16.48 -9.20 -21.36
C LYS A 136 16.59 -9.02 -22.87
N GLY A 137 17.77 -8.58 -23.30
CA GLY A 137 18.03 -8.36 -24.71
C GLY A 137 17.88 -9.65 -25.46
N VAL A 138 18.53 -10.71 -24.97
CA VAL A 138 18.45 -12.01 -25.60
C VAL A 138 17.02 -12.48 -25.68
N GLU A 139 16.35 -12.54 -24.53
CA GLU A 139 14.97 -12.97 -24.52
C GLU A 139 14.18 -12.20 -25.58
N ALA A 140 14.38 -10.89 -25.64
CA ALA A 140 13.68 -10.07 -26.62
C ALA A 140 13.90 -10.59 -28.02
N ALA A 141 15.14 -10.96 -28.32
CA ALA A 141 15.51 -11.47 -29.64
C ALA A 141 14.77 -12.75 -29.92
N HIS A 142 14.85 -13.70 -28.99
CA HIS A 142 14.16 -14.97 -29.16
C HIS A 142 12.67 -14.67 -29.35
N ALA A 143 12.11 -13.95 -28.38
CA ALA A 143 10.70 -13.57 -28.42
C ALA A 143 10.40 -12.99 -29.79
N ALA A 144 11.32 -12.18 -30.29
CA ALA A 144 11.14 -11.56 -31.58
C ALA A 144 11.04 -12.62 -32.65
N LEU A 145 12.11 -13.39 -32.81
CA LEU A 145 12.18 -14.45 -33.80
C LEU A 145 10.99 -15.38 -33.74
N GLN A 146 10.66 -15.77 -32.51
CA GLN A 146 9.54 -16.67 -32.26
C GLN A 146 8.20 -16.14 -32.69
N ILE A 147 7.90 -14.91 -32.28
CA ILE A 147 6.63 -14.30 -32.60
C ILE A 147 6.52 -14.03 -34.10
N VAL A 148 7.64 -13.67 -34.71
CA VAL A 148 7.65 -13.40 -36.14
C VAL A 148 7.37 -14.68 -36.93
N SER A 149 8.02 -15.78 -36.55
CA SER A 149 7.79 -17.01 -37.28
C SER A 149 6.42 -17.58 -36.95
N GLU A 150 6.03 -17.50 -35.70
CA GLU A 150 4.73 -18.05 -35.33
C GLU A 150 3.63 -17.36 -36.09
N ARG A 151 3.84 -16.10 -36.46
CA ARG A 151 2.80 -15.40 -37.20
C ARG A 151 2.81 -15.87 -38.64
N SER A 152 3.92 -15.65 -39.34
CA SER A 152 4.01 -16.07 -40.73
C SER A 152 3.56 -17.52 -40.86
N ARG A 153 3.60 -18.26 -39.76
CA ARG A 153 3.19 -19.66 -39.79
C ARG A 153 1.66 -19.75 -39.83
N ILE A 154 0.99 -19.01 -38.94
CA ILE A 154 -0.47 -19.02 -38.87
C ILE A 154 -1.03 -18.19 -39.99
N ALA A 155 -0.16 -17.71 -40.87
CA ALA A 155 -0.56 -16.88 -42.01
C ALA A 155 -0.59 -17.70 -43.28
N ALA A 156 0.13 -18.82 -43.26
CA ALA A 156 0.20 -19.72 -44.41
C ALA A 156 -0.83 -20.84 -44.30
N SER B 10 -17.89 -29.75 -35.00
CA SER B 10 -18.75 -28.65 -34.48
C SER B 10 -18.06 -27.28 -34.62
N PHE B 11 -17.15 -26.95 -33.70
CA PHE B 11 -16.41 -25.68 -33.80
C PHE B 11 -14.96 -25.77 -33.34
N LYS B 12 -14.20 -24.69 -33.54
CA LYS B 12 -12.79 -24.66 -33.16
C LYS B 12 -12.46 -23.56 -32.14
N ILE B 13 -11.44 -23.83 -31.33
CA ILE B 13 -10.99 -22.89 -30.31
C ILE B 13 -9.47 -22.68 -30.40
N ALA B 14 -9.05 -21.42 -30.46
CA ALA B 14 -7.63 -21.09 -30.55
C ALA B 14 -7.08 -20.92 -29.15
N PHE B 15 -6.17 -21.81 -28.77
CA PHE B 15 -5.55 -21.74 -27.46
C PHE B 15 -4.16 -21.16 -27.63
N ILE B 16 -4.00 -19.90 -27.26
CA ILE B 16 -2.73 -19.19 -27.34
C ILE B 16 -2.08 -19.25 -25.97
N GLN B 17 -0.94 -19.92 -25.86
CA GLN B 17 -0.30 -19.99 -24.58
C GLN B 17 1.10 -19.41 -24.63
N ALA B 18 1.44 -18.62 -23.60
CA ALA B 18 2.76 -18.02 -23.49
C ALA B 18 3.75 -19.14 -23.24
N ARG B 19 5.01 -18.94 -23.62
CA ARG B 19 6.02 -19.96 -23.40
C ARG B 19 6.53 -19.87 -21.97
N TRP B 20 6.51 -18.68 -21.40
CA TRP B 20 6.96 -18.50 -20.03
C TRP B 20 6.14 -19.31 -19.05
N HIS B 21 6.84 -19.95 -18.11
CA HIS B 21 6.22 -20.78 -17.09
C HIS B 21 5.41 -21.90 -17.69
N ALA B 22 5.95 -22.51 -18.74
CA ALA B 22 5.30 -23.60 -19.44
C ALA B 22 4.88 -24.76 -18.55
N ASP B 23 5.81 -25.27 -17.75
CA ASP B 23 5.50 -26.39 -16.87
C ASP B 23 4.15 -26.18 -16.22
N ILE B 24 3.82 -24.92 -15.93
CA ILE B 24 2.55 -24.59 -15.31
C ILE B 24 1.48 -24.30 -16.36
N VAL B 25 1.65 -23.23 -17.12
CA VAL B 25 0.65 -22.89 -18.13
C VAL B 25 0.16 -24.16 -18.82
N ASP B 26 1.11 -25.00 -19.24
CA ASP B 26 0.77 -26.27 -19.89
C ASP B 26 -0.35 -26.99 -19.16
N GLU B 27 -0.11 -27.32 -17.88
CA GLU B 27 -1.10 -28.01 -17.10
C GLU B 27 -2.50 -27.47 -17.36
N ALA B 28 -2.59 -26.19 -17.71
CA ALA B 28 -3.89 -25.57 -18.00
C ALA B 28 -4.38 -25.95 -19.38
N ARG B 29 -3.48 -25.93 -20.35
CA ARG B 29 -3.83 -26.30 -21.72
C ARG B 29 -4.21 -27.77 -21.77
N LYS B 30 -3.36 -28.59 -21.17
CA LYS B 30 -3.57 -30.02 -21.14
C LYS B 30 -4.96 -30.40 -20.63
N SER B 31 -5.39 -29.77 -19.55
CA SER B 31 -6.71 -30.08 -19.02
C SER B 31 -7.80 -29.43 -19.87
N PHE B 32 -7.50 -28.27 -20.43
CA PHE B 32 -8.49 -27.59 -21.27
C PHE B 32 -8.86 -28.55 -22.40
N VAL B 33 -7.86 -28.90 -23.23
CA VAL B 33 -8.07 -29.79 -24.35
C VAL B 33 -8.76 -31.09 -23.90
N ALA B 34 -8.29 -31.61 -22.77
CA ALA B 34 -8.85 -32.83 -22.22
C ALA B 34 -10.34 -32.66 -21.93
N GLU B 35 -10.69 -31.68 -21.10
CA GLU B 35 -12.08 -31.44 -20.76
C GLU B 35 -12.94 -31.29 -21.99
N LEU B 36 -12.46 -30.55 -22.97
CA LEU B 36 -13.24 -30.35 -24.17
C LEU B 36 -13.49 -31.67 -24.89
N ALA B 37 -12.48 -32.53 -24.94
CA ALA B 37 -12.67 -33.83 -25.60
C ALA B 37 -13.76 -34.60 -24.83
N ALA B 38 -13.60 -34.67 -23.53
CA ALA B 38 -14.56 -35.34 -22.67
C ALA B 38 -15.94 -34.73 -22.78
N LYS B 39 -16.02 -33.40 -22.77
CA LYS B 39 -17.30 -32.72 -22.85
C LYS B 39 -17.93 -32.65 -24.24
N THR B 40 -17.12 -32.71 -25.28
CA THR B 40 -17.65 -32.62 -26.62
C THR B 40 -17.38 -33.89 -27.42
N GLY B 41 -17.14 -34.98 -26.71
CA GLY B 41 -16.84 -36.24 -27.37
C GLY B 41 -15.74 -36.05 -28.39
N GLY B 42 -14.99 -34.96 -28.22
CA GLY B 42 -13.91 -34.66 -29.12
C GLY B 42 -14.46 -34.12 -30.41
N SER B 43 -15.44 -33.21 -30.32
CA SER B 43 -16.03 -32.63 -31.52
C SER B 43 -15.59 -31.18 -31.66
N VAL B 44 -14.86 -30.69 -30.67
CA VAL B 44 -14.38 -29.31 -30.70
C VAL B 44 -12.89 -29.30 -30.93
N GLU B 45 -12.48 -28.91 -32.13
CA GLU B 45 -11.06 -28.84 -32.45
C GLU B 45 -10.45 -27.73 -31.61
N VAL B 46 -9.30 -28.00 -31.01
CA VAL B 46 -8.60 -26.99 -30.23
C VAL B 46 -7.21 -26.80 -30.81
N GLU B 47 -6.99 -25.66 -31.47
CA GLU B 47 -5.70 -25.38 -32.06
C GLU B 47 -4.82 -24.68 -31.02
N ILE B 48 -3.59 -25.17 -30.85
CA ILE B 48 -2.66 -24.58 -29.90
C ILE B 48 -1.69 -23.62 -30.59
N PHE B 49 -1.47 -22.46 -29.97
CA PHE B 49 -0.54 -21.46 -30.50
C PHE B 49 0.38 -20.98 -29.41
N ASP B 50 1.67 -21.09 -29.68
CA ASP B 50 2.66 -20.68 -28.71
C ASP B 50 3.14 -19.28 -29.06
N VAL B 51 3.18 -18.44 -28.04
CA VAL B 51 3.58 -17.07 -28.18
C VAL B 51 4.71 -16.91 -27.16
N PRO B 52 5.62 -15.95 -27.38
CA PRO B 52 6.69 -15.84 -26.38
C PRO B 52 6.19 -15.58 -24.95
N GLY B 53 5.52 -14.46 -24.75
CA GLY B 53 5.01 -14.12 -23.43
C GLY B 53 3.60 -13.57 -23.51
N ALA B 54 2.94 -13.42 -22.37
CA ALA B 54 1.57 -12.92 -22.34
C ALA B 54 1.37 -11.64 -23.17
N TYR B 55 2.37 -10.78 -23.16
CA TYR B 55 2.27 -9.53 -23.88
C TYR B 55 2.03 -9.77 -25.37
N GLU B 56 2.45 -10.94 -25.86
CA GLU B 56 2.28 -11.28 -27.25
C GLU B 56 0.90 -11.87 -27.58
N ILE B 57 0.14 -12.24 -26.55
CA ILE B 57 -1.16 -12.85 -26.75
C ILE B 57 -2.24 -12.02 -27.40
N PRO B 58 -2.48 -10.81 -26.90
CA PRO B 58 -3.53 -9.98 -27.50
C PRO B 58 -3.50 -9.92 -29.01
N LEU B 59 -2.36 -9.55 -29.57
CA LEU B 59 -2.25 -9.47 -31.02
C LEU B 59 -2.54 -10.80 -31.69
N HIS B 60 -1.97 -11.87 -31.14
CA HIS B 60 -2.17 -13.20 -31.70
C HIS B 60 -3.64 -13.60 -31.64
N ALA B 61 -4.31 -13.20 -30.56
CA ALA B 61 -5.73 -13.49 -30.42
C ALA B 61 -6.44 -12.78 -31.54
N LYS B 62 -6.12 -11.49 -31.70
CA LYS B 62 -6.72 -10.68 -32.73
C LYS B 62 -6.54 -11.25 -34.13
N THR B 63 -5.32 -11.61 -34.50
CA THR B 63 -5.12 -12.17 -35.83
C THR B 63 -5.91 -13.45 -35.99
N LEU B 64 -5.75 -14.39 -35.07
CA LEU B 64 -6.49 -15.63 -35.15
C LEU B 64 -7.98 -15.30 -35.16
N ALA B 65 -8.46 -14.62 -34.12
CA ALA B 65 -9.87 -14.25 -34.04
C ALA B 65 -10.35 -13.74 -35.38
N ARG B 66 -9.64 -12.76 -35.93
CA ARG B 66 -10.04 -12.21 -37.21
C ARG B 66 -10.18 -13.22 -38.33
N THR B 67 -9.41 -14.31 -38.31
CA THR B 67 -9.53 -15.30 -39.39
C THR B 67 -10.92 -15.92 -39.45
N GLY B 68 -11.74 -15.66 -38.43
CA GLY B 68 -13.08 -16.21 -38.41
C GLY B 68 -13.10 -17.72 -38.51
N ARG B 69 -12.16 -18.36 -37.84
CA ARG B 69 -12.09 -19.82 -37.85
C ARG B 69 -12.44 -20.34 -36.48
N TYR B 70 -12.42 -19.46 -35.49
CA TYR B 70 -12.69 -19.89 -34.13
C TYR B 70 -13.92 -19.28 -33.50
N ALA B 71 -14.63 -20.12 -32.76
CA ALA B 71 -15.84 -19.69 -32.09
C ALA B 71 -15.47 -18.92 -30.84
N ALA B 72 -14.22 -19.11 -30.40
CA ALA B 72 -13.71 -18.45 -29.21
C ALA B 72 -12.21 -18.62 -29.15
N ILE B 73 -11.53 -17.80 -28.35
CA ILE B 73 -10.09 -17.88 -28.23
C ILE B 73 -9.69 -17.91 -26.77
N VAL B 74 -8.65 -18.64 -26.44
CA VAL B 74 -8.19 -18.74 -25.06
C VAL B 74 -6.76 -18.26 -24.90
N GLY B 75 -6.58 -17.29 -24.01
CA GLY B 75 -5.26 -16.75 -23.75
C GLY B 75 -4.75 -17.30 -22.43
N ALA B 76 -3.71 -18.11 -22.50
CA ALA B 76 -3.16 -18.70 -21.30
C ALA B 76 -1.75 -18.24 -21.05
N ALA B 77 -1.50 -17.80 -19.82
CA ALA B 77 -0.17 -17.34 -19.45
C ALA B 77 -0.13 -17.13 -17.94
N PHE B 78 1.04 -17.38 -17.36
CA PHE B 78 1.24 -17.22 -15.94
C PHE B 78 2.08 -15.95 -15.75
N VAL B 79 1.41 -14.80 -15.67
CA VAL B 79 2.11 -13.53 -15.49
C VAL B 79 2.23 -13.25 -13.99
N ILE B 80 3.42 -13.51 -13.44
CA ILE B 80 3.66 -13.32 -12.01
C ILE B 80 4.60 -12.15 -11.75
N ASP B 81 4.69 -11.72 -10.48
CA ASP B 81 5.61 -10.64 -10.10
C ASP B 81 7.04 -11.20 -10.10
N GLY B 82 7.82 -10.81 -11.10
CA GLY B 82 9.18 -11.30 -11.24
C GLY B 82 10.12 -11.06 -10.08
N GLY B 83 9.82 -10.07 -9.27
CA GLY B 83 10.68 -9.76 -8.15
C GLY B 83 11.68 -8.73 -8.60
N ILE B 84 12.00 -8.74 -9.90
CA ILE B 84 12.94 -7.76 -10.47
C ILE B 84 12.14 -6.62 -11.07
N TYR B 85 11.33 -6.91 -12.09
CA TYR B 85 10.52 -5.88 -12.74
C TYR B 85 9.05 -5.97 -12.38
N ARG B 86 8.33 -4.87 -12.61
CA ARG B 86 6.90 -4.82 -12.33
C ARG B 86 6.08 -5.46 -13.44
N HIS B 87 5.42 -6.56 -13.09
CA HIS B 87 4.59 -7.30 -14.03
C HIS B 87 3.28 -6.60 -14.39
N ASP B 88 2.48 -6.27 -13.39
CA ASP B 88 1.16 -5.64 -13.58
C ASP B 88 0.98 -4.74 -14.78
N PHE B 89 2.04 -4.05 -15.18
CA PHE B 89 1.94 -3.20 -16.35
C PHE B 89 1.58 -4.10 -17.52
N VAL B 90 2.45 -5.05 -17.81
CA VAL B 90 2.21 -5.99 -18.88
C VAL B 90 0.89 -6.71 -18.61
N ALA B 91 0.73 -7.18 -17.38
CA ALA B 91 -0.47 -7.90 -17.00
C ALA B 91 -1.69 -7.14 -17.49
N THR B 92 -1.79 -5.90 -17.04
CA THR B 92 -2.90 -5.05 -17.45
C THR B 92 -2.97 -4.93 -18.96
N ALA B 93 -1.87 -4.55 -19.60
CA ALA B 93 -1.89 -4.40 -21.04
C ALA B 93 -2.50 -5.62 -21.74
N VAL B 94 -2.17 -6.80 -21.23
CA VAL B 94 -2.65 -8.06 -21.78
C VAL B 94 -4.09 -8.39 -21.46
N ILE B 95 -4.43 -8.41 -20.19
CA ILE B 95 -5.80 -8.72 -19.81
C ILE B 95 -6.76 -7.73 -20.46
N ASN B 96 -6.31 -6.49 -20.59
CA ASN B 96 -7.09 -5.45 -21.25
C ASN B 96 -7.17 -5.80 -22.73
N GLY B 97 -5.99 -5.97 -23.33
CA GLY B 97 -5.89 -6.29 -24.74
C GLY B 97 -6.94 -7.28 -25.19
N MET B 98 -6.90 -8.49 -24.60
CA MET B 98 -7.86 -9.51 -24.95
C MET B 98 -9.24 -8.88 -24.91
N MET B 99 -9.58 -8.22 -23.80
CA MET B 99 -10.87 -7.55 -23.69
C MET B 99 -11.09 -6.67 -24.93
N GLN B 100 -10.11 -5.82 -25.23
CA GLN B 100 -10.16 -4.93 -26.38
C GLN B 100 -10.38 -5.73 -27.65
N VAL B 101 -9.52 -6.72 -27.85
CA VAL B 101 -9.56 -7.57 -29.03
C VAL B 101 -10.89 -8.28 -29.23
N GLN B 102 -11.45 -8.86 -28.18
CA GLN B 102 -12.70 -9.58 -28.34
C GLN B 102 -13.88 -8.70 -28.66
N LEU B 103 -13.83 -7.44 -28.26
CA LEU B 103 -14.92 -6.52 -28.57
C LEU B 103 -14.77 -6.17 -30.04
N GLU B 104 -13.54 -5.84 -30.38
CA GLU B 104 -13.13 -5.48 -31.72
C GLU B 104 -13.53 -6.54 -32.73
N THR B 105 -13.20 -7.79 -32.41
CA THR B 105 -13.47 -8.93 -33.28
C THR B 105 -14.84 -9.61 -33.15
N GLU B 106 -15.46 -9.49 -31.98
CA GLU B 106 -16.75 -10.12 -31.70
C GLU B 106 -16.51 -11.56 -31.26
N VAL B 107 -15.29 -12.04 -31.46
CA VAL B 107 -14.90 -13.38 -31.03
C VAL B 107 -14.57 -13.32 -29.54
N PRO B 108 -15.15 -14.21 -28.74
CA PRO B 108 -14.90 -14.24 -27.30
C PRO B 108 -13.48 -14.68 -26.99
N VAL B 109 -12.83 -13.98 -26.08
CA VAL B 109 -11.48 -14.35 -25.71
C VAL B 109 -11.46 -14.63 -24.22
N LEU B 110 -11.44 -15.91 -23.86
CA LEU B 110 -11.43 -16.28 -22.45
C LEU B 110 -10.03 -16.12 -21.94
N SER B 111 -9.93 -15.65 -20.70
CA SER B 111 -8.63 -15.43 -20.10
C SER B 111 -8.19 -16.46 -19.09
N VAL B 112 -7.02 -17.02 -19.34
CA VAL B 112 -6.41 -17.96 -18.41
C VAL B 112 -5.01 -17.36 -18.26
N VAL B 113 -4.97 -16.04 -18.23
CA VAL B 113 -3.74 -15.27 -18.05
C VAL B 113 -3.83 -14.88 -16.59
N LEU B 114 -3.30 -15.75 -15.73
CA LEU B 114 -3.34 -15.57 -14.28
C LEU B 114 -2.14 -14.89 -13.65
N THR B 115 -2.41 -13.99 -12.72
CA THR B 115 -1.36 -13.28 -12.03
C THR B 115 -1.56 -13.52 -10.53
N PRO B 116 -0.90 -14.55 -9.98
CA PRO B 116 -1.01 -14.91 -8.57
C PRO B 116 -0.56 -13.78 -7.66
N HIS B 117 -1.07 -13.76 -6.45
CA HIS B 117 -0.68 -12.72 -5.51
C HIS B 117 0.80 -12.92 -5.23
N HIS B 118 1.16 -14.15 -4.91
CA HIS B 118 2.56 -14.45 -4.61
C HIS B 118 3.07 -15.69 -5.32
N PHE B 119 4.34 -15.68 -5.66
CA PHE B 119 4.94 -16.82 -6.33
C PHE B 119 6.44 -16.62 -6.45
N HIS B 120 7.23 -17.36 -5.68
CA HIS B 120 8.68 -17.19 -5.72
C HIS B 120 9.42 -18.37 -6.31
N GLU B 121 8.72 -19.11 -7.17
CA GLU B 121 9.29 -20.26 -7.84
C GLU B 121 10.00 -21.20 -6.88
N SER B 122 9.32 -21.53 -5.78
CA SER B 122 9.84 -22.45 -4.79
C SER B 122 9.10 -23.75 -5.07
N LYS B 123 9.58 -24.87 -4.54
CA LYS B 123 8.88 -26.14 -4.78
C LYS B 123 7.40 -25.93 -4.46
N GLU B 124 7.08 -25.71 -3.19
CA GLU B 124 5.70 -25.51 -2.73
C GLU B 124 4.89 -24.66 -3.69
N HIS B 125 5.37 -23.46 -3.98
CA HIS B 125 4.71 -22.55 -4.92
C HIS B 125 4.49 -23.19 -6.27
N HIS B 126 5.59 -23.49 -6.94
CA HIS B 126 5.56 -24.09 -8.26
C HIS B 126 4.53 -25.23 -8.37
N ASP B 127 4.67 -26.23 -7.51
CA ASP B 127 3.76 -27.36 -7.53
C ASP B 127 2.35 -26.92 -7.33
N PHE B 128 2.16 -25.88 -6.51
CA PHE B 128 0.83 -25.39 -6.24
C PHE B 128 0.13 -24.90 -7.49
N PHE B 129 0.79 -24.06 -8.27
CA PHE B 129 0.14 -23.56 -9.46
C PHE B 129 0.13 -24.56 -10.59
N HIS B 130 1.06 -25.51 -10.52
CA HIS B 130 1.12 -26.54 -11.53
C HIS B 130 -0.19 -27.30 -11.37
N ALA B 131 -0.61 -27.46 -10.13
CA ALA B 131 -1.83 -28.17 -9.80
C ALA B 131 -3.06 -27.33 -10.10
N HIS B 132 -3.01 -26.07 -9.72
CA HIS B 132 -4.15 -25.19 -9.92
C HIS B 132 -4.44 -24.89 -11.39
N PHE B 133 -3.39 -24.74 -12.20
CA PHE B 133 -3.63 -24.46 -13.60
C PHE B 133 -4.44 -25.55 -14.27
N LYS B 134 -4.39 -26.75 -13.72
CA LYS B 134 -5.15 -27.86 -14.29
C LYS B 134 -6.61 -27.51 -14.03
N VAL B 135 -6.88 -27.06 -12.81
CA VAL B 135 -8.24 -26.68 -12.42
C VAL B 135 -8.70 -25.52 -13.30
N LYS B 136 -7.87 -24.48 -13.34
CA LYS B 136 -8.16 -23.28 -14.11
C LYS B 136 -8.38 -23.60 -15.58
N GLY B 137 -7.65 -24.59 -16.09
CA GLY B 137 -7.79 -24.96 -17.49
C GLY B 137 -9.16 -25.56 -17.75
N VAL B 138 -9.63 -26.36 -16.79
CA VAL B 138 -10.92 -27.01 -16.89
C VAL B 138 -12.04 -25.98 -16.90
N GLU B 139 -12.02 -25.06 -15.93
CA GLU B 139 -13.02 -24.01 -15.86
C GLU B 139 -13.00 -23.27 -17.20
N ALA B 140 -11.80 -23.02 -17.70
CA ALA B 140 -11.63 -22.34 -18.98
C ALA B 140 -12.47 -23.12 -19.98
N ALA B 141 -12.24 -24.43 -20.03
CA ALA B 141 -13.00 -25.30 -20.92
C ALA B 141 -14.50 -25.13 -20.70
N HIS B 142 -14.92 -25.25 -19.44
CA HIS B 142 -16.32 -25.11 -19.09
C HIS B 142 -16.84 -23.70 -19.35
N ALA B 143 -15.93 -22.75 -19.56
CA ALA B 143 -16.32 -21.37 -19.82
C ALA B 143 -16.40 -21.12 -21.31
N ALA B 144 -15.53 -21.80 -22.05
CA ALA B 144 -15.48 -21.67 -23.49
C ALA B 144 -16.79 -22.21 -24.06
N LEU B 145 -17.06 -23.49 -23.84
CA LEU B 145 -18.29 -24.09 -24.33
C LEU B 145 -19.45 -23.21 -23.89
N GLN B 146 -19.43 -22.87 -22.60
CA GLN B 146 -20.45 -22.03 -21.99
C GLN B 146 -20.70 -20.78 -22.83
N ILE B 147 -19.67 -19.98 -23.05
CA ILE B 147 -19.86 -18.77 -23.81
C ILE B 147 -20.21 -19.00 -25.28
N VAL B 148 -19.49 -19.88 -25.95
CA VAL B 148 -19.78 -20.15 -27.35
C VAL B 148 -21.26 -20.49 -27.49
N SER B 149 -21.73 -21.42 -26.67
CA SER B 149 -23.13 -21.81 -26.69
C SER B 149 -24.00 -20.57 -26.55
N GLU B 150 -23.98 -20.01 -25.35
CA GLU B 150 -24.74 -18.81 -25.02
C GLU B 150 -24.80 -17.82 -26.18
N ARG B 151 -23.67 -17.60 -26.86
CA ARG B 151 -23.64 -16.66 -27.97
C ARG B 151 -24.60 -17.07 -29.07
N SER B 152 -24.27 -18.16 -29.75
CA SER B 152 -25.13 -18.65 -30.81
C SER B 152 -26.60 -18.56 -30.38
N ARG B 153 -26.90 -19.04 -29.17
CA ARG B 153 -28.26 -18.98 -28.64
C ARG B 153 -28.86 -17.62 -28.96
N ILE B 154 -28.04 -16.58 -28.83
CA ILE B 154 -28.47 -15.22 -29.11
C ILE B 154 -28.62 -14.98 -30.62
N ALA B 155 -27.66 -15.52 -31.37
CA ALA B 155 -27.63 -15.37 -32.81
C ALA B 155 -28.81 -16.00 -33.54
N ALA B 156 -29.67 -16.71 -32.83
CA ALA B 156 -30.84 -17.35 -33.44
C ALA B 156 -32.12 -16.59 -33.10
N THR C 9 -43.79 3.38 -22.42
CA THR C 9 -42.78 3.05 -21.37
C THR C 9 -42.32 1.59 -21.50
N SER C 10 -42.72 0.93 -22.60
CA SER C 10 -42.35 -0.47 -22.82
C SER C 10 -40.99 -0.60 -23.48
N PHE C 11 -40.03 -1.17 -22.74
CA PHE C 11 -38.70 -1.38 -23.30
C PHE C 11 -38.00 -2.60 -22.67
N LYS C 12 -37.04 -3.15 -23.41
CA LYS C 12 -36.31 -4.32 -22.95
C LYS C 12 -34.94 -3.97 -22.34
N ILE C 13 -34.61 -4.67 -21.26
CA ILE C 13 -33.32 -4.50 -20.59
C ILE C 13 -32.68 -5.87 -20.60
N ALA C 14 -31.40 -5.95 -21.00
CA ALA C 14 -30.71 -7.23 -21.03
C ALA C 14 -29.87 -7.35 -19.76
N PHE C 15 -30.16 -8.36 -18.97
CA PHE C 15 -29.45 -8.58 -17.72
C PHE C 15 -28.46 -9.72 -17.86
N ILE C 16 -27.18 -9.38 -18.02
CA ILE C 16 -26.14 -10.38 -18.19
C ILE C 16 -25.52 -10.65 -16.84
N GLN C 17 -25.54 -11.91 -16.42
CA GLN C 17 -24.98 -12.26 -15.13
C GLN C 17 -23.95 -13.38 -15.22
N ALA C 18 -22.89 -13.23 -14.42
CA ALA C 18 -21.83 -14.20 -14.38
C ALA C 18 -22.33 -15.42 -13.63
N ARG C 19 -21.85 -16.60 -14.04
CA ARG C 19 -22.27 -17.83 -13.42
C ARG C 19 -21.59 -17.99 -12.07
N TRP C 20 -20.49 -17.28 -11.87
CA TRP C 20 -19.78 -17.34 -10.60
C TRP C 20 -20.56 -16.70 -9.45
N HIS C 21 -20.30 -17.14 -8.22
CA HIS C 21 -20.99 -16.61 -7.04
C HIS C 21 -22.46 -16.35 -7.32
N ALA C 22 -23.07 -17.23 -8.10
CA ALA C 22 -24.47 -17.11 -8.48
C ALA C 22 -25.39 -17.03 -7.28
N ASP C 23 -25.03 -17.70 -6.19
CA ASP C 23 -25.88 -17.65 -5.03
C ASP C 23 -26.16 -16.20 -4.64
N ILE C 24 -25.14 -15.36 -4.86
CA ILE C 24 -25.21 -13.94 -4.54
C ILE C 24 -25.63 -13.10 -5.74
N VAL C 25 -25.00 -13.36 -6.88
CA VAL C 25 -25.31 -12.64 -8.10
C VAL C 25 -26.82 -12.63 -8.38
N ASP C 26 -27.46 -13.77 -8.16
CA ASP C 26 -28.90 -13.91 -8.39
C ASP C 26 -29.78 -13.01 -7.53
N GLU C 27 -29.39 -12.80 -6.29
CA GLU C 27 -30.18 -11.97 -5.39
C GLU C 27 -30.40 -10.59 -5.98
N ALA C 28 -29.45 -10.18 -6.82
CA ALA C 28 -29.51 -8.88 -7.48
C ALA C 28 -30.42 -8.98 -8.68
N ARG C 29 -30.26 -10.05 -9.45
CA ARG C 29 -31.10 -10.27 -10.62
C ARG C 29 -32.55 -10.32 -10.17
N LYS C 30 -32.81 -11.16 -9.18
CA LYS C 30 -34.15 -11.31 -8.64
C LYS C 30 -34.68 -9.97 -8.17
N SER C 31 -33.90 -9.28 -7.33
CA SER C 31 -34.32 -7.99 -6.83
C SER C 31 -34.52 -7.00 -7.97
N PHE C 32 -33.60 -7.05 -8.93
CA PHE C 32 -33.65 -6.16 -10.09
C PHE C 32 -34.96 -6.35 -10.82
N VAL C 33 -35.16 -7.55 -11.37
CA VAL C 33 -36.39 -7.87 -12.09
C VAL C 33 -37.60 -7.53 -11.24
N ALA C 34 -37.51 -7.80 -9.95
CA ALA C 34 -38.58 -7.50 -9.02
C ALA C 34 -38.84 -6.00 -9.12
N GLU C 35 -37.92 -5.21 -8.56
CA GLU C 35 -38.06 -3.76 -8.61
C GLU C 35 -38.57 -3.30 -9.96
N LEU C 36 -37.97 -3.79 -11.03
CA LEU C 36 -38.40 -3.40 -12.37
C LEU C 36 -39.86 -3.70 -12.58
N ALA C 37 -40.15 -4.95 -12.89
CA ALA C 37 -41.51 -5.39 -13.13
C ALA C 37 -42.49 -4.82 -12.09
N ALA C 38 -41.97 -4.37 -10.95
CA ALA C 38 -42.80 -3.82 -9.89
C ALA C 38 -42.97 -2.30 -9.97
N LYS C 39 -42.62 -1.73 -11.12
CA LYS C 39 -42.73 -0.29 -11.35
C LYS C 39 -42.96 -0.08 -12.82
N THR C 40 -43.21 -1.17 -13.51
CA THR C 40 -43.45 -1.13 -14.93
C THR C 40 -44.56 -2.13 -15.24
N GLY C 41 -44.82 -2.99 -14.25
CA GLY C 41 -45.85 -4.00 -14.41
C GLY C 41 -45.72 -4.68 -15.75
N GLY C 42 -44.61 -5.39 -15.95
CA GLY C 42 -44.43 -6.07 -17.22
C GLY C 42 -44.10 -5.16 -18.38
N SER C 43 -44.22 -3.85 -18.17
CA SER C 43 -43.93 -2.90 -19.24
C SER C 43 -42.46 -3.01 -19.61
N VAL C 44 -41.60 -3.02 -18.59
CA VAL C 44 -40.17 -3.14 -18.81
C VAL C 44 -39.83 -4.63 -18.73
N GLU C 45 -39.45 -5.19 -19.88
CA GLU C 45 -39.13 -6.60 -20.02
C GLU C 45 -37.64 -6.86 -19.81
N VAL C 46 -37.31 -7.63 -18.78
CA VAL C 46 -35.92 -7.94 -18.46
C VAL C 46 -35.46 -9.29 -19.01
N GLU C 47 -34.79 -9.31 -20.15
CA GLU C 47 -34.29 -10.56 -20.68
C GLU C 47 -33.06 -10.93 -19.85
N ILE C 48 -32.84 -12.22 -19.60
CA ILE C 48 -31.70 -12.63 -18.80
C ILE C 48 -30.68 -13.52 -19.49
N PHE C 49 -29.42 -13.09 -19.49
CA PHE C 49 -28.37 -13.87 -20.12
C PHE C 49 -27.29 -14.33 -19.15
N ASP C 50 -26.91 -15.59 -19.27
CA ASP C 50 -25.87 -16.17 -18.40
C ASP C 50 -24.54 -16.25 -19.13
N VAL C 51 -23.52 -15.74 -18.48
CA VAL C 51 -22.20 -15.75 -19.05
C VAL C 51 -21.27 -16.44 -18.07
N PRO C 52 -20.20 -17.08 -18.56
CA PRO C 52 -19.29 -17.75 -17.64
C PRO C 52 -18.80 -16.83 -16.51
N GLY C 53 -17.91 -15.90 -16.84
CA GLY C 53 -17.38 -15.00 -15.81
C GLY C 53 -17.63 -13.54 -16.13
N ALA C 54 -17.27 -12.64 -15.23
CA ALA C 54 -17.48 -11.22 -15.47
C ALA C 54 -16.78 -10.81 -16.75
N TYR C 55 -15.66 -11.46 -17.01
CA TYR C 55 -14.85 -11.17 -18.18
C TYR C 55 -15.58 -11.42 -19.49
N GLU C 56 -16.54 -12.33 -19.48
CA GLU C 56 -17.27 -12.61 -20.70
C GLU C 56 -18.45 -11.65 -20.84
N ILE C 57 -18.65 -10.78 -19.85
CA ILE C 57 -19.78 -9.86 -19.89
C ILE C 57 -19.76 -8.78 -20.97
N PRO C 58 -18.73 -7.92 -20.99
CA PRO C 58 -18.65 -6.84 -21.98
C PRO C 58 -19.00 -7.19 -23.42
N LEU C 59 -18.30 -8.16 -24.00
CA LEU C 59 -18.59 -8.55 -25.38
C LEU C 59 -20.06 -8.87 -25.54
N HIS C 60 -20.57 -9.67 -24.62
CA HIS C 60 -21.96 -10.07 -24.61
C HIS C 60 -22.80 -8.82 -24.57
N ALA C 61 -22.39 -7.86 -23.74
CA ALA C 61 -23.11 -6.61 -23.63
C ALA C 61 -23.14 -5.91 -24.97
N LYS C 62 -22.05 -5.97 -25.71
CA LYS C 62 -21.97 -5.32 -27.02
C LYS C 62 -22.89 -6.01 -28.01
N THR C 63 -22.69 -7.31 -28.20
CA THR C 63 -23.52 -8.07 -29.13
C THR C 63 -24.99 -7.78 -28.89
N LEU C 64 -25.43 -7.87 -27.64
CA LEU C 64 -26.83 -7.61 -27.31
C LEU C 64 -27.20 -6.17 -27.57
N ALA C 65 -26.35 -5.24 -27.15
CA ALA C 65 -26.62 -3.82 -27.36
C ALA C 65 -26.79 -3.49 -28.84
N ARG C 66 -26.04 -4.17 -29.69
CA ARG C 66 -26.10 -3.89 -31.11
C ARG C 66 -27.35 -4.43 -31.77
N THR C 67 -28.06 -5.34 -31.12
CA THR C 67 -29.28 -5.85 -31.71
C THR C 67 -30.27 -4.70 -31.74
N GLY C 68 -30.06 -3.74 -30.85
CA GLY C 68 -30.92 -2.58 -30.79
C GLY C 68 -32.27 -2.86 -30.16
N ARG C 69 -32.37 -4.01 -29.50
CA ARG C 69 -33.62 -4.42 -28.86
C ARG C 69 -33.71 -3.88 -27.44
N TYR C 70 -32.57 -3.61 -26.82
CA TYR C 70 -32.57 -3.15 -25.44
C TYR C 70 -32.26 -1.68 -25.31
N ALA C 71 -32.89 -1.04 -24.33
CA ALA C 71 -32.72 0.37 -24.06
C ALA C 71 -31.66 0.55 -22.99
N ALA C 72 -31.20 -0.58 -22.47
CA ALA C 72 -30.20 -0.59 -21.42
C ALA C 72 -29.76 -2.03 -21.23
N ILE C 73 -28.56 -2.17 -20.65
CA ILE C 73 -27.99 -3.48 -20.40
C ILE C 73 -27.41 -3.50 -19.00
N VAL C 74 -27.53 -4.64 -18.33
CA VAL C 74 -27.03 -4.76 -16.97
C VAL C 74 -26.05 -5.89 -16.82
N GLY C 75 -24.87 -5.54 -16.31
CA GLY C 75 -23.83 -6.52 -16.07
C GLY C 75 -23.87 -6.80 -14.58
N ALA C 76 -24.09 -8.05 -14.23
CA ALA C 76 -24.14 -8.43 -12.84
C ALA C 76 -23.07 -9.48 -12.64
N ALA C 77 -22.20 -9.25 -11.66
CA ALA C 77 -21.15 -10.19 -11.37
C ALA C 77 -20.56 -9.87 -10.02
N PHE C 78 -19.98 -10.87 -9.38
CA PHE C 78 -19.34 -10.67 -8.09
C PHE C 78 -17.86 -10.93 -8.33
N VAL C 79 -17.11 -9.87 -8.62
CA VAL C 79 -15.68 -10.03 -8.84
C VAL C 79 -14.95 -9.83 -7.51
N ILE C 80 -14.41 -10.94 -7.00
CA ILE C 80 -13.73 -11.01 -5.71
C ILE C 80 -12.25 -11.33 -5.77
N ASP C 81 -11.52 -10.96 -4.72
CA ASP C 81 -10.09 -11.29 -4.64
C ASP C 81 -10.11 -12.77 -4.25
N GLY C 82 -10.11 -13.64 -5.25
CA GLY C 82 -10.13 -15.07 -5.00
C GLY C 82 -9.11 -15.59 -4.01
N GLY C 83 -8.24 -14.72 -3.55
CA GLY C 83 -7.23 -15.13 -2.61
C GLY C 83 -6.05 -15.77 -3.30
N ILE C 84 -6.27 -16.34 -4.48
CA ILE C 84 -5.17 -16.98 -5.21
C ILE C 84 -4.61 -16.07 -6.30
N TYR C 85 -5.45 -15.69 -7.27
CA TYR C 85 -5.02 -14.82 -8.36
C TYR C 85 -5.65 -13.44 -8.24
N ARG C 86 -5.05 -12.45 -8.89
CA ARG C 86 -5.54 -11.08 -8.87
C ARG C 86 -6.79 -10.80 -9.70
N HIS C 87 -7.83 -10.34 -9.02
CA HIS C 87 -9.12 -10.04 -9.64
C HIS C 87 -9.14 -8.69 -10.34
N ASP C 88 -8.54 -7.68 -9.73
CA ASP C 88 -8.55 -6.34 -10.29
C ASP C 88 -8.21 -6.17 -11.76
N PHE C 89 -7.32 -6.98 -12.32
CA PHE C 89 -7.01 -6.82 -13.74
C PHE C 89 -8.27 -7.07 -14.54
N VAL C 90 -8.95 -8.16 -14.24
CA VAL C 90 -10.19 -8.45 -14.94
C VAL C 90 -11.16 -7.36 -14.55
N ALA C 91 -11.39 -7.27 -13.24
CA ALA C 91 -12.29 -6.28 -12.67
C ALA C 91 -12.22 -4.98 -13.46
N THR C 92 -10.99 -4.53 -13.70
CA THR C 92 -10.78 -3.31 -14.46
C THR C 92 -11.28 -3.51 -15.90
N ALA C 93 -10.70 -4.48 -16.58
CA ALA C 93 -11.07 -4.77 -17.96
C ALA C 93 -12.59 -4.86 -18.15
N VAL C 94 -13.29 -5.35 -17.14
CA VAL C 94 -14.74 -5.48 -17.23
C VAL C 94 -15.45 -4.14 -17.02
N ILE C 95 -15.06 -3.38 -16.01
CA ILE C 95 -15.70 -2.10 -15.80
C ILE C 95 -15.41 -1.16 -16.97
N ASN C 96 -14.22 -1.25 -17.53
CA ASN C 96 -13.86 -0.43 -18.66
C ASN C 96 -14.61 -0.96 -19.84
N GLY C 97 -14.59 -2.28 -19.99
CA GLY C 97 -15.26 -2.94 -21.10
C GLY C 97 -16.67 -2.43 -21.33
N MET C 98 -17.49 -2.54 -20.30
CA MET C 98 -18.86 -2.08 -20.39
C MET C 98 -18.88 -0.62 -20.80
N MET C 99 -18.19 0.21 -20.01
CA MET C 99 -18.10 1.65 -20.28
C MET C 99 -17.81 1.90 -21.75
N GLN C 100 -16.92 1.08 -22.30
CA GLN C 100 -16.52 1.20 -23.69
C GLN C 100 -17.68 0.82 -24.59
N VAL C 101 -18.33 -0.28 -24.24
CA VAL C 101 -19.44 -0.78 -25.03
C VAL C 101 -20.57 0.23 -25.09
N GLN C 102 -20.85 0.90 -23.98
CA GLN C 102 -21.94 1.85 -24.02
C GLN C 102 -21.58 3.11 -24.78
N LEU C 103 -20.30 3.42 -24.88
CA LEU C 103 -19.89 4.60 -25.63
C LEU C 103 -19.88 4.23 -27.09
N GLU C 104 -19.68 2.95 -27.35
CA GLU C 104 -19.66 2.44 -28.70
C GLU C 104 -21.07 2.29 -29.22
N THR C 105 -21.87 1.55 -28.46
CA THR C 105 -23.25 1.25 -28.83
C THR C 105 -24.29 2.29 -28.47
N GLU C 106 -23.89 3.34 -27.77
CA GLU C 106 -24.86 4.35 -27.41
C GLU C 106 -26.02 3.67 -26.66
N VAL C 107 -25.70 2.60 -25.94
CA VAL C 107 -26.71 1.88 -25.16
C VAL C 107 -26.27 1.81 -23.71
N PRO C 108 -27.02 2.44 -22.81
CA PRO C 108 -26.67 2.43 -21.39
C PRO C 108 -26.43 1.03 -20.85
N VAL C 109 -25.29 0.86 -20.18
CA VAL C 109 -24.94 -0.41 -19.60
C VAL C 109 -24.65 -0.11 -18.13
N LEU C 110 -25.54 -0.50 -17.23
CA LEU C 110 -25.30 -0.22 -15.82
C LEU C 110 -24.39 -1.30 -15.25
N SER C 111 -23.66 -0.96 -14.20
CA SER C 111 -22.76 -1.95 -13.64
C SER C 111 -23.15 -2.40 -12.26
N VAL C 112 -23.48 -3.67 -12.17
CA VAL C 112 -23.83 -4.29 -10.91
C VAL C 112 -22.76 -5.37 -10.80
N VAL C 113 -21.61 -5.08 -11.42
CA VAL C 113 -20.43 -5.95 -11.39
C VAL C 113 -19.64 -5.42 -10.21
N LEU C 114 -19.96 -5.90 -9.02
CA LEU C 114 -19.28 -5.41 -7.84
C LEU C 114 -18.11 -6.23 -7.34
N THR C 115 -17.17 -5.51 -6.72
CA THR C 115 -15.94 -6.07 -6.16
C THR C 115 -15.81 -5.48 -4.77
N PRO C 116 -15.94 -6.30 -3.73
CA PRO C 116 -15.84 -5.86 -2.34
C PRO C 116 -14.40 -5.71 -1.86
N HIS C 117 -14.20 -4.86 -0.87
CA HIS C 117 -12.88 -4.67 -0.32
C HIS C 117 -12.39 -5.99 0.23
N HIS C 118 -13.30 -6.69 0.91
CA HIS C 118 -13.00 -7.99 1.49
C HIS C 118 -14.10 -9.00 1.25
N PHE C 119 -13.73 -10.27 1.33
CA PHE C 119 -14.69 -11.34 1.13
C PHE C 119 -13.98 -12.66 1.04
N HIS C 120 -14.02 -13.42 2.13
CA HIS C 120 -13.39 -14.72 2.15
C HIS C 120 -14.55 -15.67 2.29
N GLU C 121 -14.62 -16.68 1.42
CA GLU C 121 -15.71 -17.64 1.50
C GLU C 121 -15.96 -17.97 2.96
N SER C 122 -17.16 -17.66 3.45
CA SER C 122 -17.55 -17.90 4.84
C SER C 122 -18.97 -17.41 5.01
N LYS C 123 -19.68 -17.94 6.00
CA LYS C 123 -21.07 -17.53 6.23
C LYS C 123 -21.18 -16.02 6.44
N GLU C 124 -20.73 -15.54 7.59
CA GLU C 124 -20.78 -14.12 7.91
C GLU C 124 -20.69 -13.24 6.65
N HIS C 125 -19.64 -13.45 5.85
CA HIS C 125 -19.44 -12.71 4.60
C HIS C 125 -20.55 -12.99 3.59
N HIS C 126 -20.64 -14.26 3.18
CA HIS C 126 -21.63 -14.73 2.22
C HIS C 126 -23.00 -14.11 2.49
N ASP C 127 -23.53 -14.37 3.70
CA ASP C 127 -24.82 -13.83 4.10
C ASP C 127 -24.87 -12.36 3.75
N PHE C 128 -24.09 -11.57 4.46
CA PHE C 128 -24.08 -10.14 4.20
C PHE C 128 -24.27 -9.79 2.73
N PHE C 129 -23.41 -10.31 1.87
CA PHE C 129 -23.53 -10.01 0.45
C PHE C 129 -24.73 -10.61 -0.22
N HIS C 130 -25.05 -11.85 0.12
CA HIS C 130 -26.24 -12.46 -0.46
C HIS C 130 -27.40 -11.49 -0.21
N ALA C 131 -27.33 -10.79 0.91
CA ALA C 131 -28.35 -9.84 1.27
C ALA C 131 -28.17 -8.54 0.48
N HIS C 132 -27.05 -7.88 0.75
CA HIS C 132 -26.73 -6.61 0.13
C HIS C 132 -26.87 -6.56 -1.37
N PHE C 133 -26.73 -7.70 -2.05
CA PHE C 133 -26.85 -7.72 -3.51
C PHE C 133 -28.30 -7.52 -3.92
N LYS C 134 -29.20 -7.66 -2.96
CA LYS C 134 -30.62 -7.47 -3.21
C LYS C 134 -30.85 -5.97 -3.26
N VAL C 135 -30.11 -5.24 -2.45
CA VAL C 135 -30.22 -3.79 -2.41
C VAL C 135 -29.66 -3.26 -3.72
N LYS C 136 -28.51 -3.79 -4.13
CA LYS C 136 -27.90 -3.37 -5.37
C LYS C 136 -28.87 -3.65 -6.51
N GLY C 137 -29.45 -4.85 -6.50
CA GLY C 137 -30.40 -5.19 -7.53
C GLY C 137 -31.46 -4.12 -7.64
N VAL C 138 -32.04 -3.75 -6.50
CA VAL C 138 -33.06 -2.71 -6.46
C VAL C 138 -32.48 -1.46 -7.08
N GLU C 139 -31.47 -0.91 -6.41
CA GLU C 139 -30.79 0.31 -6.84
C GLU C 139 -30.60 0.28 -8.36
N ALA C 140 -30.12 -0.86 -8.84
CA ALA C 140 -29.87 -1.05 -10.26
C ALA C 140 -31.14 -0.73 -11.02
N ALA C 141 -32.22 -1.40 -10.63
CA ALA C 141 -33.51 -1.22 -11.26
C ALA C 141 -33.82 0.25 -11.40
N HIS C 142 -33.87 0.96 -10.27
CA HIS C 142 -34.16 2.37 -10.28
C HIS C 142 -33.25 3.10 -11.27
N ALA C 143 -31.96 2.78 -11.21
CA ALA C 143 -30.99 3.38 -12.10
C ALA C 143 -31.28 2.99 -13.54
N ALA C 144 -31.53 1.71 -13.77
CA ALA C 144 -31.83 1.25 -15.12
C ALA C 144 -32.93 2.11 -15.72
N LEU C 145 -34.01 2.28 -14.95
CA LEU C 145 -35.17 3.05 -15.37
C LEU C 145 -34.85 4.52 -15.57
N GLN C 146 -34.30 5.13 -14.53
CA GLN C 146 -33.98 6.54 -14.58
C GLN C 146 -33.16 6.95 -15.80
N ILE C 147 -32.13 6.17 -16.13
CA ILE C 147 -31.30 6.53 -17.27
C ILE C 147 -32.05 6.35 -18.57
N VAL C 148 -32.65 5.18 -18.77
CA VAL C 148 -33.40 4.94 -19.99
C VAL C 148 -34.40 6.07 -20.18
N SER C 149 -34.97 6.54 -19.09
CA SER C 149 -35.93 7.62 -19.15
C SER C 149 -35.25 8.91 -19.56
N GLU C 150 -34.29 9.34 -18.75
CA GLU C 150 -33.56 10.57 -19.00
C GLU C 150 -33.08 10.61 -20.46
N ARG C 151 -32.63 9.47 -20.97
CA ARG C 151 -32.17 9.42 -22.35
C ARG C 151 -33.24 9.80 -23.34
N SER C 152 -34.48 9.44 -23.03
CA SER C 152 -35.61 9.75 -23.89
C SER C 152 -35.87 11.23 -23.89
N ARG C 153 -35.81 11.82 -22.70
CA ARG C 153 -36.00 13.26 -22.52
C ARG C 153 -35.06 13.98 -23.49
N ILE C 154 -33.81 13.53 -23.57
CA ILE C 154 -32.85 14.12 -24.48
C ILE C 154 -33.28 13.93 -25.92
N ALA C 155 -33.36 12.67 -26.35
CA ALA C 155 -33.76 12.36 -27.71
C ALA C 155 -35.28 12.39 -27.82
N THR D 9 -27.78 34.76 -25.05
CA THR D 9 -27.20 33.42 -24.68
C THR D 9 -26.02 33.08 -25.59
N SER D 10 -24.80 33.44 -25.18
CA SER D 10 -23.61 33.18 -25.98
C SER D 10 -23.34 31.69 -26.21
N PHE D 11 -23.36 30.88 -25.16
CA PHE D 11 -23.18 29.43 -25.32
C PHE D 11 -23.74 28.57 -24.17
N LYS D 12 -24.00 27.30 -24.47
CA LYS D 12 -24.58 26.37 -23.50
C LYS D 12 -23.59 25.39 -22.89
N ILE D 13 -23.89 24.96 -21.67
CA ILE D 13 -23.07 23.99 -20.97
C ILE D 13 -23.98 22.93 -20.36
N ALA D 14 -23.72 21.67 -20.69
CA ALA D 14 -24.51 20.59 -20.12
C ALA D 14 -23.84 20.19 -18.81
N PHE D 15 -24.60 20.24 -17.72
CA PHE D 15 -24.07 19.88 -16.42
C PHE D 15 -24.72 18.55 -16.05
N ILE D 16 -23.96 17.47 -16.24
CA ILE D 16 -24.45 16.13 -15.94
C ILE D 16 -24.04 15.74 -14.52
N GLN D 17 -25.00 15.75 -13.59
CA GLN D 17 -24.71 15.39 -12.22
C GLN D 17 -25.38 14.10 -11.80
N ALA D 18 -24.64 13.27 -11.09
CA ALA D 18 -25.14 11.98 -10.62
C ALA D 18 -26.16 12.18 -9.52
N ARG D 19 -26.94 11.13 -9.25
CA ARG D 19 -27.97 11.20 -8.22
C ARG D 19 -27.34 11.10 -6.84
N TRP D 20 -26.46 10.12 -6.68
CA TRP D 20 -25.79 9.90 -5.40
C TRP D 20 -25.11 11.11 -4.80
N HIS D 21 -25.34 11.29 -3.51
CA HIS D 21 -24.79 12.39 -2.75
C HIS D 21 -25.19 13.75 -3.26
N ALA D 22 -26.37 13.81 -3.87
CA ALA D 22 -26.90 15.05 -4.42
C ALA D 22 -26.76 16.15 -3.38
N ASP D 23 -26.91 15.78 -2.11
CA ASP D 23 -26.78 16.72 -0.99
C ASP D 23 -25.53 17.55 -1.17
N ILE D 24 -24.46 16.88 -1.60
CA ILE D 24 -23.18 17.51 -1.81
C ILE D 24 -22.97 17.89 -3.26
N VAL D 25 -23.23 16.97 -4.17
CA VAL D 25 -23.05 17.26 -5.57
C VAL D 25 -23.77 18.58 -5.87
N ASP D 26 -25.03 18.66 -5.48
CA ASP D 26 -25.84 19.86 -5.70
C ASP D 26 -25.13 21.15 -5.34
N GLU D 27 -24.35 21.09 -4.28
CA GLU D 27 -23.65 22.26 -3.81
C GLU D 27 -22.71 22.78 -4.89
N ALA D 28 -22.14 21.87 -5.67
CA ALA D 28 -21.24 22.23 -6.75
C ALA D 28 -22.02 22.73 -7.97
N ARG D 29 -23.12 22.07 -8.26
CA ARG D 29 -23.95 22.46 -9.40
C ARG D 29 -24.49 23.85 -9.17
N LYS D 30 -24.88 24.13 -7.92
CA LYS D 30 -25.41 25.43 -7.57
C LYS D 30 -24.37 26.55 -7.71
N SER D 31 -23.17 26.32 -7.18
CA SER D 31 -22.10 27.32 -7.28
C SER D 31 -21.56 27.44 -8.70
N PHE D 32 -21.69 26.37 -9.47
CA PHE D 32 -21.23 26.38 -10.85
C PHE D 32 -22.17 27.32 -11.61
N VAL D 33 -23.47 27.08 -11.52
CA VAL D 33 -24.44 27.92 -12.21
C VAL D 33 -24.34 29.38 -11.77
N ALA D 34 -24.17 29.58 -10.47
CA ALA D 34 -24.07 30.91 -9.89
C ALA D 34 -22.88 31.67 -10.45
N GLU D 35 -21.70 31.06 -10.42
CA GLU D 35 -20.49 31.69 -10.93
C GLU D 35 -20.60 32.07 -12.39
N LEU D 36 -21.06 31.14 -13.21
CA LEU D 36 -21.21 31.42 -14.64
C LEU D 36 -21.93 32.75 -14.76
N ALA D 37 -23.04 32.89 -14.03
CA ALA D 37 -23.82 34.11 -14.04
C ALA D 37 -23.01 35.30 -13.52
N ALA D 38 -22.36 35.12 -12.38
CA ALA D 38 -21.56 36.19 -11.82
C ALA D 38 -20.48 36.62 -12.82
N LYS D 39 -20.02 35.67 -13.62
CA LYS D 39 -18.99 35.94 -14.60
C LYS D 39 -19.51 36.26 -16.00
N THR D 40 -20.67 35.71 -16.35
CA THR D 40 -21.24 35.93 -17.68
C THR D 40 -22.58 36.66 -17.70
N GLY D 41 -23.24 36.77 -16.56
CA GLY D 41 -24.52 37.46 -16.51
C GLY D 41 -25.63 36.73 -17.23
N GLY D 42 -25.58 35.41 -17.25
CA GLY D 42 -26.62 34.66 -17.93
C GLY D 42 -26.32 34.49 -19.40
N SER D 43 -25.19 35.06 -19.83
CA SER D 43 -24.72 34.99 -21.21
C SER D 43 -24.60 33.51 -21.56
N VAL D 44 -23.95 32.78 -20.67
CA VAL D 44 -23.78 31.35 -20.82
C VAL D 44 -24.90 30.74 -20.00
N GLU D 45 -25.68 29.85 -20.61
CA GLU D 45 -26.78 29.21 -19.88
C GLU D 45 -26.41 27.77 -19.59
N VAL D 46 -26.58 27.36 -18.34
CA VAL D 46 -26.24 25.99 -17.95
C VAL D 46 -27.50 25.14 -17.94
N GLU D 47 -27.42 23.97 -18.57
CA GLU D 47 -28.55 23.04 -18.64
C GLU D 47 -28.23 21.80 -17.80
N ILE D 48 -29.07 21.51 -16.81
CA ILE D 48 -28.82 20.39 -15.95
C ILE D 48 -29.47 19.05 -16.33
N PHE D 49 -28.65 18.01 -16.41
CA PHE D 49 -29.14 16.67 -16.75
C PHE D 49 -28.84 15.73 -15.61
N ASP D 50 -29.88 15.16 -15.01
CA ASP D 50 -29.65 14.24 -13.93
C ASP D 50 -29.40 12.84 -14.46
N VAL D 51 -28.58 12.11 -13.73
CA VAL D 51 -28.19 10.75 -14.08
C VAL D 51 -28.02 9.92 -12.79
N PRO D 52 -28.31 8.61 -12.85
CA PRO D 52 -28.19 7.75 -11.65
C PRO D 52 -26.88 7.88 -10.89
N GLY D 53 -25.81 7.34 -11.48
CA GLY D 53 -24.51 7.41 -10.83
C GLY D 53 -23.48 7.99 -11.75
N ALA D 54 -22.26 8.13 -11.25
CA ALA D 54 -21.18 8.69 -12.06
C ALA D 54 -20.96 7.83 -13.31
N TYR D 55 -21.23 6.54 -13.19
CA TYR D 55 -21.03 5.65 -14.32
C TYR D 55 -21.86 6.02 -15.53
N GLU D 56 -22.94 6.76 -15.33
CA GLU D 56 -23.75 7.11 -16.48
C GLU D 56 -23.39 8.45 -17.08
N ILE D 57 -22.35 9.08 -16.56
CA ILE D 57 -21.92 10.39 -17.09
C ILE D 57 -21.25 10.30 -18.46
N PRO D 58 -20.28 9.42 -18.61
CA PRO D 58 -19.60 9.29 -19.92
C PRO D 58 -20.56 9.27 -21.10
N LEU D 59 -21.39 8.23 -21.18
CA LEU D 59 -22.32 8.10 -22.29
C LEU D 59 -23.25 9.30 -22.40
N HIS D 60 -23.78 9.77 -21.28
CA HIS D 60 -24.68 10.91 -21.32
C HIS D 60 -23.92 12.10 -21.87
N ALA D 61 -22.63 12.20 -21.50
CA ALA D 61 -21.76 13.26 -21.97
C ALA D 61 -21.61 13.15 -23.49
N LYS D 62 -21.29 11.93 -23.94
CA LYS D 62 -21.13 11.62 -25.35
C LYS D 62 -22.38 12.09 -26.08
N THR D 63 -23.50 11.41 -25.80
CA THR D 63 -24.80 11.73 -26.38
C THR D 63 -25.05 13.24 -26.50
N LEU D 64 -24.99 13.92 -25.37
CA LEU D 64 -25.21 15.36 -25.35
C LEU D 64 -24.19 16.11 -26.18
N ALA D 65 -22.91 15.81 -25.97
CA ALA D 65 -21.88 16.50 -26.72
C ALA D 65 -22.20 16.50 -28.21
N ARG D 66 -22.40 15.30 -28.74
CA ARG D 66 -22.69 15.08 -30.15
C ARG D 66 -23.86 15.87 -30.77
N THR D 67 -24.75 16.38 -29.93
CA THR D 67 -25.87 17.16 -30.45
C THR D 67 -25.32 18.50 -30.95
N GLY D 68 -24.11 18.81 -30.51
CA GLY D 68 -23.51 20.05 -30.93
C GLY D 68 -24.15 21.22 -30.22
N ARG D 69 -25.12 20.95 -29.36
CA ARG D 69 -25.76 22.03 -28.64
C ARG D 69 -24.85 22.70 -27.60
N TYR D 70 -23.88 21.97 -27.05
CA TYR D 70 -23.07 22.57 -26.02
C TYR D 70 -21.63 22.82 -26.36
N ALA D 71 -21.12 23.95 -25.85
CA ALA D 71 -19.73 24.34 -26.08
C ALA D 71 -18.82 23.73 -25.02
N ALA D 72 -19.44 23.03 -24.07
CA ALA D 72 -18.72 22.37 -23.00
C ALA D 72 -19.69 21.52 -22.18
N ILE D 73 -19.15 20.49 -21.54
CA ILE D 73 -19.95 19.60 -20.73
C ILE D 73 -19.24 19.33 -19.43
N VAL D 74 -19.99 19.45 -18.34
CA VAL D 74 -19.44 19.24 -17.01
C VAL D 74 -20.06 17.98 -16.46
N GLY D 75 -19.23 17.15 -15.82
CA GLY D 75 -19.71 15.92 -15.22
C GLY D 75 -19.46 16.07 -13.74
N ALA D 76 -20.50 15.94 -12.93
CA ALA D 76 -20.33 16.05 -11.49
C ALA D 76 -20.93 14.87 -10.76
N ALA D 77 -20.17 14.34 -9.82
CA ALA D 77 -20.59 13.21 -9.04
C ALA D 77 -19.57 13.03 -7.93
N PHE D 78 -20.05 12.57 -6.78
CA PHE D 78 -19.21 12.34 -5.62
C PHE D 78 -18.97 10.83 -5.60
N VAL D 79 -17.87 10.40 -6.19
CA VAL D 79 -17.53 8.98 -6.22
C VAL D 79 -16.59 8.70 -5.05
N ILE D 80 -17.09 8.03 -4.02
CA ILE D 80 -16.28 7.75 -2.84
C ILE D 80 -16.04 6.27 -2.60
N ASP D 81 -15.10 5.95 -1.72
CA ASP D 81 -14.85 4.54 -1.38
C ASP D 81 -16.05 4.15 -0.52
N GLY D 82 -17.06 3.55 -1.16
CA GLY D 82 -18.28 3.19 -0.46
C GLY D 82 -18.24 2.07 0.56
N GLY D 83 -17.34 2.19 1.54
CA GLY D 83 -17.22 1.20 2.59
C GLY D 83 -17.26 -0.28 2.22
N ILE D 84 -18.22 -0.67 1.39
CA ILE D 84 -18.40 -2.07 0.98
C ILE D 84 -17.62 -2.50 -0.26
N TYR D 85 -17.90 -1.90 -1.41
CA TYR D 85 -17.18 -2.29 -2.63
C TYR D 85 -16.18 -1.23 -3.07
N ARG D 86 -15.27 -1.63 -3.96
CA ARG D 86 -14.28 -0.70 -4.45
C ARG D 86 -14.96 0.29 -5.38
N HIS D 87 -14.47 1.53 -5.33
CA HIS D 87 -15.01 2.62 -6.14
C HIS D 87 -14.16 2.92 -7.37
N ASP D 88 -12.86 2.61 -7.29
CA ASP D 88 -11.92 2.88 -8.38
C ASP D 88 -12.44 2.47 -9.75
N PHE D 89 -12.57 1.17 -9.95
CA PHE D 89 -13.04 0.65 -11.23
C PHE D 89 -14.03 1.57 -11.91
N VAL D 90 -15.07 1.94 -11.17
CA VAL D 90 -16.08 2.83 -11.71
C VAL D 90 -15.50 4.20 -11.98
N ALA D 91 -14.95 4.82 -10.93
CA ALA D 91 -14.35 6.16 -11.03
C ALA D 91 -13.41 6.22 -12.22
N THR D 92 -12.47 5.30 -12.28
CA THR D 92 -11.53 5.30 -13.39
C THR D 92 -12.28 5.25 -14.69
N ALA D 93 -13.20 4.29 -14.80
CA ALA D 93 -13.97 4.13 -16.02
C ALA D 93 -14.69 5.43 -16.37
N VAL D 94 -15.01 6.22 -15.34
CA VAL D 94 -15.70 7.48 -15.54
C VAL D 94 -14.77 8.61 -15.92
N ILE D 95 -13.78 8.89 -15.08
CA ILE D 95 -12.85 9.96 -15.39
C ILE D 95 -12.20 9.67 -16.75
N ASN D 96 -11.83 8.42 -17.00
CA ASN D 96 -11.24 8.06 -18.27
C ASN D 96 -12.27 8.26 -19.36
N GLY D 97 -13.45 7.68 -19.13
CA GLY D 97 -14.53 7.74 -20.08
C GLY D 97 -14.85 9.12 -20.60
N MET D 98 -14.93 10.09 -19.69
CA MET D 98 -15.21 11.45 -20.10
C MET D 98 -14.05 11.90 -20.97
N MET D 99 -12.84 11.62 -20.50
CA MET D 99 -11.64 11.96 -21.24
C MET D 99 -11.77 11.40 -22.66
N GLN D 100 -12.29 10.18 -22.75
CA GLN D 100 -12.48 9.51 -24.03
C GLN D 100 -13.49 10.24 -24.87
N VAL D 101 -14.62 10.51 -24.24
CA VAL D 101 -15.73 11.18 -24.86
C VAL D 101 -15.40 12.57 -25.39
N GLN D 102 -14.60 13.33 -24.67
CA GLN D 102 -14.29 14.67 -25.17
C GLN D 102 -13.29 14.63 -26.33
N LEU D 103 -12.37 13.67 -26.27
CA LEU D 103 -11.37 13.51 -27.31
C LEU D 103 -12.04 13.01 -28.59
N GLU D 104 -13.17 12.33 -28.39
CA GLU D 104 -13.95 11.73 -29.46
C GLU D 104 -14.91 12.69 -30.15
N THR D 105 -15.37 13.70 -29.42
CA THR D 105 -16.34 14.64 -29.96
C THR D 105 -15.78 16.04 -30.02
N GLU D 106 -14.59 16.19 -29.46
CA GLU D 106 -13.94 17.49 -29.41
C GLU D 106 -14.83 18.51 -28.73
N VAL D 107 -15.50 18.08 -27.67
CA VAL D 107 -16.34 18.95 -26.87
C VAL D 107 -15.80 18.79 -25.45
N PRO D 108 -15.18 19.84 -24.91
CA PRO D 108 -14.64 19.77 -23.56
C PRO D 108 -15.58 19.16 -22.53
N VAL D 109 -15.06 18.22 -21.76
CA VAL D 109 -15.83 17.62 -20.70
C VAL D 109 -15.07 17.95 -19.43
N LEU D 110 -15.51 18.94 -18.67
CA LEU D 110 -14.79 19.25 -17.44
C LEU D 110 -15.27 18.27 -16.39
N SER D 111 -14.35 17.87 -15.50
CA SER D 111 -14.72 16.91 -14.49
C SER D 111 -14.86 17.45 -13.10
N VAL D 112 -16.02 17.23 -12.50
CA VAL D 112 -16.25 17.63 -11.13
C VAL D 112 -16.73 16.33 -10.51
N VAL D 113 -16.14 15.24 -11.02
CA VAL D 113 -16.39 13.88 -10.57
C VAL D 113 -15.26 13.58 -9.60
N LEU D 114 -15.37 14.14 -8.40
CA LEU D 114 -14.37 14.01 -7.33
C LEU D 114 -14.45 12.75 -6.47
N THR D 115 -13.28 12.29 -6.03
CA THR D 115 -13.20 11.10 -5.19
C THR D 115 -12.32 11.49 -4.01
N PRO D 116 -12.92 11.67 -2.84
CA PRO D 116 -12.15 12.06 -1.66
C PRO D 116 -11.33 10.89 -1.17
N HIS D 117 -10.18 11.16 -0.56
CA HIS D 117 -9.35 10.09 -0.04
C HIS D 117 -10.09 9.32 1.05
N HIS D 118 -10.81 10.04 1.90
CA HIS D 118 -11.57 9.42 2.98
C HIS D 118 -12.93 10.06 3.12
N PHE D 119 -13.93 9.25 3.41
CA PHE D 119 -15.28 9.77 3.59
C PHE D 119 -16.20 8.72 4.18
N HIS D 120 -16.55 8.92 5.44
CA HIS D 120 -17.43 8.01 6.15
C HIS D 120 -18.68 8.82 6.44
N GLU D 121 -19.78 8.46 5.77
CA GLU D 121 -21.04 9.16 5.93
C GLU D 121 -21.18 9.55 7.41
N SER D 122 -20.59 10.70 7.75
CA SER D 122 -20.59 11.23 9.10
C SER D 122 -20.84 12.73 9.05
N LYS D 123 -21.25 13.32 10.15
CA LYS D 123 -21.52 14.74 10.19
C LYS D 123 -20.31 15.52 9.68
N GLU D 124 -19.17 15.36 10.34
CA GLU D 124 -17.98 16.10 9.93
C GLU D 124 -17.70 16.02 8.43
N HIS D 125 -17.48 14.82 7.92
CA HIS D 125 -17.19 14.63 6.50
C HIS D 125 -18.22 15.27 5.60
N HIS D 126 -19.48 14.91 5.81
CA HIS D 126 -20.55 15.45 4.97
C HIS D 126 -20.42 16.97 4.85
N ASP D 127 -20.39 17.65 5.99
CA ASP D 127 -20.30 19.10 6.00
C ASP D 127 -19.03 19.67 5.39
N PHE D 128 -18.02 18.84 5.20
CA PHE D 128 -16.80 19.36 4.61
C PHE D 128 -16.99 19.45 3.12
N PHE D 129 -17.44 18.35 2.51
CA PHE D 129 -17.65 18.30 1.08
C PHE D 129 -18.86 19.09 0.67
N HIS D 130 -19.83 19.21 1.56
CA HIS D 130 -20.99 19.99 1.24
C HIS D 130 -20.45 21.39 1.05
N ALA D 131 -19.46 21.74 1.86
CA ALA D 131 -18.87 23.06 1.79
C ALA D 131 -17.84 23.14 0.68
N HIS D 132 -17.14 22.04 0.43
CA HIS D 132 -16.11 22.07 -0.57
C HIS D 132 -16.60 22.07 -2.00
N PHE D 133 -17.60 21.24 -2.29
CA PHE D 133 -18.10 21.19 -3.63
C PHE D 133 -18.46 22.57 -4.12
N LYS D 134 -18.85 23.42 -3.20
CA LYS D 134 -19.19 24.79 -3.55
C LYS D 134 -17.96 25.37 -4.24
N VAL D 135 -16.82 25.19 -3.60
CA VAL D 135 -15.55 25.68 -4.12
C VAL D 135 -15.29 25.06 -5.49
N LYS D 136 -15.36 23.73 -5.52
CA LYS D 136 -15.09 23.02 -6.75
C LYS D 136 -16.03 23.43 -7.89
N GLY D 137 -17.24 23.85 -7.53
CA GLY D 137 -18.19 24.29 -8.52
C GLY D 137 -17.79 25.64 -9.11
N VAL D 138 -17.28 26.52 -8.26
CA VAL D 138 -16.85 27.83 -8.71
C VAL D 138 -15.63 27.71 -9.61
N GLU D 139 -14.77 26.73 -9.31
CA GLU D 139 -13.57 26.54 -10.12
C GLU D 139 -13.93 25.97 -11.49
N ALA D 140 -14.82 24.98 -11.50
CA ALA D 140 -15.26 24.36 -12.73
C ALA D 140 -15.88 25.44 -13.60
N ALA D 141 -16.65 26.30 -12.96
CA ALA D 141 -17.30 27.41 -13.65
C ALA D 141 -16.23 28.19 -14.39
N HIS D 142 -15.21 28.62 -13.66
CA HIS D 142 -14.12 29.37 -14.26
C HIS D 142 -13.40 28.54 -15.33
N ALA D 143 -13.03 27.32 -14.98
CA ALA D 143 -12.36 26.46 -15.94
C ALA D 143 -13.16 26.45 -17.24
N ALA D 144 -14.45 26.13 -17.15
CA ALA D 144 -15.28 26.08 -18.36
C ALA D 144 -15.12 27.35 -19.16
N LEU D 145 -15.54 28.47 -18.58
CA LEU D 145 -15.42 29.75 -19.28
C LEU D 145 -14.08 29.91 -19.97
N GLN D 146 -13.03 29.46 -19.31
CA GLN D 146 -11.69 29.56 -19.87
C GLN D 146 -11.44 28.64 -21.06
N ILE D 147 -11.53 27.33 -20.82
CA ILE D 147 -11.27 26.38 -21.88
C ILE D 147 -12.15 26.65 -23.09
N VAL D 148 -13.39 27.06 -22.84
CA VAL D 148 -14.32 27.34 -23.93
C VAL D 148 -13.76 28.49 -24.72
N SER D 149 -13.29 29.51 -24.00
CA SER D 149 -12.71 30.66 -24.65
C SER D 149 -11.48 30.21 -25.40
N GLU D 150 -10.50 29.74 -24.66
CA GLU D 150 -9.26 29.29 -25.24
C GLU D 150 -9.45 28.54 -26.57
N ARG D 151 -10.42 27.62 -26.61
CA ARG D 151 -10.70 26.84 -27.81
C ARG D 151 -11.21 27.63 -29.01
N SER D 152 -12.09 28.59 -28.75
CA SER D 152 -12.62 29.41 -29.83
C SER D 152 -11.45 30.21 -30.40
N ARG D 153 -10.58 30.64 -29.50
CA ARG D 153 -9.41 31.41 -29.86
C ARG D 153 -8.49 30.60 -30.76
N ILE D 154 -8.64 29.29 -30.76
CA ILE D 154 -7.79 28.43 -31.57
C ILE D 154 -8.15 28.36 -33.06
N ALA D 155 -9.34 27.84 -33.38
CA ALA D 155 -9.78 27.72 -34.77
C ALA D 155 -9.49 29.01 -35.58
N ASN E 7 22.64 26.04 -42.00
CA ASN E 7 22.49 24.61 -41.65
C ASN E 7 21.46 24.47 -40.53
N LYS E 8 20.36 25.20 -40.65
CA LYS E 8 19.33 25.17 -39.61
C LYS E 8 17.92 24.93 -40.14
N THR E 9 17.22 24.02 -39.48
CA THR E 9 15.85 23.68 -39.83
C THR E 9 14.99 24.25 -38.70
N SER E 10 13.73 24.57 -38.99
CA SER E 10 12.85 25.14 -37.97
C SER E 10 11.47 24.52 -37.93
N PHE E 11 10.77 24.72 -36.81
CA PHE E 11 9.41 24.18 -36.63
C PHE E 11 8.66 24.81 -35.47
N LYS E 12 7.37 24.47 -35.33
CA LYS E 12 6.57 25.06 -34.26
C LYS E 12 6.05 24.09 -33.23
N ILE E 13 6.26 24.45 -31.97
CA ILE E 13 5.86 23.65 -30.84
C ILE E 13 4.73 24.34 -30.08
N ALA E 14 3.70 23.59 -29.74
CA ALA E 14 2.57 24.12 -28.99
C ALA E 14 2.70 23.66 -27.54
N PHE E 15 2.97 24.61 -26.66
CA PHE E 15 3.14 24.35 -25.24
C PHE E 15 1.84 24.62 -24.52
N ILE E 16 1.21 23.56 -24.03
CA ILE E 16 -0.05 23.68 -23.31
C ILE E 16 0.23 23.58 -21.81
N GLN E 17 -0.22 24.56 -21.04
CA GLN E 17 0.01 24.50 -19.60
C GLN E 17 -1.22 24.84 -18.77
N ALA E 18 -1.44 24.03 -17.73
CA ALA E 18 -2.56 24.20 -16.83
C ALA E 18 -2.33 25.40 -15.90
N ARG E 19 -3.38 26.18 -15.67
CA ARG E 19 -3.30 27.37 -14.83
C ARG E 19 -2.97 27.06 -13.37
N TRP E 20 -3.20 25.83 -12.94
CA TRP E 20 -2.90 25.45 -11.56
C TRP E 20 -1.41 25.32 -11.31
N HIS E 21 -0.96 25.91 -10.20
CA HIS E 21 0.46 25.89 -9.82
C HIS E 21 1.30 26.59 -10.86
N ALA E 22 0.71 27.56 -11.56
CA ALA E 22 1.41 28.30 -12.58
C ALA E 22 2.78 28.75 -12.11
N ASP E 23 2.87 29.20 -10.87
CA ASP E 23 4.16 29.67 -10.35
C ASP E 23 5.22 28.59 -10.58
N ILE E 24 4.81 27.34 -10.40
CA ILE E 24 5.70 26.23 -10.62
C ILE E 24 5.71 25.84 -12.10
N VAL E 25 4.53 25.61 -12.67
CA VAL E 25 4.45 25.22 -14.08
C VAL E 25 5.21 26.17 -14.97
N ASP E 26 4.92 27.46 -14.85
CA ASP E 26 5.61 28.49 -15.64
C ASP E 26 7.11 28.22 -15.73
N GLU E 27 7.68 27.75 -14.63
CA GLU E 27 9.10 27.46 -14.57
C GLU E 27 9.55 26.52 -15.66
N ALA E 28 8.72 25.54 -15.96
CA ALA E 28 9.02 24.57 -16.99
C ALA E 28 8.91 25.29 -18.32
N ARG E 29 7.80 26.00 -18.50
CA ARG E 29 7.55 26.72 -19.73
C ARG E 29 8.70 27.67 -20.05
N LYS E 30 8.95 28.59 -19.14
CA LYS E 30 10.00 29.56 -19.31
C LYS E 30 11.32 28.87 -19.64
N SER E 31 11.59 27.80 -18.90
CA SER E 31 12.81 27.01 -19.07
C SER E 31 12.83 26.29 -20.41
N PHE E 32 11.71 25.65 -20.75
CA PHE E 32 11.57 24.94 -22.01
C PHE E 32 11.90 25.93 -23.12
N VAL E 33 11.22 27.06 -23.12
CA VAL E 33 11.44 28.08 -24.12
C VAL E 33 12.88 28.57 -24.21
N ALA E 34 13.49 28.84 -23.06
CA ALA E 34 14.86 29.33 -22.98
C ALA E 34 15.87 28.42 -23.68
N GLU E 35 15.79 27.11 -23.47
CA GLU E 35 16.73 26.19 -24.09
C GLU E 35 16.57 26.19 -25.60
N LEU E 36 15.33 26.15 -26.09
CA LEU E 36 15.12 26.14 -27.52
C LEU E 36 15.63 27.44 -28.14
N ALA E 37 15.77 28.46 -27.30
CA ALA E 37 16.29 29.72 -27.80
C ALA E 37 17.79 29.53 -27.87
N ALA E 38 18.37 28.97 -26.81
CA ALA E 38 19.79 28.75 -26.80
C ALA E 38 20.20 27.79 -27.92
N LYS E 39 19.52 26.66 -28.00
CA LYS E 39 19.82 25.64 -29.00
C LYS E 39 19.34 25.87 -30.42
N THR E 40 18.23 26.59 -30.59
CA THR E 40 17.73 26.81 -31.94
C THR E 40 17.70 28.29 -32.31
N GLY E 41 17.85 29.14 -31.31
CA GLY E 41 17.84 30.57 -31.56
C GLY E 41 16.63 31.01 -32.34
N GLY E 42 15.44 30.75 -31.83
CA GLY E 42 14.25 31.17 -32.53
C GLY E 42 13.89 30.28 -33.69
N SER E 43 14.85 29.48 -34.16
CA SER E 43 14.58 28.56 -35.26
C SER E 43 13.30 27.81 -34.93
N VAL E 44 13.21 27.33 -33.68
CA VAL E 44 12.03 26.63 -33.20
C VAL E 44 11.17 27.59 -32.40
N GLU E 45 9.92 27.74 -32.82
CA GLU E 45 8.96 28.62 -32.15
C GLU E 45 8.05 27.87 -31.22
N VAL E 46 7.97 28.37 -29.99
CA VAL E 46 7.11 27.75 -29.00
C VAL E 46 5.89 28.66 -28.80
N GLU E 47 4.71 28.13 -29.08
CA GLU E 47 3.47 28.88 -28.89
C GLU E 47 2.83 28.33 -27.61
N ILE E 48 2.55 29.23 -26.68
CA ILE E 48 1.96 28.83 -25.39
C ILE E 48 0.43 28.92 -25.33
N PHE E 49 -0.21 27.88 -24.82
CA PHE E 49 -1.66 27.87 -24.69
C PHE E 49 -2.02 27.56 -23.26
N ASP E 50 -2.80 28.45 -22.67
CA ASP E 50 -3.23 28.26 -21.29
C ASP E 50 -4.50 27.46 -21.24
N VAL E 51 -4.46 26.38 -20.48
CA VAL E 51 -5.62 25.54 -20.34
C VAL E 51 -5.86 25.45 -18.82
N PRO E 52 -7.14 25.41 -18.39
CA PRO E 52 -7.45 25.34 -16.96
C PRO E 52 -6.68 24.29 -16.18
N GLY E 53 -7.15 23.04 -16.25
CA GLY E 53 -6.47 21.99 -15.51
C GLY E 53 -5.75 21.02 -16.42
N ALA E 54 -5.04 20.07 -15.82
CA ALA E 54 -4.32 19.08 -16.60
C ALA E 54 -5.33 18.28 -17.41
N TYR E 55 -6.54 18.19 -16.89
CA TYR E 55 -7.59 17.43 -17.55
C TYR E 55 -7.97 18.05 -18.86
N GLU E 56 -7.67 19.33 -19.01
CA GLU E 56 -8.02 20.03 -20.23
C GLU E 56 -6.93 20.00 -21.29
N ILE E 57 -5.90 19.20 -21.04
CA ILE E 57 -4.78 19.11 -21.98
C ILE E 57 -4.96 18.17 -23.16
N PRO E 58 -5.19 16.87 -22.89
CA PRO E 58 -5.36 15.97 -24.03
C PRO E 58 -6.15 16.55 -25.20
N LEU E 59 -7.35 17.04 -24.94
CA LEU E 59 -8.19 17.59 -26.02
C LEU E 59 -7.57 18.79 -26.71
N HIS E 60 -7.16 19.79 -25.93
CA HIS E 60 -6.53 20.97 -26.51
C HIS E 60 -5.39 20.50 -27.42
N ALA E 61 -4.55 19.62 -26.90
CA ALA E 61 -3.42 19.09 -27.66
C ALA E 61 -3.89 18.47 -28.95
N LYS E 62 -4.91 17.62 -28.89
CA LYS E 62 -5.42 16.99 -30.09
C LYS E 62 -5.92 18.08 -31.05
N THR E 63 -6.71 19.02 -30.55
CA THR E 63 -7.22 20.09 -31.39
C THR E 63 -6.06 20.82 -32.07
N LEU E 64 -5.02 21.13 -31.30
CA LEU E 64 -3.88 21.82 -31.86
C LEU E 64 -3.07 20.94 -32.81
N ALA E 65 -2.79 19.70 -32.42
CA ALA E 65 -2.02 18.80 -33.27
C ALA E 65 -2.66 18.61 -34.64
N ARG E 66 -3.97 18.62 -34.68
CA ARG E 66 -4.67 18.42 -35.93
C ARG E 66 -4.57 19.62 -36.86
N THR E 67 -4.16 20.75 -36.33
CA THR E 67 -4.01 21.93 -37.18
C THR E 67 -2.74 21.70 -37.97
N GLY E 68 -1.98 20.69 -37.56
CA GLY E 68 -0.75 20.37 -38.23
C GLY E 68 0.30 21.46 -38.20
N ARG E 69 0.03 22.58 -37.54
CA ARG E 69 1.02 23.65 -37.45
C ARG E 69 2.23 23.21 -36.63
N TYR E 70 1.97 22.31 -35.68
CA TYR E 70 3.01 21.85 -34.77
C TYR E 70 3.58 20.50 -35.05
N ALA E 71 4.89 20.42 -34.87
CA ALA E 71 5.65 19.20 -35.07
C ALA E 71 5.72 18.49 -33.74
N ALA E 72 5.27 19.19 -32.70
CA ALA E 72 5.26 18.65 -31.35
C ALA E 72 4.39 19.49 -30.41
N ILE E 73 3.61 18.79 -29.59
CA ILE E 73 2.77 19.45 -28.59
C ILE E 73 3.41 19.13 -27.25
N VAL E 74 3.37 20.08 -26.33
CA VAL E 74 3.91 19.85 -25.00
C VAL E 74 2.86 20.18 -23.97
N GLY E 75 2.56 19.20 -23.12
CA GLY E 75 1.57 19.40 -22.09
C GLY E 75 2.32 19.51 -20.77
N ALA E 76 2.24 20.68 -20.15
CA ALA E 76 2.91 20.94 -18.90
C ALA E 76 1.86 21.12 -17.83
N ALA E 77 1.95 20.36 -16.76
CA ALA E 77 1.00 20.50 -15.68
C ALA E 77 1.59 19.90 -14.44
N PHE E 78 1.22 20.45 -13.29
CA PHE E 78 1.72 19.92 -12.02
C PHE E 78 0.51 19.26 -11.39
N VAL E 79 0.35 17.96 -11.64
CA VAL E 79 -0.78 17.22 -11.08
C VAL E 79 -0.40 16.69 -9.70
N ILE E 80 -1.05 17.26 -8.70
CA ILE E 80 -0.77 16.96 -7.29
C ILE E 80 -1.86 16.20 -6.53
N ASP E 81 -1.44 15.59 -5.42
CA ASP E 81 -2.36 14.90 -4.53
C ASP E 81 -2.68 15.98 -3.50
N GLY E 82 -3.81 16.63 -3.69
CA GLY E 82 -4.23 17.72 -2.81
C GLY E 82 -4.64 17.36 -1.39
N GLY E 83 -4.45 16.12 -0.99
CA GLY E 83 -4.82 15.72 0.35
C GLY E 83 -6.31 15.57 0.53
N ILE E 84 -7.08 16.23 -0.34
CA ILE E 84 -8.53 16.15 -0.29
C ILE E 84 -9.01 15.07 -1.25
N TYR E 85 -8.88 15.31 -2.55
CA TYR E 85 -9.34 14.31 -3.51
C TYR E 85 -8.19 13.58 -4.18
N ARG E 86 -8.50 12.40 -4.73
CA ARG E 86 -7.51 11.59 -5.43
C ARG E 86 -7.21 12.20 -6.79
N HIS E 87 -5.92 12.29 -7.09
CA HIS E 87 -5.45 12.89 -8.32
C HIS E 87 -5.24 11.90 -9.45
N ASP E 88 -4.64 10.77 -9.12
CA ASP E 88 -4.34 9.71 -10.09
C ASP E 88 -5.39 9.45 -11.18
N PHE E 89 -6.66 9.45 -10.81
CA PHE E 89 -7.70 9.20 -11.80
C PHE E 89 -7.56 10.13 -12.99
N VAL E 90 -7.33 11.40 -12.70
CA VAL E 90 -7.16 12.42 -13.72
C VAL E 90 -5.79 12.32 -14.36
N ALA E 91 -4.76 12.24 -13.52
CA ALA E 91 -3.40 12.12 -14.04
C ALA E 91 -3.43 11.03 -15.09
N THR E 92 -3.89 9.85 -14.70
CA THR E 92 -3.99 8.75 -15.63
C THR E 92 -4.68 9.23 -16.90
N ALA E 93 -5.94 9.63 -16.78
CA ALA E 93 -6.69 10.10 -17.93
C ALA E 93 -5.88 11.05 -18.79
N VAL E 94 -5.08 11.91 -18.15
CA VAL E 94 -4.29 12.87 -18.90
C VAL E 94 -3.07 12.21 -19.53
N ILE E 95 -2.19 11.62 -18.73
CA ILE E 95 -1.02 11.00 -19.31
C ILE E 95 -1.45 10.04 -20.43
N ASN E 96 -2.54 9.30 -20.20
CA ASN E 96 -3.03 8.36 -21.20
C ASN E 96 -3.56 9.19 -22.34
N GLY E 97 -4.40 10.17 -21.98
CA GLY E 97 -4.99 11.04 -22.96
C GLY E 97 -4.05 11.60 -23.99
N MET E 98 -2.92 12.14 -23.54
CA MET E 98 -1.95 12.69 -24.48
C MET E 98 -1.42 11.57 -25.35
N MET E 99 -1.09 10.45 -24.72
CA MET E 99 -0.61 9.31 -25.45
C MET E 99 -1.61 9.01 -26.58
N GLN E 100 -2.89 8.89 -26.22
CA GLN E 100 -3.95 8.62 -27.19
C GLN E 100 -3.88 9.64 -28.30
N VAL E 101 -3.85 10.90 -27.92
CA VAL E 101 -3.79 11.96 -28.93
C VAL E 101 -2.64 11.78 -29.89
N GLN E 102 -1.42 11.61 -29.36
CA GLN E 102 -0.29 11.48 -30.25
C GLN E 102 -0.40 10.30 -31.19
N LEU E 103 -0.99 9.20 -30.74
CA LEU E 103 -1.11 8.05 -31.65
C LEU E 103 -2.18 8.35 -32.69
N GLU E 104 -3.16 9.18 -32.29
CA GLU E 104 -4.28 9.56 -33.14
C GLU E 104 -3.84 10.54 -34.21
N THR E 105 -3.02 11.50 -33.83
CA THR E 105 -2.55 12.53 -34.75
C THR E 105 -1.12 12.36 -35.20
N GLU E 106 -0.47 11.29 -34.76
CA GLU E 106 0.92 11.05 -35.12
C GLU E 106 1.76 12.31 -35.00
N VAL E 107 1.43 13.13 -34.00
CA VAL E 107 2.14 14.36 -33.68
C VAL E 107 2.58 14.20 -32.24
N PRO E 108 3.89 14.12 -32.01
CA PRO E 108 4.48 13.97 -30.69
C PRO E 108 3.95 14.94 -29.66
N VAL E 109 3.48 14.40 -28.56
CA VAL E 109 3.00 15.21 -27.45
C VAL E 109 3.90 14.80 -26.29
N LEU E 110 4.83 15.68 -25.92
CA LEU E 110 5.74 15.39 -24.82
C LEU E 110 5.05 15.70 -23.52
N SER E 111 5.38 14.94 -22.48
CA SER E 111 4.74 15.16 -21.20
C SER E 111 5.61 15.81 -20.14
N VAL E 112 5.16 16.98 -19.70
CA VAL E 112 5.83 17.69 -18.64
C VAL E 112 4.71 17.85 -17.62
N VAL E 113 3.80 16.89 -17.68
CA VAL E 113 2.66 16.81 -16.75
C VAL E 113 3.21 15.91 -15.67
N LEU E 114 3.80 16.50 -14.64
CA LEU E 114 4.39 15.75 -13.54
C LEU E 114 3.52 15.64 -12.29
N THR E 115 3.66 14.50 -11.62
CA THR E 115 2.94 14.19 -10.40
C THR E 115 3.99 13.78 -9.37
N PRO E 116 4.30 14.66 -8.41
CA PRO E 116 5.30 14.32 -7.41
C PRO E 116 4.75 13.26 -6.47
N HIS E 117 5.64 12.54 -5.79
CA HIS E 117 5.18 11.53 -4.85
C HIS E 117 4.53 12.24 -3.68
N HIS E 118 5.20 13.26 -3.18
CA HIS E 118 4.67 14.06 -2.09
C HIS E 118 4.81 15.53 -2.43
N PHE E 119 3.90 16.32 -1.88
CA PHE E 119 3.90 17.74 -2.11
C PHE E 119 2.81 18.40 -1.29
N HIS E 120 3.22 19.07 -0.22
CA HIS E 120 2.31 19.80 0.64
C HIS E 120 2.69 21.24 0.37
N GLU E 121 1.71 22.14 0.31
CA GLU E 121 2.03 23.53 0.06
C GLU E 121 3.06 23.89 1.13
N SER E 122 4.20 24.47 0.76
CA SER E 122 5.21 24.83 1.73
C SER E 122 6.46 25.39 1.05
N LYS E 123 7.08 26.37 1.67
CA LYS E 123 8.27 26.97 1.06
C LYS E 123 9.26 25.90 0.62
N GLU E 124 9.45 24.86 1.41
CA GLU E 124 10.41 23.83 1.04
C GLU E 124 9.99 23.10 -0.22
N HIS E 125 8.78 22.55 -0.21
CA HIS E 125 8.25 21.83 -1.37
C HIS E 125 8.18 22.73 -2.61
N HIS E 126 7.40 23.80 -2.49
CA HIS E 126 7.22 24.74 -3.57
C HIS E 126 8.56 25.09 -4.17
N ASP E 127 9.47 25.58 -3.34
CA ASP E 127 10.78 25.94 -3.83
C ASP E 127 11.41 24.82 -4.65
N PHE E 128 11.37 23.61 -4.12
CA PHE E 128 11.95 22.46 -4.80
C PHE E 128 11.44 22.26 -6.22
N PHE E 129 10.13 22.17 -6.37
CA PHE E 129 9.61 21.98 -7.70
C PHE E 129 9.74 23.24 -8.53
N HIS E 130 9.53 24.39 -7.90
CA HIS E 130 9.66 25.65 -8.60
C HIS E 130 10.99 25.61 -9.34
N ALA E 131 11.99 25.12 -8.64
CA ALA E 131 13.33 25.01 -9.18
C ALA E 131 13.47 23.80 -10.09
N HIS E 132 12.97 22.66 -9.65
CA HIS E 132 13.09 21.43 -10.42
C HIS E 132 12.38 21.48 -11.76
N PHE E 133 11.23 22.15 -11.82
CA PHE E 133 10.51 22.24 -13.08
C PHE E 133 11.39 22.92 -14.14
N LYS E 134 12.39 23.67 -13.70
CA LYS E 134 13.29 24.35 -14.61
C LYS E 134 14.12 23.28 -15.30
N VAL E 135 14.42 22.21 -14.56
CA VAL E 135 15.19 21.12 -15.15
C VAL E 135 14.27 20.44 -16.16
N LYS E 136 13.19 19.88 -15.64
CA LYS E 136 12.22 19.18 -16.45
C LYS E 136 11.80 19.95 -17.69
N GLY E 137 12.06 21.26 -17.71
CA GLY E 137 11.72 22.05 -18.88
C GLY E 137 12.78 21.93 -19.96
N VAL E 138 14.03 22.03 -19.52
CA VAL E 138 15.17 21.91 -20.41
C VAL E 138 15.11 20.54 -21.06
N GLU E 139 14.92 19.52 -20.25
CA GLU E 139 14.84 18.16 -20.77
C GLU E 139 13.80 18.11 -21.87
N ALA E 140 12.60 18.61 -21.56
CA ALA E 140 11.50 18.60 -22.51
C ALA E 140 11.95 19.17 -23.84
N ALA E 141 12.77 20.21 -23.76
CA ALA E 141 13.29 20.86 -24.95
C ALA E 141 14.08 19.83 -25.75
N HIS E 142 15.17 19.35 -25.17
CA HIS E 142 16.01 18.38 -25.82
C HIS E 142 15.18 17.20 -26.32
N ALA E 143 14.09 16.91 -25.64
CA ALA E 143 13.24 15.82 -26.07
C ALA E 143 12.41 16.30 -27.27
N ALA E 144 11.93 17.52 -27.19
CA ALA E 144 11.14 18.06 -28.29
C ALA E 144 12.00 18.00 -29.55
N LEU E 145 13.16 18.62 -29.50
CA LEU E 145 14.06 18.65 -30.63
C LEU E 145 14.39 17.25 -31.10
N GLN E 146 14.81 16.43 -30.14
CA GLN E 146 15.20 15.06 -30.41
C GLN E 146 14.16 14.26 -31.18
N ILE E 147 12.93 14.24 -30.66
CA ILE E 147 11.88 13.46 -31.31
C ILE E 147 11.38 14.09 -32.60
N VAL E 148 11.32 15.42 -32.66
CA VAL E 148 10.85 16.05 -33.88
C VAL E 148 11.81 15.74 -35.02
N SER E 149 13.11 15.85 -34.73
CA SER E 149 14.11 15.59 -35.77
C SER E 149 14.04 14.14 -36.21
N GLU E 150 13.98 13.24 -35.23
CA GLU E 150 13.91 11.81 -35.49
C GLU E 150 12.68 11.45 -36.35
N ARG E 151 11.53 12.06 -36.06
CA ARG E 151 10.34 11.76 -36.84
C ARG E 151 10.51 12.20 -38.28
N SER E 152 11.30 13.26 -38.47
CA SER E 152 11.56 13.79 -39.80
C SER E 152 12.38 12.81 -40.59
N ARG E 153 13.48 12.35 -39.99
CA ARG E 153 14.35 11.41 -40.65
C ARG E 153 13.51 10.33 -41.35
N ILE E 154 12.37 10.00 -40.75
CA ILE E 154 11.50 9.00 -41.35
C ILE E 154 10.69 9.58 -42.50
N THR F 9 22.49 28.54 34.41
CA THR F 9 21.91 28.89 33.07
C THR F 9 22.50 28.01 31.97
N SER F 10 23.54 27.26 32.31
CA SER F 10 24.23 26.40 31.35
C SER F 10 24.04 24.91 31.62
N PHE F 11 24.30 24.11 30.59
CA PHE F 11 24.20 22.66 30.66
C PHE F 11 24.77 22.08 29.39
N LYS F 12 25.03 20.76 29.39
CA LYS F 12 25.60 20.12 28.21
C LYS F 12 24.57 19.29 27.46
N ILE F 13 24.78 19.13 26.17
CA ILE F 13 23.89 18.36 25.31
C ILE F 13 24.72 17.35 24.54
N ALA F 14 24.28 16.09 24.53
CA ALA F 14 25.02 15.08 23.79
C ALA F 14 24.39 14.99 22.42
N PHE F 15 25.20 15.24 21.38
CA PHE F 15 24.74 15.18 20.01
C PHE F 15 25.31 13.94 19.37
N ILE F 16 24.47 12.92 19.23
CA ILE F 16 24.90 11.66 18.65
C ILE F 16 24.52 11.63 17.18
N GLN F 17 25.53 11.55 16.31
CA GLN F 17 25.26 11.51 14.89
C GLN F 17 25.76 10.27 14.18
N ALA F 18 24.89 9.71 13.33
CA ALA F 18 25.22 8.55 12.54
C ALA F 18 26.25 9.00 11.51
N ARG F 19 27.11 8.07 11.09
CA ARG F 19 28.13 8.40 10.13
C ARG F 19 27.58 8.37 8.70
N TRP F 20 26.45 7.71 8.51
CA TRP F 20 25.87 7.64 7.18
C TRP F 20 25.27 8.96 6.74
N HIS F 21 25.55 9.36 5.51
CA HIS F 21 25.05 10.61 4.98
C HIS F 21 25.51 11.77 5.84
N ALA F 22 26.76 11.68 6.28
CA ALA F 22 27.32 12.73 7.09
C ALA F 22 27.01 14.03 6.38
N ASP F 23 27.31 14.08 5.09
CA ASP F 23 27.09 15.28 4.31
C ASP F 23 25.77 15.96 4.59
N ILE F 24 24.76 15.16 4.89
CA ILE F 24 23.44 15.69 5.18
C ILE F 24 23.23 15.78 6.69
N VAL F 25 23.52 14.69 7.39
CA VAL F 25 23.37 14.70 8.83
C VAL F 25 24.15 15.86 9.41
N ASP F 26 25.30 16.15 8.80
CA ASP F 26 26.16 17.23 9.27
C ASP F 26 25.49 18.58 9.24
N GLU F 27 24.86 18.92 8.13
CA GLU F 27 24.21 20.19 8.00
C GLU F 27 23.31 20.47 9.19
N ALA F 28 22.76 19.41 9.79
CA ALA F 28 21.89 19.57 10.95
C ALA F 28 22.76 19.83 12.17
N ARG F 29 23.77 19.00 12.35
CA ARG F 29 24.70 19.14 13.47
C ARG F 29 25.22 20.55 13.53
N LYS F 30 25.72 21.04 12.40
CA LYS F 30 26.25 22.38 12.32
C LYS F 30 25.18 23.39 12.68
N SER F 31 24.02 23.33 12.03
CA SER F 31 22.94 24.27 12.32
C SER F 31 22.69 24.31 13.81
N PHE F 32 22.48 23.12 14.36
CA PHE F 32 22.21 22.93 15.77
C PHE F 32 23.29 23.55 16.64
N VAL F 33 24.50 23.00 16.53
CA VAL F 33 25.61 23.47 17.33
C VAL F 33 25.76 25.00 17.27
N ALA F 34 25.45 25.61 16.13
CA ALA F 34 25.59 27.05 15.99
C ALA F 34 24.40 27.76 16.57
N GLU F 35 23.21 27.46 16.05
CA GLU F 35 22.00 28.07 16.54
C GLU F 35 22.03 28.16 18.06
N LEU F 36 22.51 27.12 18.72
CA LEU F 36 22.57 27.14 20.18
C LEU F 36 23.51 28.22 20.66
N ALA F 37 24.79 28.07 20.32
CA ALA F 37 25.78 29.06 20.72
C ALA F 37 25.21 30.45 20.44
N ALA F 38 24.78 30.62 19.21
CA ALA F 38 24.23 31.88 18.77
C ALA F 38 22.87 32.20 19.41
N LYS F 39 22.69 31.81 20.67
CA LYS F 39 21.41 32.08 21.34
C LYS F 39 21.53 31.77 22.83
N THR F 40 22.73 31.42 23.24
CA THR F 40 23.05 31.11 24.62
C THR F 40 24.50 31.48 24.79
N GLY F 41 25.01 32.19 23.78
CA GLY F 41 26.39 32.64 23.77
C GLY F 41 27.39 31.66 24.34
N GLY F 42 27.53 30.51 23.70
CA GLY F 42 28.48 29.52 24.16
C GLY F 42 28.23 28.95 25.56
N SER F 43 27.20 29.45 26.24
CA SER F 43 26.89 28.95 27.58
C SER F 43 26.68 27.43 27.52
N VAL F 44 25.80 27.02 26.60
CA VAL F 44 25.46 25.62 26.36
C VAL F 44 26.46 24.95 25.42
N GLU F 45 27.12 23.90 25.91
CA GLU F 45 28.10 23.16 25.12
C GLU F 45 27.40 22.00 24.47
N VAL F 46 27.77 21.72 23.23
CA VAL F 46 27.19 20.62 22.50
C VAL F 46 28.34 19.69 22.17
N GLU F 47 28.29 18.49 22.74
CA GLU F 47 29.32 17.49 22.51
C GLU F 47 28.90 16.52 21.42
N ILE F 48 29.75 16.34 20.43
CA ILE F 48 29.41 15.46 19.33
C ILE F 48 30.00 14.05 19.47
N PHE F 49 29.14 13.05 19.30
CA PHE F 49 29.56 11.66 19.38
C PHE F 49 29.22 10.98 18.09
N ASP F 50 30.26 10.57 17.37
CA ASP F 50 30.04 9.88 16.12
C ASP F 50 29.71 8.45 16.49
N VAL F 51 28.87 7.84 15.67
CA VAL F 51 28.45 6.47 15.86
C VAL F 51 28.20 5.99 14.43
N PRO F 52 28.39 4.70 14.15
CA PRO F 52 28.18 4.18 12.79
C PRO F 52 26.87 4.52 12.07
N GLY F 53 25.77 3.94 12.51
CA GLY F 53 24.49 4.20 11.86
C GLY F 53 23.43 4.53 12.91
N ALA F 54 22.23 4.87 12.47
CA ALA F 54 21.16 5.20 13.40
C ALA F 54 21.02 4.10 14.45
N TYR F 55 21.00 2.86 13.99
CA TYR F 55 20.85 1.72 14.87
C TYR F 55 21.72 1.83 16.09
N GLU F 56 22.90 2.41 15.92
CA GLU F 56 23.82 2.54 17.04
C GLU F 56 23.57 3.76 17.93
N ILE F 57 22.47 4.48 17.70
CA ILE F 57 22.15 5.65 18.50
C ILE F 57 21.54 5.37 19.87
N PRO F 58 20.39 4.67 19.91
CA PRO F 58 19.78 4.40 21.21
C PRO F 58 20.76 4.08 22.34
N LEU F 59 21.46 2.95 22.23
CA LEU F 59 22.42 2.55 23.26
C LEU F 59 23.36 3.67 23.61
N HIS F 60 23.90 4.32 22.58
CA HIS F 60 24.84 5.41 22.81
C HIS F 60 24.18 6.48 23.65
N ALA F 61 22.94 6.82 23.32
CA ALA F 61 22.22 7.84 24.08
C ALA F 61 22.05 7.35 25.52
N LYS F 62 21.65 6.10 25.69
CA LYS F 62 21.47 5.57 27.04
C LYS F 62 22.76 5.74 27.82
N THR F 63 23.85 5.19 27.28
CA THR F 63 25.15 5.30 27.95
C THR F 63 25.47 6.73 28.35
N LEU F 64 25.41 7.63 27.38
CA LEU F 64 25.68 9.03 27.60
C LEU F 64 24.75 9.63 28.65
N ALA F 65 23.45 9.46 28.44
CA ALA F 65 22.46 10.02 29.36
C ALA F 65 22.74 9.59 30.79
N ARG F 66 23.02 8.31 30.96
CA ARG F 66 23.28 7.79 32.29
C ARG F 66 24.44 8.46 33.01
N THR F 67 25.34 9.09 32.27
CA THR F 67 26.46 9.77 32.92
C THR F 67 25.92 10.98 33.67
N GLY F 68 24.70 11.40 33.35
CA GLY F 68 24.10 12.54 34.02
C GLY F 68 24.81 13.87 33.79
N ARG F 69 25.59 13.95 32.72
CA ARG F 69 26.32 15.18 32.39
C ARG F 69 25.53 16.00 31.41
N TYR F 70 24.60 15.36 30.73
CA TYR F 70 23.84 16.07 29.72
C TYR F 70 22.42 16.32 30.12
N ALA F 71 21.96 17.53 29.81
CA ALA F 71 20.60 17.96 30.12
C ALA F 71 19.67 17.33 29.10
N ALA F 72 20.25 16.91 27.98
CA ALA F 72 19.48 16.30 26.91
C ALA F 72 20.41 15.71 25.86
N ILE F 73 19.85 14.79 25.09
CA ILE F 73 20.58 14.12 24.02
C ILE F 73 19.83 14.33 22.72
N VAL F 74 20.57 14.32 21.63
CA VAL F 74 19.98 14.51 20.31
C VAL F 74 20.54 13.46 19.39
N GLY F 75 19.65 12.65 18.83
CA GLY F 75 20.09 11.63 17.91
C GLY F 75 19.91 12.22 16.54
N ALA F 76 20.95 12.17 15.72
CA ALA F 76 20.83 12.73 14.39
C ALA F 76 21.31 11.72 13.37
N ALA F 77 20.43 11.40 12.44
CA ALA F 77 20.76 10.47 11.38
C ALA F 77 19.77 10.65 10.24
N PHE F 78 20.18 10.17 9.08
CA PHE F 78 19.35 10.23 7.90
C PHE F 78 19.10 8.76 7.56
N VAL F 79 17.96 8.26 8.02
CA VAL F 79 17.62 6.87 7.76
C VAL F 79 16.77 6.82 6.51
N ILE F 80 17.46 6.56 5.42
CA ILE F 80 16.92 6.46 4.08
C ILE F 80 16.53 5.04 3.74
N ASP F 81 15.68 4.89 2.72
CA ASP F 81 15.32 3.57 2.23
C ASP F 81 16.33 3.34 1.10
N GLY F 82 17.39 2.60 1.39
CA GLY F 82 18.44 2.33 0.42
C GLY F 82 17.98 1.76 -0.92
N GLY F 83 16.76 1.27 -0.96
CA GLY F 83 16.25 0.71 -2.20
C GLY F 83 16.62 -0.76 -2.30
N ILE F 84 17.53 -1.20 -1.45
CA ILE F 84 17.93 -2.60 -1.45
C ILE F 84 17.22 -3.32 -0.31
N TYR F 85 17.47 -2.86 0.93
CA TYR F 85 16.84 -3.47 2.09
C TYR F 85 15.95 -2.45 2.80
N ARG F 86 14.95 -2.95 3.53
CA ARG F 86 14.03 -2.10 4.27
C ARG F 86 14.60 -1.36 5.47
N HIS F 87 14.50 -0.04 5.41
CA HIS F 87 15.01 0.86 6.43
C HIS F 87 14.07 0.95 7.63
N ASP F 88 12.77 0.89 7.39
CA ASP F 88 11.79 1.03 8.46
C ASP F 88 12.03 0.24 9.72
N PHE F 89 12.39 -1.04 9.61
CA PHE F 89 12.63 -1.83 10.81
C PHE F 89 13.62 -1.14 11.75
N VAL F 90 14.76 -0.75 11.20
CA VAL F 90 15.77 -0.08 12.02
C VAL F 90 15.19 1.24 12.48
N ALA F 91 14.64 1.98 11.52
CA ALA F 91 14.04 3.29 11.81
C ALA F 91 13.11 3.18 13.02
N THR F 92 12.21 2.22 12.97
CA THR F 92 11.29 2.03 14.07
C THR F 92 12.03 1.77 15.36
N ALA F 93 12.89 0.76 15.33
CA ALA F 93 13.67 0.37 16.51
C ALA F 93 14.44 1.53 17.08
N VAL F 94 14.84 2.46 16.21
CA VAL F 94 15.62 3.60 16.65
C VAL F 94 14.76 4.70 17.24
N ILE F 95 13.74 5.15 16.53
CA ILE F 95 12.90 6.21 17.08
C ILE F 95 12.31 5.70 18.38
N ASN F 96 11.95 4.43 18.40
CA ASN F 96 11.40 3.84 19.62
C ASN F 96 12.50 3.70 20.63
N GLY F 97 13.68 3.31 20.16
CA GLY F 97 14.82 3.15 21.05
C GLY F 97 15.13 4.40 21.86
N MET F 98 15.28 5.53 21.17
CA MET F 98 15.57 6.79 21.84
C MET F 98 14.45 7.10 22.80
N MET F 99 13.22 6.84 22.38
CA MET F 99 12.08 7.09 23.24
C MET F 99 12.21 6.24 24.50
N GLN F 100 12.68 5.02 24.32
CA GLN F 100 12.87 4.09 25.41
C GLN F 100 13.94 4.59 26.37
N VAL F 101 15.09 4.96 25.81
CA VAL F 101 16.22 5.44 26.57
C VAL F 101 15.89 6.71 27.32
N GLN F 102 15.17 7.63 26.68
CA GLN F 102 14.85 8.87 27.36
C GLN F 102 13.89 8.66 28.53
N LEU F 103 13.02 7.67 28.41
CA LEU F 103 12.09 7.39 29.49
C LEU F 103 12.82 6.70 30.62
N GLU F 104 13.76 5.82 30.28
CA GLU F 104 14.54 5.11 31.30
C GLU F 104 15.33 6.12 32.11
N THR F 105 16.17 6.86 31.39
CA THR F 105 17.04 7.85 31.98
C THR F 105 16.38 9.16 32.38
N GLU F 106 15.12 9.34 32.01
CA GLU F 106 14.44 10.59 32.32
C GLU F 106 15.30 11.77 31.86
N VAL F 107 15.97 11.57 30.72
CA VAL F 107 16.81 12.61 30.12
C VAL F 107 16.26 12.77 28.69
N PRO F 108 15.88 14.00 28.31
CA PRO F 108 15.35 14.19 26.97
C PRO F 108 16.27 13.63 25.90
N VAL F 109 15.69 13.16 24.82
CA VAL F 109 16.45 12.65 23.70
C VAL F 109 15.71 13.09 22.46
N LEU F 110 16.05 14.28 21.98
CA LEU F 110 15.42 14.84 20.80
C LEU F 110 15.81 14.02 19.59
N SER F 111 14.88 13.86 18.67
CA SER F 111 15.17 13.07 17.48
C SER F 111 15.33 13.83 16.18
N VAL F 112 16.53 13.75 15.61
CA VAL F 112 16.75 14.35 14.30
C VAL F 112 17.18 13.16 13.46
N VAL F 113 16.53 12.03 13.73
CA VAL F 113 16.74 10.75 13.04
C VAL F 113 15.65 10.71 12.00
N LEU F 114 15.77 11.57 10.98
CA LEU F 114 14.76 11.66 9.94
C LEU F 114 14.78 10.59 8.87
N THR F 115 13.59 10.30 8.37
CA THR F 115 13.38 9.32 7.32
C THR F 115 12.52 9.99 6.25
N PRO F 116 13.14 10.32 5.10
CA PRO F 116 12.40 10.98 4.02
C PRO F 116 11.51 10.00 3.29
N HIS F 117 10.43 10.51 2.69
CA HIS F 117 9.53 9.66 1.95
C HIS F 117 10.30 9.09 0.76
N HIS F 118 11.19 9.90 0.21
CA HIS F 118 11.97 9.43 -0.91
C HIS F 118 13.37 9.99 -0.87
N PHE F 119 14.30 9.21 -1.38
CA PHE F 119 15.66 9.66 -1.44
C PHE F 119 16.52 8.72 -2.26
N HIS F 120 16.80 9.15 -3.47
CA HIS F 120 17.63 8.40 -4.38
C HIS F 120 18.85 9.28 -4.49
N GLU F 121 20.02 8.69 -4.39
CA GLU F 121 21.21 9.51 -4.49
C GLU F 121 21.16 10.26 -5.81
N SER F 122 20.61 11.47 -5.77
CA SER F 122 20.47 12.34 -6.93
C SER F 122 20.86 13.74 -6.49
N LYS F 123 21.23 14.59 -7.44
CA LYS F 123 21.62 15.94 -7.08
C LYS F 123 20.48 16.63 -6.37
N GLU F 124 19.33 16.71 -7.05
CA GLU F 124 18.14 17.34 -6.50
C GLU F 124 17.84 16.92 -5.08
N HIS F 125 17.83 15.61 -4.85
CA HIS F 125 17.55 15.06 -3.52
C HIS F 125 18.56 15.47 -2.47
N HIS F 126 19.81 15.10 -2.71
CA HIS F 126 20.90 15.39 -1.79
C HIS F 126 20.92 16.87 -1.39
N ASP F 127 20.76 17.75 -2.38
CA ASP F 127 20.77 19.17 -2.10
C ASP F 127 19.60 19.56 -1.21
N PHE F 128 18.41 19.15 -1.59
CA PHE F 128 17.22 19.45 -0.84
C PHE F 128 17.35 19.09 0.64
N PHE F 129 17.89 17.92 0.93
CA PHE F 129 18.03 17.54 2.33
C PHE F 129 19.24 18.17 2.97
N HIS F 130 20.27 18.38 2.17
CA HIS F 130 21.48 19.02 2.69
C HIS F 130 21.05 20.38 3.20
N ALA F 131 20.12 20.99 2.47
CA ALA F 131 19.62 22.30 2.83
C ALA F 131 18.62 22.21 3.97
N HIS F 132 17.79 21.17 3.96
CA HIS F 132 16.77 21.02 4.96
C HIS F 132 17.30 20.66 6.34
N PHE F 133 18.15 19.65 6.42
CA PHE F 133 18.68 19.26 7.72
C PHE F 133 19.21 20.48 8.45
N LYS F 134 19.59 21.49 7.68
CA LYS F 134 20.09 22.71 8.26
C LYS F 134 18.94 23.27 9.08
N VAL F 135 17.79 23.34 8.44
CA VAL F 135 16.60 23.83 9.10
C VAL F 135 16.24 22.93 10.25
N LYS F 136 16.05 21.65 9.95
CA LYS F 136 15.68 20.71 10.99
C LYS F 136 16.61 20.79 12.19
N GLY F 137 17.88 21.09 11.92
CA GLY F 137 18.86 21.21 12.99
C GLY F 137 18.60 22.41 13.89
N VAL F 138 18.12 23.50 13.31
CA VAL F 138 17.81 24.69 14.08
C VAL F 138 16.62 24.42 14.99
N GLU F 139 15.62 23.76 14.43
CA GLU F 139 14.43 23.42 15.19
C GLU F 139 14.83 22.58 16.39
N ALA F 140 15.60 21.53 16.13
CA ALA F 140 16.06 20.64 17.18
C ALA F 140 16.77 21.46 18.23
N ALA F 141 17.54 22.45 17.78
CA ALA F 141 18.28 23.32 18.68
C ALA F 141 17.33 24.02 19.64
N HIS F 142 16.24 24.58 19.10
CA HIS F 142 15.26 25.28 19.92
C HIS F 142 14.54 24.27 20.81
N ALA F 143 14.10 23.16 20.21
CA ALA F 143 13.40 22.12 20.94
C ALA F 143 14.20 21.70 22.16
N ALA F 144 15.51 21.69 22.00
CA ALA F 144 16.42 21.32 23.07
C ALA F 144 16.32 22.33 24.19
N LEU F 145 16.65 23.58 23.88
CA LEU F 145 16.60 24.65 24.87
C LEU F 145 15.23 24.64 25.53
N GLN F 146 14.21 24.41 24.73
CA GLN F 146 12.84 24.35 25.20
C GLN F 146 12.68 23.26 26.26
N ILE F 147 12.64 22.01 25.80
CA ILE F 147 12.45 20.88 26.68
C ILE F 147 13.37 20.89 27.90
N VAL F 148 14.63 21.26 27.72
CA VAL F 148 15.53 21.30 28.85
C VAL F 148 14.99 22.30 29.87
N SER F 149 14.89 23.54 29.43
CA SER F 149 14.39 24.62 30.28
C SER F 149 13.07 24.23 30.90
N GLU F 150 12.19 23.65 30.09
CA GLU F 150 10.86 23.25 30.53
C GLU F 150 10.91 22.20 31.63
N ARG F 151 11.70 21.15 31.43
CA ARG F 151 11.81 20.13 32.45
C ARG F 151 12.34 20.78 33.71
N SER F 152 13.17 21.79 33.52
CA SER F 152 13.74 22.51 34.66
C SER F 152 12.67 23.25 35.46
N ARG F 153 11.74 23.87 34.74
CA ARG F 153 10.65 24.62 35.34
C ARG F 153 9.78 23.69 36.16
N ILE F 154 9.38 22.59 35.53
CA ILE F 154 8.55 21.60 36.17
C ILE F 154 9.21 21.04 37.43
N ALA F 155 10.53 20.99 37.40
CA ALA F 155 11.28 20.49 38.55
C ALA F 155 11.00 21.40 39.75
N ALA F 156 11.30 22.68 39.60
CA ALA F 156 11.09 23.68 40.67
C ALA F 156 9.60 23.93 40.88
N THR G 9 -14.38 15.52 43.27
CA THR G 9 -13.49 16.28 44.20
C THR G 9 -12.39 17.04 43.44
N SER G 10 -11.52 17.74 44.16
CA SER G 10 -10.45 18.51 43.56
C SER G 10 -9.21 17.72 43.20
N PHE G 11 -9.06 17.43 41.91
CA PHE G 11 -7.89 16.71 41.43
C PHE G 11 -7.30 17.52 40.27
N LYS G 12 -6.05 17.25 39.92
CA LYS G 12 -5.42 18.00 38.85
C LYS G 12 -5.07 17.17 37.62
N ILE G 13 -5.02 17.84 36.47
CA ILE G 13 -4.68 17.20 35.22
C ILE G 13 -3.51 17.92 34.58
N ALA G 14 -2.54 17.15 34.10
CA ALA G 14 -1.38 17.73 33.44
C ALA G 14 -1.68 17.66 31.94
N PHE G 15 -1.83 18.81 31.32
CA PHE G 15 -2.11 18.86 29.90
C PHE G 15 -0.86 19.26 29.17
N ILE G 16 -0.21 18.27 28.57
CA ILE G 16 1.02 18.49 27.83
C ILE G 16 0.71 18.67 26.36
N GLN G 17 1.21 19.73 25.77
CA GLN G 17 0.96 19.97 24.36
C GLN G 17 2.17 20.48 23.63
N ALA G 18 2.34 20.01 22.40
CA ALA G 18 3.44 20.41 21.55
C ALA G 18 3.12 21.78 20.96
N ARG G 19 4.17 22.45 20.49
CA ARG G 19 3.99 23.77 19.92
C ARG G 19 3.49 23.63 18.51
N TRP G 20 4.14 22.76 17.75
CA TRP G 20 3.77 22.52 16.36
C TRP G 20 2.26 22.48 16.15
N HIS G 21 1.79 23.32 15.23
CA HIS G 21 0.38 23.41 14.91
C HIS G 21 -0.47 23.90 16.07
N ALA G 22 0.11 24.76 16.91
CA ALA G 22 -0.60 25.30 18.06
C ALA G 22 -1.98 25.83 17.68
N ASP G 23 -2.03 26.59 16.60
CA ASP G 23 -3.27 27.17 16.15
C ASP G 23 -4.40 26.14 16.22
N ILE G 24 -4.07 24.89 15.91
CA ILE G 24 -5.04 23.80 15.92
C ILE G 24 -5.07 23.10 17.28
N VAL G 25 -3.89 22.65 17.71
CA VAL G 25 -3.73 21.97 18.98
C VAL G 25 -4.35 22.77 20.11
N ASP G 26 -4.13 24.08 20.08
CA ASP G 26 -4.66 24.97 21.11
C ASP G 26 -6.16 24.86 21.26
N GLU G 27 -6.88 24.81 20.14
CA GLU G 27 -8.34 24.70 20.18
C GLU G 27 -8.71 23.54 21.09
N ALA G 28 -8.00 22.43 20.95
CA ALA G 28 -8.26 21.28 21.80
C ALA G 28 -7.97 21.66 23.24
N ARG G 29 -6.83 22.30 23.48
CA ARG G 29 -6.47 22.73 24.83
C ARG G 29 -7.57 23.61 25.43
N LYS G 30 -7.97 24.61 24.67
CA LYS G 30 -9.03 25.53 25.09
C LYS G 30 -10.34 24.79 25.30
N SER G 31 -10.72 23.94 24.36
CA SER G 31 -11.95 23.17 24.47
C SER G 31 -11.89 22.31 25.71
N PHE G 32 -10.73 21.70 25.90
CA PHE G 32 -10.52 20.82 27.04
C PHE G 32 -10.69 21.58 28.34
N VAL G 33 -9.88 22.62 28.55
CA VAL G 33 -9.97 23.39 29.78
C VAL G 33 -11.34 23.98 30.03
N ALA G 34 -11.88 24.65 29.01
CA ALA G 34 -13.20 25.28 29.11
C ALA G 34 -14.25 24.28 29.49
N GLU G 35 -14.55 23.38 28.57
CA GLU G 35 -15.55 22.37 28.80
C GLU G 35 -15.27 21.58 30.10
N LEU G 36 -14.00 21.39 30.45
CA LEU G 36 -13.67 20.67 31.67
C LEU G 36 -14.15 21.49 32.85
N ALA G 37 -13.92 22.80 32.78
CA ALA G 37 -14.38 23.68 33.85
C ALA G 37 -15.90 23.54 33.91
N ALA G 38 -16.56 23.89 32.81
CA ALA G 38 -18.00 23.82 32.71
C ALA G 38 -18.66 22.60 33.38
N LYS G 39 -17.92 21.51 33.49
CA LYS G 39 -18.46 20.29 34.11
C LYS G 39 -17.98 20.20 35.57
N THR G 40 -17.00 21.01 35.92
CA THR G 40 -16.42 21.00 37.25
C THR G 40 -16.33 22.38 37.89
N GLY G 41 -16.77 23.39 37.16
CA GLY G 41 -16.74 24.75 37.68
C GLY G 41 -15.48 25.07 38.45
N GLY G 42 -14.33 24.65 37.93
CA GLY G 42 -13.07 24.92 38.60
C GLY G 42 -12.64 23.89 39.62
N SER G 43 -13.46 22.87 39.81
CA SER G 43 -13.12 21.81 40.76
C SER G 43 -11.85 21.11 40.28
N VAL G 44 -11.87 20.72 39.01
CA VAL G 44 -10.73 20.05 38.39
C VAL G 44 -9.77 21.12 37.86
N GLU G 45 -8.54 21.08 38.36
CA GLU G 45 -7.53 22.03 37.97
C GLU G 45 -6.74 21.49 36.78
N VAL G 46 -6.67 22.24 35.70
CA VAL G 46 -5.91 21.81 34.53
C VAL G 46 -4.61 22.59 34.42
N GLU G 47 -3.49 21.89 34.60
CA GLU G 47 -2.17 22.52 34.50
C GLU G 47 -1.61 22.24 33.10
N ILE G 48 -1.33 23.30 32.36
CA ILE G 48 -0.81 23.14 31.01
C ILE G 48 0.72 23.18 30.95
N PHE G 49 1.29 22.34 30.08
CA PHE G 49 2.74 22.26 29.92
C PHE G 49 3.09 22.26 28.46
N ASP G 50 4.06 23.10 28.11
CA ASP G 50 4.45 23.18 26.73
C ASP G 50 5.68 22.36 26.46
N VAL G 51 5.68 21.70 25.31
CA VAL G 51 6.78 20.85 24.92
C VAL G 51 7.03 21.06 23.44
N PRO G 52 8.30 21.06 23.00
CA PRO G 52 8.54 21.26 21.56
C PRO G 52 7.57 20.49 20.68
N GLY G 53 7.79 19.18 20.57
CA GLY G 53 6.92 18.39 19.74
C GLY G 53 6.35 17.17 20.44
N ALA G 54 5.52 16.42 19.71
CA ALA G 54 4.90 15.23 20.27
C ALA G 54 5.94 14.31 20.88
N TYR G 55 7.09 14.20 20.22
CA TYR G 55 8.14 13.31 20.72
C TYR G 55 8.61 13.59 22.13
N GLU G 56 8.37 14.78 22.63
CA GLU G 56 8.80 15.07 23.98
C GLU G 56 7.64 14.92 24.97
N ILE G 57 6.50 14.48 24.49
CA ILE G 57 5.35 14.32 25.38
C ILE G 57 5.42 13.16 26.36
N PRO G 58 5.73 11.95 25.89
CA PRO G 58 5.81 10.81 26.81
C PRO G 58 6.64 11.10 28.04
N LEU G 59 7.89 11.49 27.85
CA LEU G 59 8.78 11.76 28.97
C LEU G 59 8.23 12.79 29.96
N HIS G 60 7.76 13.92 29.46
CA HIS G 60 7.20 14.97 30.31
C HIS G 60 6.06 14.36 31.11
N ALA G 61 5.19 13.66 30.40
CA ALA G 61 4.06 13.00 31.02
C ALA G 61 4.55 12.07 32.12
N LYS G 62 5.63 11.36 31.85
CA LYS G 62 6.18 10.44 32.83
C LYS G 62 6.62 11.24 34.04
N THR G 63 7.57 12.14 33.84
CA THR G 63 8.08 12.94 34.93
C THR G 63 6.94 13.57 35.72
N LEU G 64 5.98 14.17 35.02
CA LEU G 64 4.85 14.79 35.71
C LEU G 64 3.96 13.81 36.47
N ALA G 65 3.72 12.65 35.88
CA ALA G 65 2.90 11.65 36.54
C ALA G 65 3.57 11.23 37.83
N ARG G 66 4.86 10.94 37.73
CA ARG G 66 5.62 10.50 38.88
C ARG G 66 5.53 11.43 40.08
N THR G 67 5.29 12.71 39.84
CA THR G 67 5.19 13.65 40.97
C THR G 67 3.98 13.30 41.81
N GLY G 68 3.07 12.53 41.22
CA GLY G 68 1.86 12.12 41.90
C GLY G 68 0.85 13.26 42.05
N ARG G 69 1.20 14.43 41.54
CA ARG G 69 0.33 15.60 41.64
C ARG G 69 -0.90 15.58 40.73
N TYR G 70 -0.92 14.72 39.71
CA TYR G 70 -2.04 14.72 38.80
C TYR G 70 -2.81 13.41 38.76
N ALA G 71 -4.13 13.51 38.59
CA ALA G 71 -5.00 12.35 38.55
C ALA G 71 -5.07 11.80 37.14
N ALA G 72 -4.55 12.59 36.20
CA ALA G 72 -4.56 12.19 34.81
C ALA G 72 -3.65 13.12 34.04
N ILE G 73 -3.21 12.65 32.87
CA ILE G 73 -2.34 13.45 32.02
C ILE G 73 -2.88 13.42 30.62
N VAL G 74 -2.79 14.55 29.92
CA VAL G 74 -3.28 14.60 28.56
C VAL G 74 -2.16 15.02 27.61
N GLY G 75 -2.05 14.28 26.49
CA GLY G 75 -1.03 14.58 25.50
C GLY G 75 -1.71 15.21 24.30
N ALA G 76 -1.30 16.41 23.94
CA ALA G 76 -1.91 17.07 22.82
C ALA G 76 -0.87 17.49 21.81
N ALA G 77 -1.07 17.06 20.57
CA ALA G 77 -0.17 17.35 19.47
C ALA G 77 -0.84 16.91 18.19
N PHE G 78 -0.44 17.51 17.08
CA PHE G 78 -0.99 17.17 15.77
C PHE G 78 0.19 16.55 15.03
N VAL G 79 0.26 15.23 14.99
CA VAL G 79 1.36 14.59 14.30
C VAL G 79 0.94 14.31 12.86
N ILE G 80 1.40 15.20 12.00
CA ILE G 80 1.11 15.20 10.59
C ILE G 80 2.21 14.59 9.73
N ASP G 81 1.85 14.18 8.52
CA ASP G 81 2.79 13.64 7.56
C ASP G 81 3.30 14.89 6.83
N GLY G 82 4.34 15.51 7.38
CA GLY G 82 4.92 16.72 6.80
C GLY G 82 5.07 16.74 5.30
N GLY G 83 5.03 15.55 4.69
CA GLY G 83 5.15 15.45 3.25
C GLY G 83 6.59 15.21 2.85
N ILE G 84 7.51 15.56 3.74
CA ILE G 84 8.92 15.39 3.50
C ILE G 84 9.38 14.12 4.20
N TYR G 85 9.32 14.11 5.53
CA TYR G 85 9.74 12.93 6.27
C TYR G 85 8.55 12.15 6.79
N ARG G 86 8.79 10.88 7.09
CA ARG G 86 7.75 10.01 7.62
C ARG G 86 7.54 10.32 9.09
N HIS G 87 6.29 10.59 9.44
CA HIS G 87 5.86 10.95 10.78
C HIS G 87 5.52 9.75 11.68
N ASP G 88 4.90 8.73 11.09
CA ASP G 88 4.47 7.54 11.81
C ASP G 88 5.45 6.98 12.84
N PHE G 89 6.73 6.95 12.49
CA PHE G 89 7.73 6.46 13.43
C PHE G 89 7.53 7.17 14.76
N VAL G 90 7.63 8.50 14.75
CA VAL G 90 7.41 9.27 15.95
C VAL G 90 6.00 9.02 16.46
N ALA G 91 5.03 9.34 15.61
CA ALA G 91 3.62 9.14 15.94
C ALA G 91 3.50 7.88 16.79
N THR G 92 4.08 6.79 16.29
CA THR G 92 4.05 5.53 17.01
C THR G 92 4.76 5.68 18.35
N ALA G 93 6.07 5.85 18.30
CA ALA G 93 6.89 5.99 19.48
C ALA G 93 6.19 6.78 20.56
N VAL G 94 5.49 7.84 20.15
CA VAL G 94 4.79 8.70 21.09
C VAL G 94 3.50 8.10 21.66
N ILE G 95 2.67 7.54 20.80
CA ILE G 95 1.42 6.95 21.27
C ILE G 95 1.79 5.80 22.18
N ASN G 96 2.83 5.07 21.80
CA ASN G 96 3.26 3.93 22.59
C ASN G 96 3.92 4.42 23.87
N GLY G 97 4.56 5.59 23.78
CA GLY G 97 5.21 6.16 24.94
C GLY G 97 4.20 6.45 26.02
N MET G 98 3.25 7.30 25.72
CA MET G 98 2.22 7.64 26.68
C MET G 98 1.66 6.35 27.23
N MET G 99 1.37 5.41 26.34
CA MET G 99 0.83 4.13 26.76
C MET G 99 1.77 3.54 27.81
N GLN G 100 3.03 3.40 27.44
CA GLN G 100 4.04 2.86 28.34
C GLN G 100 4.03 3.60 29.68
N VAL G 101 4.18 4.91 29.60
CA VAL G 101 4.20 5.76 30.77
C VAL G 101 3.00 5.57 31.66
N GLN G 102 1.80 5.54 31.10
CA GLN G 102 0.62 5.35 31.93
C GLN G 102 0.60 3.97 32.57
N LEU G 103 1.18 2.98 31.91
CA LEU G 103 1.21 1.64 32.48
C LEU G 103 2.24 1.62 33.57
N GLU G 104 3.35 2.29 33.32
CA GLU G 104 4.44 2.32 34.27
C GLU G 104 4.16 3.15 35.54
N THR G 105 3.27 4.13 35.45
CA THR G 105 2.99 4.99 36.60
C THR G 105 1.57 4.89 37.10
N GLU G 106 0.76 4.09 36.42
CA GLU G 106 -0.64 3.93 36.78
C GLU G 106 -1.32 5.28 37.00
N VAL G 107 -1.04 6.20 36.08
CA VAL G 107 -1.61 7.54 36.06
C VAL G 107 -2.17 7.65 34.66
N PRO G 108 -3.50 7.70 34.53
CA PRO G 108 -4.11 7.80 33.20
C PRO G 108 -3.44 8.84 32.34
N VAL G 109 -3.15 8.47 31.10
CA VAL G 109 -2.56 9.42 30.15
C VAL G 109 -3.38 9.28 28.88
N LEU G 110 -4.36 10.17 28.73
CA LEU G 110 -5.23 10.14 27.56
C LEU G 110 -4.49 10.73 26.37
N SER G 111 -4.83 10.28 25.18
CA SER G 111 -4.17 10.79 23.99
C SER G 111 -5.04 11.67 23.12
N VAL G 112 -4.54 12.89 22.91
CA VAL G 112 -5.18 13.85 22.04
C VAL G 112 -3.96 14.24 21.21
N VAL G 113 -3.22 13.20 20.83
CA VAL G 113 -2.04 13.31 19.99
C VAL G 113 -2.57 12.68 18.72
N LEU G 114 -3.24 13.52 17.95
CA LEU G 114 -3.87 13.09 16.73
C LEU G 114 -3.05 13.19 15.47
N THR G 115 -3.13 12.12 14.68
CA THR G 115 -2.43 12.04 13.40
C THR G 115 -3.53 11.75 12.40
N PRO G 116 -3.95 12.76 11.65
CA PRO G 116 -5.00 12.60 10.65
C PRO G 116 -4.46 11.88 9.43
N HIS G 117 -5.35 11.27 8.65
CA HIS G 117 -4.92 10.59 7.45
C HIS G 117 -4.23 11.59 6.53
N HIS G 118 -5.00 12.53 6.00
CA HIS G 118 -4.46 13.55 5.11
C HIS G 118 -4.54 14.94 5.71
N PHE G 119 -3.54 15.76 5.42
CA PHE G 119 -3.50 17.13 5.91
C PHE G 119 -2.38 17.91 5.27
N HIS G 120 -2.63 18.50 4.10
CA HIS G 120 -1.59 19.26 3.45
C HIS G 120 -1.82 20.72 3.77
N GLU G 121 -0.98 21.27 4.62
CA GLU G 121 -1.09 22.66 5.08
C GLU G 121 -1.74 23.59 4.06
N SER G 122 -3.04 23.79 4.25
CA SER G 122 -3.85 24.66 3.39
C SER G 122 -5.00 25.16 4.26
N LYS G 123 -5.72 26.16 3.80
CA LYS G 123 -6.83 26.68 4.59
C LYS G 123 -7.88 25.59 4.72
N GLU G 124 -8.11 24.86 3.64
CA GLU G 124 -9.07 23.77 3.60
C GLU G 124 -8.99 22.95 4.88
N HIS G 125 -7.89 22.22 4.98
CA HIS G 125 -7.60 21.36 6.11
C HIS G 125 -7.51 22.12 7.42
N HIS G 126 -6.62 23.12 7.46
CA HIS G 126 -6.40 23.91 8.65
C HIS G 126 -7.71 24.24 9.39
N ASP G 127 -8.66 24.82 8.67
CA ASP G 127 -9.94 25.20 9.25
C ASP G 127 -10.67 24.00 9.82
N PHE G 128 -10.71 22.91 9.05
CA PHE G 128 -11.39 21.70 9.48
C PHE G 128 -10.82 21.16 10.78
N PHE G 129 -9.50 21.12 10.88
CA PHE G 129 -8.87 20.60 12.09
C PHE G 129 -8.81 21.63 13.20
N HIS G 130 -8.65 22.90 12.83
CA HIS G 130 -8.65 23.94 13.84
C HIS G 130 -10.00 23.85 14.54
N ALA G 131 -11.02 23.48 13.77
CA ALA G 131 -12.38 23.35 14.28
C ALA G 131 -12.63 22.01 14.95
N HIS G 132 -12.24 20.94 14.29
CA HIS G 132 -12.47 19.61 14.83
C HIS G 132 -11.72 19.35 16.11
N PHE G 133 -10.55 19.97 16.28
CA PHE G 133 -9.80 19.77 17.50
C PHE G 133 -10.61 20.28 18.68
N LYS G 134 -11.53 21.19 18.41
CA LYS G 134 -12.37 21.72 19.47
C LYS G 134 -13.21 20.55 19.98
N VAL G 135 -13.61 19.67 19.08
CA VAL G 135 -14.40 18.51 19.46
C VAL G 135 -13.53 17.55 20.25
N LYS G 136 -12.40 17.19 19.66
CA LYS G 136 -11.50 16.26 20.31
C LYS G 136 -11.08 16.79 21.69
N GLY G 137 -11.15 18.09 21.88
CA GLY G 137 -10.80 18.66 23.17
C GLY G 137 -11.91 18.45 24.18
N VAL G 138 -13.15 18.58 23.72
CA VAL G 138 -14.32 18.38 24.57
C VAL G 138 -14.38 16.94 24.99
N GLU G 139 -14.20 16.05 24.02
CA GLU G 139 -14.24 14.63 24.28
C GLU G 139 -13.16 14.27 25.27
N ALA G 140 -11.98 14.84 25.07
CA ALA G 140 -10.85 14.57 25.94
C ALA G 140 -11.19 14.92 27.38
N ALA G 141 -11.99 15.98 27.55
CA ALA G 141 -12.40 16.39 28.88
C ALA G 141 -13.25 15.28 29.48
N HIS G 142 -14.32 14.90 28.80
CA HIS G 142 -15.21 13.84 29.27
C HIS G 142 -14.37 12.60 29.57
N ALA G 143 -13.54 12.22 28.61
CA ALA G 143 -12.71 11.04 28.77
C ALA G 143 -11.88 11.13 30.05
N ALA G 144 -11.48 12.35 30.39
CA ALA G 144 -10.68 12.54 31.59
C ALA G 144 -11.51 12.39 32.85
N LEU G 145 -12.63 13.12 32.91
CA LEU G 145 -13.51 13.05 34.07
C LEU G 145 -13.99 11.63 34.27
N GLN G 146 -14.21 10.94 33.16
CA GLN G 146 -14.68 9.56 33.20
C GLN G 146 -13.69 8.59 33.79
N ILE G 147 -12.49 8.56 33.20
CA ILE G 147 -11.45 7.65 33.64
C ILE G 147 -10.99 7.94 35.05
N VAL G 148 -10.70 9.21 35.35
CA VAL G 148 -10.26 9.58 36.69
C VAL G 148 -11.29 9.16 37.73
N SER G 149 -12.57 9.20 37.35
CA SER G 149 -13.64 8.83 38.24
C SER G 149 -13.70 7.31 38.36
N GLU G 150 -14.00 6.65 37.24
CA GLU G 150 -14.08 5.20 37.19
C GLU G 150 -12.87 4.55 37.88
N ARG G 151 -11.71 5.19 37.80
CA ARG G 151 -10.54 4.64 38.45
C ARG G 151 -10.71 4.71 39.95
N SER G 152 -10.93 5.91 40.45
CA SER G 152 -11.12 6.09 41.90
C SER G 152 -12.28 5.26 42.41
N ARG G 153 -13.12 4.80 41.50
CA ARG G 153 -14.25 3.97 41.88
C ARG G 153 -13.62 2.66 42.37
N ILE G 154 -12.70 2.14 41.56
CA ILE G 154 -12.00 0.89 41.88
C ILE G 154 -11.23 0.97 43.20
N ALA G 155 -10.99 2.19 43.68
CA ALA G 155 -10.29 2.38 44.93
C ALA G 155 -11.05 1.74 46.10
N ALA G 156 -12.31 2.10 46.25
CA ALA G 156 -13.15 1.57 47.32
C ALA G 156 -12.91 0.07 47.58
N SER H 10 -15.21 -17.93 44.92
CA SER H 10 -15.21 -18.39 43.49
C SER H 10 -14.31 -17.45 42.68
N PHE H 11 -14.40 -17.54 41.35
CA PHE H 11 -13.58 -16.69 40.51
C PHE H 11 -14.40 -15.72 39.68
N LYS H 12 -13.87 -14.52 39.50
CA LYS H 12 -14.55 -13.52 38.71
C LYS H 12 -13.66 -12.94 37.62
N ILE H 13 -14.30 -12.50 36.54
CA ILE H 13 -13.61 -11.93 35.39
C ILE H 13 -13.95 -10.45 35.24
N ALA H 14 -12.97 -9.67 34.79
CA ALA H 14 -13.17 -8.24 34.59
C ALA H 14 -13.34 -7.93 33.12
N PHE H 15 -14.46 -7.29 32.79
CA PHE H 15 -14.78 -6.91 31.42
C PHE H 15 -14.62 -5.41 31.26
N ILE H 16 -13.50 -4.98 30.68
CA ILE H 16 -13.24 -3.57 30.46
C ILE H 16 -13.73 -3.18 29.08
N GLN H 17 -14.86 -2.50 29.02
CA GLN H 17 -15.41 -2.11 27.74
C GLN H 17 -15.29 -0.62 27.47
N ALA H 18 -14.74 -0.28 26.31
CA ALA H 18 -14.61 1.11 25.90
C ALA H 18 -16.04 1.54 25.57
N ARG H 19 -16.34 2.82 25.78
CA ARG H 19 -17.69 3.29 25.51
C ARG H 19 -18.01 3.50 24.03
N TRP H 20 -17.06 4.03 23.26
CA TRP H 20 -17.29 4.27 21.84
C TRP H 20 -17.88 3.06 21.14
N HIS H 21 -18.91 3.30 20.34
CA HIS H 21 -19.60 2.24 19.61
C HIS H 21 -20.25 1.26 20.56
N ALA H 22 -20.64 1.77 21.72
CA ALA H 22 -21.28 0.96 22.73
C ALA H 22 -22.29 0.02 22.09
N ASP H 23 -23.17 0.57 21.26
CA ASP H 23 -24.17 -0.28 20.65
C ASP H 23 -23.59 -1.59 20.15
N ILE H 24 -22.48 -1.51 19.44
CA ILE H 24 -21.85 -2.71 18.89
C ILE H 24 -21.07 -3.49 19.94
N VAL H 25 -20.29 -2.80 20.77
CA VAL H 25 -19.51 -3.48 21.77
C VAL H 25 -20.40 -4.27 22.74
N ASP H 26 -21.51 -3.67 23.14
CA ASP H 26 -22.45 -4.27 24.08
C ASP H 26 -22.78 -5.72 23.70
N GLU H 27 -23.17 -5.94 22.45
CA GLU H 27 -23.50 -7.29 22.01
C GLU H 27 -22.41 -8.24 22.46
N ALA H 28 -21.15 -7.85 22.23
CA ALA H 28 -20.02 -8.68 22.63
C ALA H 28 -20.07 -8.87 24.14
N ARG H 29 -20.31 -7.80 24.86
CA ARG H 29 -20.39 -7.88 26.30
C ARG H 29 -21.54 -8.80 26.68
N LYS H 30 -22.76 -8.36 26.41
CA LYS H 30 -23.92 -9.16 26.74
C LYS H 30 -23.68 -10.61 26.35
N SER H 31 -23.32 -10.84 25.10
CA SER H 31 -23.08 -12.20 24.61
C SER H 31 -22.03 -12.93 25.48
N PHE H 32 -20.97 -12.21 25.82
CA PHE H 32 -19.88 -12.74 26.65
C PHE H 32 -20.47 -13.21 27.97
N VAL H 33 -21.16 -12.30 28.66
CA VAL H 33 -21.78 -12.60 29.92
C VAL H 33 -22.76 -13.75 29.77
N ALA H 34 -23.56 -13.72 28.72
CA ALA H 34 -24.55 -14.78 28.48
C ALA H 34 -23.86 -16.12 28.45
N GLU H 35 -22.98 -16.31 27.47
CA GLU H 35 -22.25 -17.57 27.32
C GLU H 35 -21.49 -17.97 28.58
N LEU H 36 -20.82 -17.01 29.19
CA LEU H 36 -20.02 -17.27 30.39
C LEU H 36 -20.86 -17.84 31.53
N ALA H 37 -22.00 -17.22 31.80
CA ALA H 37 -22.86 -17.71 32.87
C ALA H 37 -23.34 -19.11 32.47
N ALA H 38 -23.66 -19.28 31.19
CA ALA H 38 -24.14 -20.55 30.68
C ALA H 38 -23.17 -21.69 30.90
N LYS H 39 -22.00 -21.60 30.28
CA LYS H 39 -21.00 -22.66 30.41
C LYS H 39 -20.55 -22.90 31.84
N THR H 40 -20.93 -22.01 32.75
CA THR H 40 -20.52 -22.15 34.14
C THR H 40 -21.65 -21.80 35.10
N GLY H 41 -22.81 -22.43 34.89
CA GLY H 41 -23.98 -22.20 35.74
C GLY H 41 -24.00 -21.04 36.73
N GLY H 42 -23.68 -19.84 36.26
CA GLY H 42 -23.69 -18.68 37.14
C GLY H 42 -22.62 -18.73 38.22
N SER H 43 -21.60 -19.54 37.98
CA SER H 43 -20.51 -19.68 38.92
C SER H 43 -19.44 -18.62 38.72
N VAL H 44 -19.46 -17.98 37.56
CA VAL H 44 -18.49 -16.94 37.22
C VAL H 44 -19.08 -15.54 37.33
N GLU H 45 -18.38 -14.64 38.03
CA GLU H 45 -18.85 -13.27 38.16
C GLU H 45 -18.13 -12.38 37.17
N VAL H 46 -18.88 -11.84 36.21
CA VAL H 46 -18.29 -10.93 35.23
C VAL H 46 -18.50 -9.50 35.71
N GLU H 47 -17.42 -8.84 36.11
CA GLU H 47 -17.48 -7.46 36.59
C GLU H 47 -17.28 -6.50 35.42
N ILE H 48 -18.32 -5.77 35.06
CA ILE H 48 -18.19 -4.82 33.96
C ILE H 48 -17.55 -3.51 34.37
N PHE H 49 -16.52 -3.09 33.65
CA PHE H 49 -15.89 -1.82 33.94
C PHE H 49 -15.98 -0.95 32.70
N ASP H 50 -16.67 0.18 32.81
CA ASP H 50 -16.80 1.08 31.70
C ASP H 50 -15.57 1.94 31.67
N VAL H 51 -15.13 2.28 30.47
CA VAL H 51 -13.94 3.07 30.30
C VAL H 51 -14.03 3.86 28.97
N PRO H 52 -13.68 5.15 28.98
CA PRO H 52 -13.72 6.03 27.81
C PRO H 52 -13.45 5.37 26.44
N GLY H 53 -12.18 5.22 26.09
CA GLY H 53 -11.82 4.61 24.82
C GLY H 53 -10.83 3.46 24.97
N ALA H 54 -10.60 2.72 23.88
CA ALA H 54 -9.69 1.57 23.93
C ALA H 54 -8.37 1.93 24.62
N TYR H 55 -7.84 3.10 24.29
CA TYR H 55 -6.58 3.51 24.90
C TYR H 55 -6.59 3.35 26.43
N GLU H 56 -7.73 3.61 27.05
CA GLU H 56 -7.84 3.50 28.51
C GLU H 56 -8.00 2.07 29.00
N ILE H 57 -8.12 1.12 28.07
CA ILE H 57 -8.30 -0.28 28.47
C ILE H 57 -7.07 -0.94 29.09
N PRO H 58 -5.89 -0.82 28.45
CA PRO H 58 -4.72 -1.47 29.03
C PRO H 58 -4.44 -1.14 30.50
N LEU H 59 -4.31 0.15 30.82
CA LEU H 59 -4.00 0.53 32.20
C LEU H 59 -5.00 -0.01 33.19
N HIS H 60 -6.28 0.07 32.83
CA HIS H 60 -7.33 -0.41 33.70
C HIS H 60 -7.09 -1.91 33.89
N ALA H 61 -7.04 -2.63 32.78
CA ALA H 61 -6.83 -4.07 32.83
C ALA H 61 -5.67 -4.35 33.77
N LYS H 62 -4.74 -3.41 33.88
CA LYS H 62 -3.62 -3.62 34.78
C LYS H 62 -4.05 -3.36 36.22
N THR H 63 -4.45 -2.13 36.50
CA THR H 63 -4.88 -1.76 37.84
C THR H 63 -5.77 -2.84 38.45
N LEU H 64 -6.62 -3.45 37.62
CA LEU H 64 -7.49 -4.50 38.12
C LEU H 64 -6.69 -5.79 38.29
N ALA H 65 -6.05 -6.24 37.22
CA ALA H 65 -5.26 -7.45 37.27
C ALA H 65 -4.42 -7.53 38.55
N ARG H 66 -3.88 -6.38 38.98
CA ARG H 66 -3.04 -6.33 40.18
C ARG H 66 -3.81 -6.58 41.48
N THR H 67 -5.10 -6.28 41.48
CA THR H 67 -5.90 -6.47 42.67
C THR H 67 -5.88 -7.93 43.08
N GLY H 68 -5.77 -8.83 42.10
CA GLY H 68 -5.76 -10.25 42.39
C GLY H 68 -7.17 -10.80 42.25
N ARG H 69 -8.14 -9.92 42.42
CA ARG H 69 -9.54 -10.30 42.31
C ARG H 69 -9.94 -11.05 41.02
N TYR H 70 -9.34 -10.71 39.88
CA TYR H 70 -9.78 -11.35 38.64
C TYR H 70 -8.91 -12.45 38.05
N ALA H 71 -9.58 -13.51 37.60
CA ALA H 71 -8.94 -14.65 37.00
C ALA H 71 -8.54 -14.37 35.57
N ALA H 72 -9.24 -13.45 34.94
CA ALA H 72 -8.95 -13.06 33.58
C ALA H 72 -9.64 -11.74 33.31
N ILE H 73 -9.07 -10.96 32.40
CA ILE H 73 -9.64 -9.67 32.08
C ILE H 73 -9.92 -9.64 30.61
N VAL H 74 -10.95 -8.91 30.22
CA VAL H 74 -11.29 -8.83 28.82
C VAL H 74 -11.42 -7.38 28.37
N GLY H 75 -10.61 -7.00 27.41
CA GLY H 75 -10.68 -5.65 26.87
C GLY H 75 -11.71 -5.77 25.76
N ALA H 76 -12.62 -4.82 25.68
CA ALA H 76 -13.63 -4.87 24.64
C ALA H 76 -13.79 -3.48 24.07
N ALA H 77 -13.66 -3.36 22.76
CA ALA H 77 -13.79 -2.07 22.09
C ALA H 77 -13.87 -2.25 20.59
N PHE H 78 -14.31 -1.21 19.89
CA PHE H 78 -14.43 -1.25 18.43
C PHE H 78 -13.48 -0.14 17.97
N VAL H 79 -12.25 -0.50 17.63
CA VAL H 79 -11.25 0.46 17.16
C VAL H 79 -11.34 0.59 15.65
N ILE H 80 -12.04 1.62 15.20
CA ILE H 80 -12.28 1.87 13.78
C ILE H 80 -11.45 2.96 13.16
N ASP H 81 -11.33 2.90 11.84
CA ASP H 81 -10.62 3.91 11.09
C ASP H 81 -11.72 4.98 10.89
N GLY H 82 -11.77 5.95 11.80
CA GLY H 82 -12.78 6.99 11.72
C GLY H 82 -12.89 7.74 10.42
N GLY H 83 -11.81 7.74 9.64
CA GLY H 83 -11.84 8.44 8.37
C GLY H 83 -11.26 9.82 8.49
N ILE H 84 -10.98 10.23 9.74
CA ILE H 84 -10.41 11.54 10.00
C ILE H 84 -8.96 11.39 10.48
N TYR H 85 -8.75 10.61 11.54
CA TYR H 85 -7.39 10.40 12.03
C TYR H 85 -7.10 8.92 12.01
N ARG H 86 -5.82 8.56 12.10
CA ARG H 86 -5.45 7.16 12.09
C ARG H 86 -5.82 6.50 13.41
N HIS H 87 -6.25 5.25 13.30
CA HIS H 87 -6.67 4.45 14.43
C HIS H 87 -5.56 3.51 14.86
N ASP H 88 -4.97 2.85 13.85
CA ASP H 88 -3.90 1.89 14.03
C ASP H 88 -2.90 2.21 15.12
N PHE H 89 -2.58 3.49 15.28
CA PHE H 89 -1.65 3.88 16.31
C PHE H 89 -2.20 3.48 17.66
N VAL H 90 -3.40 3.95 17.98
CA VAL H 90 -4.01 3.59 19.25
C VAL H 90 -4.25 2.08 19.29
N ALA H 91 -4.88 1.56 18.25
CA ALA H 91 -5.16 0.13 18.18
C ALA H 91 -3.92 -0.66 18.62
N THR H 92 -2.80 -0.43 17.93
CA THR H 92 -1.57 -1.12 18.27
C THR H 92 -1.19 -0.91 19.74
N ALA H 93 -1.06 0.34 20.15
CA ALA H 93 -0.71 0.65 21.53
C ALA H 93 -1.58 -0.12 22.54
N VAL H 94 -2.85 -0.29 22.19
CA VAL H 94 -3.77 -1.00 23.05
C VAL H 94 -3.56 -2.51 22.98
N ILE H 95 -3.73 -3.08 21.80
CA ILE H 95 -3.54 -4.51 21.64
C ILE H 95 -2.18 -4.93 22.21
N ASN H 96 -1.19 -4.06 22.12
CA ASN H 96 0.14 -4.36 22.66
C ASN H 96 0.04 -4.24 24.17
N GLY H 97 -0.59 -3.15 24.58
CA GLY H 97 -0.76 -2.84 26.00
C GLY H 97 -1.32 -3.97 26.81
N MET H 98 -2.46 -4.50 26.39
CA MET H 98 -3.07 -5.60 27.13
C MET H 98 -2.06 -6.71 27.17
N MET H 99 -1.54 -7.08 26.01
CA MET H 99 -0.54 -8.13 25.90
C MET H 99 0.56 -7.94 26.94
N GLN H 100 1.01 -6.69 27.10
CA GLN H 100 2.06 -6.35 28.05
C GLN H 100 1.58 -6.51 29.48
N VAL H 101 0.48 -5.84 29.79
CA VAL H 101 -0.10 -5.87 31.12
C VAL H 101 -0.34 -7.29 31.60
N GLN H 102 -0.61 -8.20 30.66
CA GLN H 102 -0.87 -9.58 31.03
C GLN H 102 0.42 -10.34 31.30
N LEU H 103 1.52 -9.93 30.67
CA LEU H 103 2.78 -10.60 30.91
C LEU H 103 3.31 -10.11 32.25
N GLU H 104 2.95 -8.89 32.60
CA GLU H 104 3.36 -8.28 33.85
C GLU H 104 2.64 -8.93 35.01
N THR H 105 1.33 -8.88 34.93
CA THR H 105 0.46 -9.42 35.96
C THR H 105 0.27 -10.92 35.90
N GLU H 106 0.66 -11.54 34.79
CA GLU H 106 0.47 -12.97 34.67
C GLU H 106 -1.01 -13.28 34.92
N VAL H 107 -1.86 -12.43 34.37
CA VAL H 107 -3.31 -12.55 34.47
C VAL H 107 -3.82 -12.53 33.05
N PRO H 108 -4.49 -13.58 32.60
CA PRO H 108 -4.96 -13.53 31.22
C PRO H 108 -5.77 -12.27 30.99
N VAL H 109 -5.56 -11.68 29.82
CA VAL H 109 -6.27 -10.50 29.38
C VAL H 109 -6.62 -10.86 27.96
N LEU H 110 -7.90 -11.09 27.70
CA LEU H 110 -8.31 -11.44 26.37
C LEU H 110 -8.70 -10.20 25.60
N SER H 111 -8.51 -10.25 24.29
CA SER H 111 -8.82 -9.09 23.47
C SER H 111 -10.08 -9.21 22.67
N VAL H 112 -10.97 -8.26 22.91
CA VAL H 112 -12.22 -8.17 22.18
C VAL H 112 -12.20 -6.71 21.74
N VAL H 113 -10.96 -6.27 21.52
CA VAL H 113 -10.65 -4.94 21.04
C VAL H 113 -10.44 -5.21 19.55
N LEU H 114 -11.51 -5.12 18.77
CA LEU H 114 -11.46 -5.39 17.34
C LEU H 114 -11.38 -4.18 16.42
N THR H 115 -10.59 -4.34 15.36
CA THR H 115 -10.40 -3.28 14.37
C THR H 115 -10.82 -3.89 13.03
N PRO H 116 -12.03 -3.58 12.59
CA PRO H 116 -12.56 -4.09 11.32
C PRO H 116 -11.80 -3.59 10.12
N HIS H 117 -11.68 -4.43 9.09
CA HIS H 117 -10.98 -4.04 7.89
C HIS H 117 -11.65 -2.80 7.35
N HIS H 118 -12.99 -2.85 7.28
CA HIS H 118 -13.76 -1.72 6.80
C HIS H 118 -14.98 -1.48 7.64
N PHE H 119 -15.24 -0.22 7.93
CA PHE H 119 -16.39 0.16 8.72
C PHE H 119 -16.68 1.63 8.59
N HIS H 120 -17.61 1.95 7.71
CA HIS H 120 -18.02 3.32 7.48
C HIS H 120 -19.41 3.41 8.06
N GLU H 121 -19.59 4.28 9.04
CA GLU H 121 -20.87 4.43 9.71
C GLU H 121 -22.10 4.43 8.80
N SER H 122 -22.47 3.24 8.35
CA SER H 122 -23.62 3.03 7.49
C SER H 122 -24.53 2.10 8.24
N LYS H 123 -25.70 1.80 7.69
CA LYS H 123 -26.60 0.90 8.37
C LYS H 123 -26.11 -0.53 8.19
N GLU H 124 -25.66 -0.85 6.98
CA GLU H 124 -25.18 -2.19 6.66
C GLU H 124 -24.03 -2.62 7.55
N HIS H 125 -23.02 -1.76 7.65
CA HIS H 125 -21.85 -2.04 8.48
C HIS H 125 -22.28 -2.18 9.93
N HIS H 126 -22.86 -1.11 10.48
CA HIS H 126 -23.31 -1.11 11.85
C HIS H 126 -24.13 -2.37 12.14
N ASP H 127 -25.02 -2.70 11.23
CA ASP H 127 -25.86 -3.88 11.39
C ASP H 127 -25.03 -5.15 11.44
N PHE H 128 -24.14 -5.32 10.46
CA PHE H 128 -23.29 -6.51 10.42
C PHE H 128 -22.58 -6.73 11.74
N PHE H 129 -21.79 -5.76 12.13
CA PHE H 129 -21.02 -5.82 13.36
C PHE H 129 -21.82 -5.92 14.64
N HIS H 130 -23.00 -5.31 14.66
CA HIS H 130 -23.84 -5.40 15.84
C HIS H 130 -24.04 -6.90 16.07
N ALA H 131 -24.21 -7.62 14.98
CA ALA H 131 -24.42 -9.06 15.03
C ALA H 131 -23.15 -9.81 15.39
N HIS H 132 -22.12 -9.58 14.60
CA HIS H 132 -20.85 -10.25 14.80
C HIS H 132 -20.27 -10.13 16.20
N PHE H 133 -20.39 -8.97 16.83
CA PHE H 133 -19.86 -8.85 18.17
C PHE H 133 -20.46 -9.85 19.15
N LYS H 134 -21.65 -10.37 18.85
CA LYS H 134 -22.27 -11.37 19.73
C LYS H 134 -21.46 -12.63 19.51
N VAL H 135 -21.28 -12.98 18.24
CA VAL H 135 -20.50 -14.17 17.91
C VAL H 135 -19.14 -14.08 18.58
N LYS H 136 -18.62 -12.86 18.70
CA LYS H 136 -17.32 -12.65 19.32
C LYS H 136 -17.37 -12.80 20.82
N GLY H 137 -18.40 -12.22 21.44
CA GLY H 137 -18.55 -12.32 22.88
C GLY H 137 -18.53 -13.78 23.29
N VAL H 138 -19.17 -14.61 22.48
CA VAL H 138 -19.22 -16.04 22.73
C VAL H 138 -17.80 -16.58 22.75
N GLU H 139 -17.07 -16.35 21.67
CA GLU H 139 -15.70 -16.81 21.54
C GLU H 139 -14.85 -16.27 22.68
N ALA H 140 -15.16 -15.06 23.13
CA ALA H 140 -14.41 -14.45 24.24
C ALA H 140 -14.65 -15.27 25.51
N ALA H 141 -15.89 -15.68 25.72
CA ALA H 141 -16.24 -16.47 26.90
C ALA H 141 -15.53 -17.82 26.82
N HIS H 142 -15.64 -18.48 25.68
CA HIS H 142 -15.02 -19.77 25.50
C HIS H 142 -13.52 -19.70 25.74
N ALA H 143 -12.90 -18.61 25.32
CA ALA H 143 -11.46 -18.46 25.51
C ALA H 143 -11.15 -18.23 26.98
N ALA H 144 -11.87 -17.28 27.58
CA ALA H 144 -11.67 -16.95 28.98
C ALA H 144 -11.67 -18.24 29.80
N LEU H 145 -12.74 -19.01 29.66
CA LEU H 145 -12.86 -20.25 30.38
C LEU H 145 -11.68 -21.16 30.05
N GLN H 146 -11.50 -21.42 28.78
CA GLN H 146 -10.43 -22.29 28.32
C GLN H 146 -9.07 -21.94 28.88
N ILE H 147 -8.72 -20.66 28.80
CA ILE H 147 -7.40 -20.25 29.29
C ILE H 147 -7.36 -20.19 30.81
N VAL H 148 -8.42 -19.70 31.44
CA VAL H 148 -8.43 -19.63 32.89
C VAL H 148 -8.24 -21.04 33.41
N SER H 149 -8.89 -21.96 32.71
CA SER H 149 -8.81 -23.36 33.03
C SER H 149 -7.38 -23.83 32.82
N GLU H 150 -6.94 -23.80 31.57
CA GLU H 150 -5.61 -24.21 31.20
C GLU H 150 -4.53 -23.70 32.14
N ARG H 151 -4.62 -22.45 32.57
CA ARG H 151 -3.61 -21.91 33.47
C ARG H 151 -3.61 -22.64 34.80
N SER H 152 -4.80 -22.87 35.35
CA SER H 152 -4.87 -23.57 36.61
C SER H 152 -4.50 -25.03 36.38
N ARG H 153 -4.75 -25.54 35.17
CA ARG H 153 -4.41 -26.93 34.87
C ARG H 153 -2.91 -27.11 35.07
N ILE H 154 -2.17 -26.00 35.04
CA ILE H 154 -0.73 -26.04 35.24
C ILE H 154 -0.42 -25.85 36.73
N ALA H 155 -0.06 -24.63 37.10
CA ALA H 155 0.29 -24.30 38.49
C ALA H 155 -0.41 -25.20 39.50
N THR I 9 20.62 -36.04 32.24
CA THR I 9 19.19 -36.31 32.56
C THR I 9 18.31 -36.12 31.32
N SER I 10 17.03 -35.83 31.52
CA SER I 10 16.06 -35.65 30.42
C SER I 10 15.53 -34.22 30.24
N PHE I 11 15.05 -33.93 29.03
CA PHE I 11 14.53 -32.61 28.73
C PHE I 11 13.19 -32.57 28.02
N LYS I 12 12.43 -31.53 28.33
CA LYS I 12 11.11 -31.34 27.77
C LYS I 12 11.01 -30.05 26.96
N ILE I 13 10.06 -30.03 26.03
CA ILE I 13 9.80 -28.87 25.20
C ILE I 13 8.32 -28.53 25.36
N ALA I 14 8.05 -27.25 25.59
CA ALA I 14 6.67 -26.79 25.76
C ALA I 14 6.11 -26.33 24.41
N PHE I 15 5.12 -27.08 23.93
CA PHE I 15 4.50 -26.79 22.65
C PHE I 15 3.12 -26.19 22.90
N ILE I 16 3.02 -24.87 22.83
CA ILE I 16 1.76 -24.20 23.06
C ILE I 16 1.00 -23.98 21.74
N GLN I 17 0.02 -24.85 21.49
CA GLN I 17 -0.75 -24.75 20.27
C GLN I 17 -2.14 -24.13 20.47
N ALA I 18 -2.45 -23.13 19.64
CA ALA I 18 -3.72 -22.43 19.71
C ALA I 18 -4.81 -23.28 19.10
N ARG I 19 -5.98 -23.20 19.70
CA ARG I 19 -7.17 -23.95 19.28
C ARG I 19 -7.61 -23.70 17.84
N TRP I 20 -7.57 -22.46 17.41
CA TRP I 20 -7.98 -22.12 16.05
C TRP I 20 -7.19 -22.81 14.94
N HIS I 21 -7.90 -23.24 13.91
CA HIS I 21 -7.30 -23.91 12.78
C HIS I 21 -6.54 -25.17 13.13
N ALA I 22 -7.12 -25.98 14.02
CA ALA I 22 -6.50 -27.22 14.45
C ALA I 22 -6.09 -28.10 13.28
N ASP I 23 -7.02 -28.33 12.37
CA ASP I 23 -6.77 -29.17 11.21
C ASP I 23 -5.38 -28.89 10.65
N ILE I 24 -5.01 -27.62 10.61
CA ILE I 24 -3.71 -27.24 10.06
C ILE I 24 -2.60 -27.20 11.11
N VAL I 25 -2.80 -26.39 12.14
CA VAL I 25 -1.76 -26.28 13.15
C VAL I 25 -1.34 -27.65 13.67
N ASP I 26 -2.30 -28.55 13.85
CA ASP I 26 -2.04 -29.91 14.32
C ASP I 26 -0.93 -30.61 13.55
N GLU I 27 -0.87 -30.37 12.24
CA GLU I 27 0.13 -31.00 11.39
C GLU I 27 1.51 -30.56 11.83
N ALA I 28 1.66 -29.27 12.11
CA ALA I 28 2.93 -28.74 12.56
C ALA I 28 3.33 -29.46 13.83
N ARG I 29 2.37 -29.60 14.74
CA ARG I 29 2.60 -30.26 16.01
C ARG I 29 2.95 -31.75 15.86
N LYS I 30 2.09 -32.47 15.15
CA LYS I 30 2.32 -33.90 14.97
C LYS I 30 3.69 -34.14 14.39
N SER I 31 4.04 -33.42 13.33
CA SER I 31 5.36 -33.61 12.70
C SER I 31 6.48 -33.01 13.55
N PHE I 32 6.13 -32.01 14.36
CA PHE I 32 7.12 -31.40 15.24
C PHE I 32 7.54 -32.47 16.22
N VAL I 33 6.54 -33.08 16.85
CA VAL I 33 6.80 -34.14 17.81
C VAL I 33 7.45 -35.32 17.13
N ALA I 34 6.98 -35.62 15.92
CA ALA I 34 7.52 -36.73 15.15
C ALA I 34 9.04 -36.58 14.95
N GLU I 35 9.45 -35.44 14.42
CA GLU I 35 10.87 -35.21 14.19
C GLU I 35 11.71 -35.25 15.47
N LEU I 36 11.35 -34.44 16.46
CA LEU I 36 12.13 -34.46 17.69
C LEU I 36 12.24 -35.88 18.19
N ALA I 37 11.10 -36.59 18.17
CA ALA I 37 11.07 -37.98 18.60
C ALA I 37 12.19 -38.74 17.91
N ALA I 38 12.30 -38.57 16.60
CA ALA I 38 13.35 -39.23 15.86
C ALA I 38 14.70 -38.70 16.30
N LYS I 39 14.99 -37.46 15.93
CA LYS I 39 16.25 -36.81 16.25
C LYS I 39 16.76 -36.91 17.68
N THR I 40 15.94 -37.36 18.62
CA THR I 40 16.45 -37.45 19.99
C THR I 40 16.24 -38.81 20.62
N GLY I 41 16.11 -39.83 19.79
CA GLY I 41 15.91 -41.17 20.30
C GLY I 41 14.82 -41.15 21.36
N GLY I 42 13.83 -40.30 21.16
CA GLY I 42 12.73 -40.21 22.10
C GLY I 42 13.08 -39.68 23.48
N SER I 43 14.20 -38.98 23.62
CA SER I 43 14.58 -38.46 24.92
C SER I 43 13.90 -37.13 25.22
N VAL I 44 13.27 -36.54 24.22
CA VAL I 44 12.57 -35.27 24.44
C VAL I 44 11.13 -35.53 24.75
N GLU I 45 10.61 -34.83 25.73
CA GLU I 45 9.20 -34.98 26.07
C GLU I 45 8.58 -33.68 25.60
N VAL I 46 7.77 -33.72 24.55
CA VAL I 46 7.14 -32.52 24.06
C VAL I 46 5.75 -32.37 24.67
N GLU I 47 5.65 -31.59 25.74
CA GLU I 47 4.39 -31.38 26.41
C GLU I 47 3.51 -30.41 25.63
N ILE I 48 2.28 -30.83 25.33
CA ILE I 48 1.34 -30.01 24.60
C ILE I 48 0.42 -29.16 25.48
N PHE I 49 0.29 -27.89 25.12
CA PHE I 49 -0.58 -26.99 25.86
C PHE I 49 -1.48 -26.26 24.89
N ASP I 50 -2.77 -26.45 25.04
CA ASP I 50 -3.68 -25.80 24.14
C ASP I 50 -4.07 -24.46 24.68
N VAL I 51 -4.35 -23.54 23.76
CA VAL I 51 -4.71 -22.20 24.12
C VAL I 51 -5.74 -21.68 23.12
N PRO I 52 -6.71 -20.88 23.60
CA PRO I 52 -7.73 -20.37 22.68
C PRO I 52 -7.16 -19.83 21.38
N GLY I 53 -6.50 -18.67 21.46
CA GLY I 53 -5.92 -18.05 20.27
C GLY I 53 -4.44 -17.76 20.43
N ALA I 54 -3.79 -17.30 19.36
CA ALA I 54 -2.37 -17.01 19.42
C ALA I 54 -2.06 -15.96 20.48
N TYR I 55 -3.06 -15.15 20.79
CA TYR I 55 -2.91 -14.08 21.77
C TYR I 55 -2.62 -14.63 23.17
N GLU I 56 -3.19 -15.78 23.49
CA GLU I 56 -2.97 -16.37 24.81
C GLU I 56 -1.67 -17.15 24.87
N ILE I 57 -0.91 -17.15 23.79
CA ILE I 57 0.34 -17.91 23.75
C ILE I 57 1.45 -17.27 24.57
N PRO I 58 1.76 -15.99 24.32
CA PRO I 58 2.81 -15.36 25.09
C PRO I 58 2.77 -15.62 26.58
N LEU I 59 1.69 -15.24 27.24
CA LEU I 59 1.59 -15.44 28.69
C LEU I 59 1.80 -16.90 29.06
N HIS I 60 1.15 -17.80 28.35
CA HIS I 60 1.33 -19.19 28.67
C HIS I 60 2.81 -19.48 28.57
N ALA I 61 3.43 -19.04 27.47
CA ALA I 61 4.85 -19.25 27.24
C ALA I 61 5.68 -18.79 28.43
N LYS I 62 5.39 -17.60 28.93
CA LYS I 62 6.13 -17.08 30.07
C LYS I 62 5.88 -17.95 31.30
N THR I 63 4.61 -18.14 31.64
CA THR I 63 4.26 -18.94 32.80
C THR I 63 5.02 -20.26 32.76
N LEU I 64 5.02 -20.90 31.60
CA LEU I 64 5.69 -22.18 31.42
C LEU I 64 7.20 -22.03 31.44
N ALA I 65 7.71 -21.01 30.78
CA ALA I 65 9.14 -20.81 30.74
C ALA I 65 9.71 -20.65 32.17
N ARG I 66 9.01 -19.90 33.01
CA ARG I 66 9.50 -19.68 34.36
C ARG I 66 9.70 -20.98 35.15
N THR I 67 8.79 -21.93 34.97
CA THR I 67 8.88 -23.21 35.66
C THR I 67 10.25 -23.84 35.52
N GLY I 68 10.97 -23.44 34.48
CA GLY I 68 12.30 -23.98 34.23
C GLY I 68 12.26 -25.43 33.75
N ARG I 69 11.06 -25.97 33.61
CA ARG I 69 10.89 -27.35 33.17
C ARG I 69 11.28 -27.58 31.72
N TYR I 70 11.14 -26.54 30.89
CA TYR I 70 11.43 -26.71 29.49
C TYR I 70 12.68 -26.02 29.02
N ALA I 71 13.40 -26.70 28.13
CA ALA I 71 14.64 -26.18 27.58
C ALA I 71 14.32 -25.34 26.38
N ALA I 72 13.07 -25.37 25.97
CA ALA I 72 12.62 -24.62 24.81
C ALA I 72 11.10 -24.66 24.77
N ILE I 73 10.52 -23.61 24.22
CA ILE I 73 9.07 -23.52 24.08
C ILE I 73 8.76 -23.15 22.64
N VAL I 74 7.66 -23.69 22.12
CA VAL I 74 7.26 -23.44 20.75
C VAL I 74 5.84 -22.91 20.75
N GLY I 75 5.61 -21.82 20.02
CA GLY I 75 4.27 -21.27 19.94
C GLY I 75 3.76 -21.65 18.56
N ALA I 76 2.57 -22.22 18.47
CA ALA I 76 2.05 -22.61 17.17
C ALA I 76 0.64 -22.11 17.01
N ALA I 77 0.36 -21.50 15.87
CA ALA I 77 -0.95 -20.95 15.59
C ALA I 77 -0.97 -20.53 14.12
N PHE I 78 -2.16 -20.44 13.55
CA PHE I 78 -2.29 -20.02 12.17
C PHE I 78 -3.00 -18.68 12.18
N VAL I 79 -2.26 -17.60 12.42
CA VAL I 79 -2.84 -16.27 12.45
C VAL I 79 -3.05 -15.72 11.05
N ILE I 80 -4.30 -15.47 10.69
CA ILE I 80 -4.59 -14.99 9.35
C ILE I 80 -5.46 -13.73 9.29
N ASP I 81 -5.47 -13.12 8.11
CA ASP I 81 -6.29 -11.95 7.84
C ASP I 81 -7.70 -12.51 7.62
N GLY I 82 -8.46 -12.65 8.71
CA GLY I 82 -9.81 -13.18 8.63
C GLY I 82 -10.79 -12.46 7.72
N GLY I 83 -10.32 -11.45 7.00
CA GLY I 83 -11.20 -10.73 6.12
C GLY I 83 -12.19 -9.82 6.83
N ILE I 84 -12.44 -10.06 8.12
CA ILE I 84 -13.37 -9.20 8.82
C ILE I 84 -12.66 -8.18 9.70
N TYR I 85 -11.87 -8.66 10.65
CA TYR I 85 -11.13 -7.75 11.52
C TYR I 85 -9.67 -7.90 11.17
N ARG I 86 -8.87 -6.94 11.62
CA ARG I 86 -7.45 -6.99 11.35
C ARG I 86 -6.74 -7.96 12.30
N HIS I 87 -5.80 -8.71 11.74
CA HIS I 87 -5.04 -9.73 12.44
C HIS I 87 -3.68 -9.24 12.88
N ASP I 88 -3.07 -8.41 12.04
CA ASP I 88 -1.73 -7.91 12.30
C ASP I 88 -1.44 -7.37 13.69
N PHE I 89 -2.38 -6.63 14.28
CA PHE I 89 -2.13 -6.10 15.61
C PHE I 89 -1.84 -7.31 16.51
N VAL I 90 -2.80 -8.19 16.64
CA VAL I 90 -2.63 -9.40 17.43
C VAL I 90 -1.38 -10.17 17.01
N ALA I 91 -1.28 -10.52 15.73
CA ALA I 91 -0.09 -11.23 15.23
C ALA I 91 1.18 -10.60 15.80
N THR I 92 1.29 -9.28 15.69
CA THR I 92 2.45 -8.58 16.23
C THR I 92 2.63 -8.86 17.72
N ALA I 93 1.68 -8.41 18.52
CA ALA I 93 1.73 -8.61 19.96
C ALA I 93 2.18 -10.04 20.30
N VAL I 94 1.76 -11.00 19.47
CA VAL I 94 2.13 -12.38 19.71
C VAL I 94 3.60 -12.61 19.36
N ILE I 95 3.97 -12.39 18.10
CA ILE I 95 5.35 -12.58 17.71
C ILE I 95 6.29 -11.81 18.62
N ASN I 96 5.90 -10.61 19.00
CA ASN I 96 6.71 -9.79 19.89
C ASN I 96 6.72 -10.43 21.26
N GLY I 97 5.53 -10.79 21.72
CA GLY I 97 5.38 -11.40 23.02
C GLY I 97 6.37 -12.52 23.22
N MET I 98 6.27 -13.55 22.40
CA MET I 98 7.18 -14.68 22.52
C MET I 98 8.61 -14.19 22.64
N MET I 99 8.97 -13.20 21.82
CA MET I 99 10.33 -12.63 21.85
C MET I 99 10.58 -11.97 23.20
N GLN I 100 9.58 -11.23 23.69
CA GLN I 100 9.67 -10.53 24.97
C GLN I 100 9.90 -11.54 26.07
N VAL I 101 9.14 -12.62 26.00
CA VAL I 101 9.19 -13.68 26.98
C VAL I 101 10.52 -14.40 27.02
N GLN I 102 10.95 -14.94 25.89
CA GLN I 102 12.21 -15.67 25.88
C GLN I 102 13.34 -14.77 26.32
N LEU I 103 13.26 -13.50 26.01
CA LEU I 103 14.32 -12.60 26.43
C LEU I 103 14.26 -12.45 27.94
N GLU I 104 13.05 -12.54 28.48
CA GLU I 104 12.80 -12.40 29.91
C GLU I 104 13.27 -13.63 30.68
N THR I 105 12.69 -14.77 30.31
CA THR I 105 12.96 -16.05 30.93
C THR I 105 14.28 -16.65 30.48
N GLU I 106 14.79 -16.21 29.36
CA GLU I 106 16.02 -16.75 28.80
C GLU I 106 15.78 -18.23 28.54
N VAL I 107 14.60 -18.48 27.98
CA VAL I 107 14.16 -19.80 27.58
C VAL I 107 13.79 -19.58 26.13
N PRO I 108 14.48 -20.28 25.21
CA PRO I 108 14.21 -20.15 23.78
C PRO I 108 12.74 -20.35 23.52
N VAL I 109 12.14 -19.45 22.77
CA VAL I 109 10.73 -19.61 22.42
C VAL I 109 10.69 -19.54 20.92
N LEU I 110 10.37 -20.65 20.28
CA LEU I 110 10.33 -20.69 18.83
C LEU I 110 8.92 -20.39 18.35
N SER I 111 8.83 -19.70 17.23
CA SER I 111 7.53 -19.32 16.69
C SER I 111 7.04 -20.06 15.48
N VAL I 112 5.94 -20.76 15.66
CA VAL I 112 5.31 -21.44 14.56
C VAL I 112 3.95 -20.75 14.52
N VAL I 113 3.97 -19.44 14.83
CA VAL I 113 2.78 -18.60 14.81
C VAL I 113 2.87 -17.87 13.47
N LEU I 114 2.59 -18.63 12.42
CA LEU I 114 2.65 -18.15 11.04
C LEU I 114 1.42 -17.40 10.55
N THR I 115 1.68 -16.35 9.79
CA THR I 115 0.64 -15.51 9.21
C THR I 115 0.91 -15.57 7.73
N PRO I 116 0.02 -16.19 6.96
CA PRO I 116 0.27 -16.25 5.53
C PRO I 116 -0.20 -14.97 4.88
N HIS I 117 0.28 -14.72 3.67
CA HIS I 117 -0.11 -13.53 2.93
C HIS I 117 -1.59 -13.61 2.59
N HIS I 118 -2.00 -14.71 1.95
CA HIS I 118 -3.39 -14.89 1.59
C HIS I 118 -3.92 -16.22 2.04
N PHE I 119 -5.14 -16.20 2.57
CA PHE I 119 -5.77 -17.43 3.01
C PHE I 119 -7.29 -17.30 3.09
N HIS I 120 -7.96 -17.36 1.94
CA HIS I 120 -9.41 -17.30 1.89
C HIS I 120 -9.83 -18.75 2.03
N GLU I 121 -10.40 -19.11 3.18
CA GLU I 121 -10.81 -20.48 3.47
C GLU I 121 -11.41 -21.16 2.25
N SER I 122 -10.52 -21.74 1.43
CA SER I 122 -10.89 -22.46 0.23
C SER I 122 -10.25 -23.83 0.33
N LYS I 123 -10.45 -24.68 -0.66
CA LYS I 123 -9.87 -26.01 -0.63
C LYS I 123 -8.38 -25.96 -0.90
N GLU I 124 -7.99 -25.43 -2.05
CA GLU I 124 -6.58 -25.33 -2.40
C GLU I 124 -5.77 -24.72 -1.26
N HIS I 125 -6.38 -23.73 -0.61
CA HIS I 125 -5.76 -23.03 0.51
C HIS I 125 -5.58 -23.94 1.72
N HIS I 126 -6.70 -24.41 2.25
CA HIS I 126 -6.68 -25.27 3.41
C HIS I 126 -5.72 -26.44 3.23
N ASP I 127 -5.71 -27.05 2.05
CA ASP I 127 -4.83 -28.18 1.84
C ASP I 127 -3.37 -27.77 1.82
N PHE I 128 -3.08 -26.68 1.13
CA PHE I 128 -1.72 -26.17 1.03
C PHE I 128 -1.05 -26.08 2.39
N PHE I 129 -1.66 -25.28 3.26
CA PHE I 129 -1.12 -25.08 4.58
C PHE I 129 -1.19 -26.28 5.50
N HIS I 130 -2.09 -27.21 5.23
CA HIS I 130 -2.18 -28.40 6.05
C HIS I 130 -0.94 -29.22 5.71
N ALA I 131 -0.60 -29.20 4.44
CA ALA I 131 0.57 -29.91 3.98
C ALA I 131 1.82 -29.14 4.39
N HIS I 132 1.71 -27.82 4.39
CA HIS I 132 2.86 -27.00 4.69
C HIS I 132 3.23 -27.02 6.17
N PHE I 133 2.24 -26.93 7.03
CA PHE I 133 2.53 -26.94 8.44
C PHE I 133 3.30 -28.20 8.83
N LYS I 134 3.19 -29.25 8.01
CA LYS I 134 3.93 -30.47 8.32
C LYS I 134 5.39 -30.06 8.21
N VAL I 135 5.71 -29.42 7.11
CA VAL I 135 7.07 -28.95 6.86
C VAL I 135 7.55 -28.00 7.96
N LYS I 136 6.80 -26.93 8.17
CA LYS I 136 7.17 -25.95 9.18
C LYS I 136 7.31 -26.63 10.54
N GLY I 137 6.46 -27.62 10.79
CA GLY I 137 6.52 -28.34 12.04
C GLY I 137 7.87 -29.02 12.20
N VAL I 138 8.38 -29.55 11.10
CA VAL I 138 9.68 -30.23 11.09
C VAL I 138 10.77 -29.18 11.25
N GLU I 139 10.62 -28.07 10.52
CA GLU I 139 11.60 -27.00 10.60
C GLU I 139 11.73 -26.57 12.05
N ALA I 140 10.59 -26.35 12.70
CA ALA I 140 10.56 -25.92 14.08
C ALA I 140 11.25 -26.91 14.99
N ALA I 141 11.13 -28.20 14.66
CA ALA I 141 11.76 -29.25 15.46
C ALA I 141 13.28 -29.17 15.32
N HIS I 142 13.74 -29.09 14.08
CA HIS I 142 15.17 -28.99 13.81
C HIS I 142 15.72 -27.70 14.41
N ALA I 143 14.87 -26.69 14.53
CA ALA I 143 15.26 -25.40 15.09
C ALA I 143 15.33 -25.53 16.58
N ALA I 144 14.26 -26.05 17.17
CA ALA I 144 14.21 -26.21 18.61
C ALA I 144 15.45 -26.94 19.10
N LEU I 145 15.72 -28.10 18.50
CA LEU I 145 16.86 -28.90 18.91
C LEU I 145 18.17 -28.17 18.67
N GLN I 146 18.23 -27.46 17.56
CA GLN I 146 19.42 -26.73 17.18
C GLN I 146 19.74 -25.61 18.17
N ILE I 147 18.73 -24.87 18.59
CA ILE I 147 18.97 -23.80 19.53
C ILE I 147 19.33 -24.38 20.91
N VAL I 148 18.50 -25.29 21.42
CA VAL I 148 18.78 -25.89 22.72
C VAL I 148 20.22 -26.36 22.72
N SER I 149 20.62 -26.96 21.60
CA SER I 149 21.97 -27.45 21.47
C SER I 149 22.92 -26.27 21.56
N GLU I 150 22.76 -25.32 20.64
CA GLU I 150 23.61 -24.16 20.60
C GLU I 150 23.77 -23.52 21.98
N ARG I 151 22.68 -23.21 22.66
CA ARG I 151 22.80 -22.61 23.98
C ARG I 151 23.60 -23.55 24.89
N SER I 152 23.30 -24.84 24.84
CA SER I 152 24.01 -25.81 25.68
C SER I 152 25.51 -25.69 25.46
N ARG I 153 25.88 -25.20 24.28
CA ARG I 153 27.28 -25.04 23.92
C ARG I 153 27.90 -23.75 24.49
N ILE I 154 27.09 -22.71 24.66
CA ILE I 154 27.57 -21.43 25.16
C ILE I 154 28.13 -21.45 26.57
N ALA I 155 27.27 -21.77 27.54
CA ALA I 155 27.70 -21.83 28.94
C ALA I 155 28.75 -22.94 29.10
N ALA I 156 30.01 -22.54 29.25
CA ALA I 156 31.11 -23.50 29.39
C ALA I 156 31.13 -24.13 30.79
N LYS J 8 47.84 -1.04 19.44
CA LYS J 8 46.69 -1.81 18.88
C LYS J 8 45.86 -2.40 20.00
N THR J 9 44.56 -2.13 19.96
CA THR J 9 43.65 -2.66 20.96
C THR J 9 43.14 -4.00 20.44
N SER J 10 42.59 -4.80 21.34
CA SER J 10 42.10 -6.10 20.95
C SER J 10 40.84 -6.41 21.71
N PHE J 11 39.83 -6.89 21.01
CA PHE J 11 38.57 -7.24 21.63
C PHE J 11 37.87 -8.39 20.90
N LYS J 12 36.93 -9.04 21.58
CA LYS J 12 36.23 -10.15 20.98
C LYS J 12 34.82 -9.73 20.52
N ILE J 13 34.44 -10.18 19.33
CA ILE J 13 33.12 -9.89 18.76
C ILE J 13 32.37 -11.20 18.56
N ALA J 14 31.08 -11.22 18.91
CA ALA J 14 30.29 -12.43 18.71
C ALA J 14 29.37 -12.23 17.51
N PHE J 15 29.64 -12.98 16.47
CA PHE J 15 28.87 -12.95 15.24
C PHE J 15 27.86 -14.10 15.29
N ILE J 16 26.57 -13.75 15.40
CA ILE J 16 25.49 -14.72 15.45
C ILE J 16 24.84 -14.72 14.08
N GLN J 17 24.86 -15.85 13.39
CA GLN J 17 24.25 -15.90 12.06
C GLN J 17 23.15 -16.95 11.99
N ALA J 18 22.02 -16.59 11.39
CA ALA J 18 20.89 -17.50 11.23
C ALA J 18 21.28 -18.46 10.12
N ARG J 19 21.00 -19.75 10.31
CA ARG J 19 21.35 -20.75 9.31
C ARG J 19 20.56 -20.55 8.02
N TRP J 20 19.45 -19.82 8.07
CA TRP J 20 18.66 -19.58 6.87
C TRP J 20 19.37 -18.71 5.84
N HIS J 21 19.37 -19.19 4.60
CA HIS J 21 20.00 -18.47 3.50
C HIS J 21 21.49 -18.28 3.77
N ALA J 22 22.10 -19.25 4.44
CA ALA J 22 23.51 -19.18 4.72
C ALA J 22 24.23 -19.00 3.38
N ASP J 23 23.56 -19.41 2.31
CA ASP J 23 24.14 -19.28 0.96
C ASP J 23 24.68 -17.86 0.88
N ILE J 24 23.90 -16.93 1.44
CA ILE J 24 24.21 -15.50 1.45
C ILE J 24 24.75 -14.97 2.77
N VAL J 25 24.02 -15.22 3.86
CA VAL J 25 24.47 -14.77 5.16
C VAL J 25 25.94 -15.06 5.35
N ASP J 26 26.38 -16.24 4.89
CA ASP J 26 27.79 -16.63 5.00
C ASP J 26 28.73 -15.62 4.38
N GLU J 27 28.29 -14.99 3.31
CA GLU J 27 29.12 -14.01 2.62
C GLU J 27 29.42 -12.80 3.48
N ALA J 28 28.46 -12.44 4.33
CA ALA J 28 28.62 -11.31 5.21
C ALA J 28 29.57 -11.72 6.30
N ARG J 29 29.36 -12.92 6.83
CA ARG J 29 30.22 -13.43 7.90
C ARG J 29 31.67 -13.44 7.45
N LYS J 30 31.91 -14.01 6.27
CA LYS J 30 33.25 -14.10 5.74
C LYS J 30 33.87 -12.73 5.56
N SER J 31 33.21 -11.87 4.80
CA SER J 31 33.76 -10.54 4.60
C SER J 31 33.89 -9.82 5.94
N PHE J 32 33.01 -10.11 6.89
CA PHE J 32 33.11 -9.46 8.19
C PHE J 32 34.47 -9.82 8.79
N VAL J 33 34.67 -11.11 9.03
CA VAL J 33 35.93 -11.58 9.57
C VAL J 33 37.09 -11.17 8.68
N ALA J 34 36.87 -11.22 7.37
CA ALA J 34 37.87 -10.85 6.39
C ALA J 34 38.39 -9.47 6.77
N GLU J 35 37.55 -8.46 6.59
CA GLU J 35 37.91 -7.09 6.93
C GLU J 35 38.60 -7.02 8.29
N LEU J 36 37.90 -7.42 9.35
CA LEU J 36 38.48 -7.35 10.67
C LEU J 36 39.89 -7.91 10.67
N ALA J 37 40.08 -9.05 10.02
CA ALA J 37 41.43 -9.59 9.96
C ALA J 37 42.22 -8.44 9.34
N ALA J 38 42.09 -8.30 8.03
CA ALA J 38 42.75 -7.26 7.26
C ALA J 38 42.84 -5.86 7.91
N LYS J 39 41.82 -5.45 8.66
CA LYS J 39 41.85 -4.13 9.28
C LYS J 39 42.38 -4.13 10.73
N THR J 40 42.43 -5.29 11.37
CA THR J 40 42.94 -5.35 12.74
C THR J 40 43.98 -6.44 12.93
N GLY J 41 44.51 -6.93 11.81
CA GLY J 41 45.51 -7.98 11.86
C GLY J 41 45.27 -9.07 12.87
N GLY J 42 44.02 -9.41 13.12
CA GLY J 42 43.75 -10.47 14.07
C GLY J 42 43.58 -10.04 15.52
N SER J 43 43.85 -8.77 15.85
CA SER J 43 43.69 -8.36 17.23
C SER J 43 42.21 -8.41 17.63
N VAL J 44 41.32 -8.41 16.64
CA VAL J 44 39.89 -8.50 16.91
C VAL J 44 39.42 -9.90 16.53
N GLU J 45 39.00 -10.65 17.54
CA GLU J 45 38.53 -12.00 17.33
C GLU J 45 37.04 -12.06 17.10
N VAL J 46 36.64 -12.67 16.00
CA VAL J 46 35.23 -12.82 15.71
C VAL J 46 34.87 -14.28 15.98
N GLU J 47 33.93 -14.51 16.89
CA GLU J 47 33.49 -15.85 17.23
C GLU J 47 32.09 -16.06 16.67
N ILE J 48 31.94 -17.02 15.77
CA ILE J 48 30.65 -17.28 15.17
C ILE J 48 29.78 -18.15 16.04
N PHE J 49 28.48 -17.93 15.93
CA PHE J 49 27.46 -18.69 16.65
C PHE J 49 26.35 -18.95 15.67
N ASP J 50 26.14 -20.21 15.34
CA ASP J 50 25.08 -20.53 14.41
C ASP J 50 23.78 -20.60 15.16
N VAL J 51 22.71 -20.15 14.53
CA VAL J 51 21.41 -20.16 15.15
C VAL J 51 20.36 -20.42 14.07
N PRO J 52 19.31 -21.18 14.39
CA PRO J 52 18.25 -21.52 13.43
C PRO J 52 17.80 -20.35 12.55
N GLY J 53 16.94 -19.51 13.09
CA GLY J 53 16.45 -18.38 12.32
C GLY J 53 16.77 -17.05 12.96
N ALA J 54 16.45 -15.96 12.25
CA ALA J 54 16.71 -14.63 12.76
C ALA J 54 16.11 -14.49 14.17
N TYR J 55 14.92 -15.02 14.33
CA TYR J 55 14.19 -14.96 15.58
C TYR J 55 14.99 -15.47 16.78
N GLU J 56 15.94 -16.38 16.52
CA GLU J 56 16.77 -16.94 17.58
C GLU J 56 17.99 -16.08 17.94
N ILE J 57 18.13 -14.92 17.30
CA ILE J 57 19.29 -14.06 17.56
C ILE J 57 19.20 -13.22 18.84
N PRO J 58 18.16 -12.39 18.96
CA PRO J 58 18.04 -11.57 20.17
C PRO J 58 18.39 -12.30 21.45
N LEU J 59 17.81 -13.48 21.66
CA LEU J 59 18.10 -14.22 22.88
C LEU J 59 19.57 -14.59 22.93
N HIS J 60 20.08 -15.16 21.85
CA HIS J 60 21.47 -15.55 21.79
C HIS J 60 22.32 -14.32 22.05
N ALA J 61 22.01 -13.23 21.36
CA ALA J 61 22.74 -11.98 21.54
C ALA J 61 22.82 -11.67 23.03
N LYS J 62 21.66 -11.58 23.68
CA LYS J 62 21.59 -11.30 25.11
C LYS J 62 22.41 -12.31 25.94
N THR J 63 22.19 -13.60 25.69
CA THR J 63 22.94 -14.62 26.41
C THR J 63 24.44 -14.35 26.26
N LEU J 64 24.88 -14.15 25.02
CA LEU J 64 26.28 -13.89 24.75
C LEU J 64 26.71 -12.56 25.35
N ALA J 65 25.92 -11.53 25.17
CA ALA J 65 26.23 -10.22 25.71
C ALA J 65 26.53 -10.26 27.20
N ARG J 66 25.60 -10.79 27.97
CA ARG J 66 25.74 -10.85 29.42
C ARG J 66 27.07 -11.41 29.90
N THR J 67 27.73 -12.21 29.08
CA THR J 67 29.01 -12.80 29.48
C THR J 67 30.06 -11.70 29.70
N GLY J 68 29.98 -10.66 28.89
CA GLY J 68 30.94 -9.59 29.04
C GLY J 68 32.21 -9.84 28.24
N ARG J 69 32.27 -10.99 27.58
CA ARG J 69 33.45 -11.29 26.79
C ARG J 69 33.49 -10.49 25.50
N TYR J 70 32.33 -10.07 25.01
CA TYR J 70 32.28 -9.32 23.75
C TYR J 70 32.08 -7.82 23.91
N ALA J 71 32.83 -7.07 23.10
CA ALA J 71 32.75 -5.62 23.12
C ALA J 71 31.56 -5.20 22.27
N ALA J 72 31.18 -6.13 21.40
CA ALA J 72 30.07 -5.93 20.49
C ALA J 72 29.60 -7.26 19.92
N ILE J 73 28.30 -7.35 19.65
CA ILE J 73 27.70 -8.56 19.09
C ILE J 73 27.14 -8.23 17.72
N VAL J 74 27.15 -9.20 16.83
CA VAL J 74 26.61 -9.00 15.49
C VAL J 74 25.59 -10.08 15.19
N GLY J 75 24.39 -9.66 14.79
CA GLY J 75 23.34 -10.60 14.42
C GLY J 75 23.30 -10.54 12.92
N ALA J 76 23.46 -11.68 12.25
CA ALA J 76 23.46 -11.73 10.79
C ALA J 76 22.45 -12.73 10.31
N ALA J 77 21.60 -12.30 9.38
CA ALA J 77 20.59 -13.18 8.82
C ALA J 77 19.91 -12.47 7.67
N PHE J 78 19.41 -13.27 6.72
CA PHE J 78 18.71 -12.73 5.56
C PHE J 78 17.26 -13.07 5.82
N VAL J 79 16.47 -12.05 6.19
CA VAL J 79 15.05 -12.27 6.45
C VAL J 79 14.23 -11.78 5.26
N ILE J 80 14.04 -12.69 4.31
CA ILE J 80 13.30 -12.45 3.07
C ILE J 80 11.82 -12.68 3.29
N ASP J 81 11.04 -12.36 2.27
CA ASP J 81 9.60 -12.59 2.30
C ASP J 81 9.45 -13.95 1.61
N GLY J 82 9.25 -15.00 2.39
CA GLY J 82 9.11 -16.34 1.83
C GLY J 82 8.14 -16.44 0.67
N GLY J 83 7.20 -15.50 0.62
CA GLY J 83 6.21 -15.50 -0.42
C GLY J 83 5.01 -16.28 0.06
N ILE J 84 5.21 -17.04 1.15
CA ILE J 84 4.12 -17.84 1.72
C ILE J 84 3.61 -17.20 3.01
N TYR J 85 4.51 -16.91 3.94
CA TYR J 85 4.09 -16.29 5.19
C TYR J 85 4.73 -14.93 5.36
N ARG J 86 4.07 -14.06 6.10
CA ARG J 86 4.61 -12.74 6.33
C ARG J 86 5.86 -12.79 7.19
N HIS J 87 6.90 -12.15 6.68
CA HIS J 87 8.21 -12.12 7.31
C HIS J 87 8.42 -10.93 8.26
N ASP J 88 7.68 -9.86 8.01
CA ASP J 88 7.83 -8.65 8.80
C ASP J 88 7.61 -8.79 10.28
N PHE J 89 6.66 -9.63 10.68
CA PHE J 89 6.41 -9.80 12.10
C PHE J 89 7.68 -10.25 12.81
N VAL J 90 8.38 -11.20 12.20
CA VAL J 90 9.63 -11.69 12.76
C VAL J 90 10.69 -10.62 12.61
N ALA J 91 10.94 -10.18 11.38
CA ALA J 91 11.94 -9.16 11.16
C ALA J 91 11.89 -8.08 12.23
N THR J 92 10.68 -7.66 12.59
CA THR J 92 10.53 -6.64 13.62
C THR J 92 11.04 -7.10 14.97
N ALA J 93 10.44 -8.16 15.50
CA ALA J 93 10.86 -8.69 16.80
C ALA J 93 12.38 -8.81 16.89
N VAL J 94 13.01 -9.28 15.82
CA VAL J 94 14.45 -9.45 15.78
C VAL J 94 15.20 -8.13 15.78
N ILE J 95 14.84 -7.23 14.87
CA ILE J 95 15.53 -5.95 14.82
C ILE J 95 15.29 -5.18 16.11
N ASN J 96 14.10 -5.31 16.66
CA ASN J 96 13.75 -4.65 17.91
C ASN J 96 14.45 -5.37 19.05
N GLY J 97 14.40 -6.69 19.00
CA GLY J 97 15.01 -7.50 20.03
C GLY J 97 16.48 -7.18 20.22
N MET J 98 17.22 -7.13 19.12
CA MET J 98 18.65 -6.82 19.21
C MET J 98 18.80 -5.46 19.86
N MET J 99 17.90 -4.55 19.50
CA MET J 99 17.92 -3.22 20.05
C MET J 99 17.68 -3.32 21.55
N GLN J 100 16.65 -4.09 21.91
CA GLN J 100 16.29 -4.28 23.30
C GLN J 100 17.44 -4.83 24.11
N VAL J 101 18.08 -5.86 23.56
CA VAL J 101 19.19 -6.52 24.21
C VAL J 101 20.40 -5.63 24.38
N GLN J 102 20.74 -4.86 23.35
CA GLN J 102 21.90 -4.00 23.51
C GLN J 102 21.57 -2.94 24.54
N LEU J 103 20.33 -2.50 24.59
CA LEU J 103 20.01 -1.50 25.59
C LEU J 103 20.15 -2.11 26.96
N GLU J 104 19.71 -3.36 27.10
CA GLU J 104 19.77 -4.11 28.34
C GLU J 104 21.20 -4.33 28.80
N THR J 105 21.96 -5.06 27.99
CA THR J 105 23.35 -5.38 28.33
C THR J 105 24.33 -4.27 28.10
N GLU J 106 23.90 -3.23 27.39
CA GLU J 106 24.79 -2.12 27.04
C GLU J 106 26.01 -2.68 26.32
N VAL J 107 25.74 -3.61 25.41
CA VAL J 107 26.73 -4.26 24.58
C VAL J 107 26.24 -4.03 23.15
N PRO J 108 27.01 -3.31 22.36
CA PRO J 108 26.60 -3.06 20.99
C PRO J 108 26.21 -4.31 20.24
N VAL J 109 25.00 -4.31 19.71
CA VAL J 109 24.51 -5.42 18.91
C VAL J 109 24.31 -4.79 17.53
N LEU J 110 25.23 -5.05 16.61
CA LEU J 110 25.13 -4.49 15.26
C LEU J 110 24.20 -5.36 14.48
N SER J 111 23.49 -4.76 13.53
CA SER J 111 22.55 -5.55 12.77
C SER J 111 22.91 -5.77 11.32
N VAL J 112 23.05 -7.03 10.95
CA VAL J 112 23.31 -7.37 9.55
C VAL J 112 22.18 -8.35 9.26
N VAL J 113 21.04 -8.10 9.92
CA VAL J 113 19.83 -8.90 9.77
C VAL J 113 18.99 -8.16 8.75
N LEU J 114 19.49 -8.16 7.53
CA LEU J 114 18.88 -7.48 6.41
C LEU J 114 17.64 -8.12 5.84
N THR J 115 16.73 -7.28 5.38
CA THR J 115 15.49 -7.73 4.80
C THR J 115 15.36 -6.99 3.49
N PRO J 116 15.61 -7.70 2.37
CA PRO J 116 15.53 -7.10 1.04
C PRO J 116 14.09 -6.80 0.67
N HIS J 117 13.89 -5.80 -0.18
CA HIS J 117 12.55 -5.43 -0.64
C HIS J 117 11.97 -6.58 -1.44
N HIS J 118 12.74 -7.07 -2.42
CA HIS J 118 12.32 -8.18 -3.27
C HIS J 118 13.34 -9.29 -3.34
N PHE J 119 12.88 -10.53 -3.37
CA PHE J 119 13.78 -11.67 -3.45
C PHE J 119 13.01 -12.95 -3.73
N HIS J 120 13.13 -13.47 -4.96
CA HIS J 120 12.41 -14.70 -5.32
C HIS J 120 13.31 -15.89 -5.65
N GLU J 121 14.37 -16.05 -4.86
CA GLU J 121 15.33 -17.13 -5.03
C GLU J 121 15.69 -17.34 -6.51
N SER J 122 15.75 -16.23 -7.25
CA SER J 122 16.10 -16.26 -8.65
C SER J 122 17.60 -16.53 -8.63
N LYS J 123 18.19 -16.77 -9.80
CA LYS J 123 19.62 -16.99 -9.82
C LYS J 123 20.23 -15.61 -9.67
N GLU J 124 19.62 -14.64 -10.34
CA GLU J 124 20.07 -13.26 -10.33
C GLU J 124 19.91 -12.60 -8.96
N HIS J 125 18.81 -12.90 -8.30
CA HIS J 125 18.55 -12.35 -6.97
C HIS J 125 19.57 -12.92 -6.00
N HIS J 126 19.69 -14.24 -6.04
CA HIS J 126 20.61 -14.97 -5.19
C HIS J 126 22.03 -14.51 -5.40
N ASP J 127 22.43 -14.34 -6.66
CA ASP J 127 23.76 -13.87 -6.96
C ASP J 127 23.94 -12.46 -6.44
N PHE J 128 22.95 -11.62 -6.67
CA PHE J 128 23.02 -10.24 -6.23
C PHE J 128 23.24 -10.13 -4.72
N PHE J 129 22.45 -10.84 -3.94
CA PHE J 129 22.60 -10.76 -2.50
C PHE J 129 23.79 -11.56 -2.00
N HIS J 130 24.08 -12.68 -2.66
CA HIS J 130 25.22 -13.46 -2.26
C HIS J 130 26.37 -12.48 -2.42
N ALA J 131 26.27 -11.65 -3.45
CA ALA J 131 27.29 -10.67 -3.73
C ALA J 131 27.23 -9.50 -2.78
N HIS J 132 26.04 -8.92 -2.62
CA HIS J 132 25.87 -7.75 -1.78
C HIS J 132 26.13 -7.94 -0.29
N PHE J 133 25.92 -9.14 0.23
CA PHE J 133 26.16 -9.34 1.65
C PHE J 133 27.63 -9.12 1.99
N LYS J 134 28.49 -9.46 1.06
CA LYS J 134 29.92 -9.27 1.24
C LYS J 134 30.12 -7.81 1.66
N VAL J 135 29.49 -6.91 0.92
CA VAL J 135 29.61 -5.49 1.20
C VAL J 135 29.12 -5.18 2.61
N LYS J 136 27.86 -5.52 2.87
CA LYS J 136 27.26 -5.28 4.17
C LYS J 136 28.11 -5.88 5.28
N GLY J 137 28.62 -7.09 5.04
CA GLY J 137 29.47 -7.73 6.02
C GLY J 137 30.63 -6.82 6.36
N VAL J 138 31.26 -6.27 5.33
CA VAL J 138 32.39 -5.38 5.55
C VAL J 138 31.93 -4.16 6.31
N GLU J 139 30.86 -3.55 5.83
CA GLU J 139 30.33 -2.35 6.48
C GLU J 139 30.09 -2.63 7.95
N ALA J 140 29.70 -3.86 8.26
CA ALA J 140 29.42 -4.23 9.64
C ALA J 140 30.71 -4.24 10.44
N ALA J 141 31.78 -4.68 9.81
CA ALA J 141 33.08 -4.72 10.47
C ALA J 141 33.49 -3.32 10.85
N HIS J 142 33.43 -2.41 9.90
CA HIS J 142 33.81 -1.03 10.17
C HIS J 142 33.01 -0.45 11.30
N ALA J 143 31.70 -0.65 11.27
CA ALA J 143 30.86 -0.13 12.33
C ALA J 143 31.25 -0.83 13.63
N ALA J 144 31.59 -2.10 13.53
CA ALA J 144 31.97 -2.88 14.71
C ALA J 144 33.14 -2.23 15.43
N LEU J 145 34.20 -1.93 14.69
CA LEU J 145 35.37 -1.29 15.27
C LEU J 145 34.94 0.08 15.73
N GLN J 146 34.21 0.75 14.85
CA GLN J 146 33.74 2.09 15.08
C GLN J 146 33.08 2.29 16.43
N ILE J 147 32.04 1.53 16.71
CA ILE J 147 31.34 1.70 17.96
C ILE J 147 32.12 1.20 19.16
N VAL J 148 32.80 0.07 19.01
CA VAL J 148 33.58 -0.48 20.11
C VAL J 148 34.58 0.57 20.57
N SER J 149 35.23 1.20 19.60
CA SER J 149 36.22 2.23 19.92
C SER J 149 35.54 3.47 20.52
N GLU J 150 34.40 3.85 19.96
CA GLU J 150 33.69 5.03 20.43
C GLU J 150 33.13 4.85 21.84
N ARG J 151 32.85 3.61 22.22
CA ARG J 151 32.33 3.37 23.57
C ARG J 151 33.47 3.36 24.55
N SER J 152 34.55 2.66 24.17
CA SER J 152 35.72 2.56 25.02
C SER J 152 36.10 3.94 25.51
N ARG J 153 36.01 4.91 24.62
CA ARG J 153 36.36 6.26 25.00
C ARG J 153 35.35 6.87 25.99
N ILE J 154 34.76 6.03 26.82
CA ILE J 154 33.80 6.52 27.84
C ILE J 154 33.84 5.68 29.13
P PO4 K . 11.10 8.06 -18.88
O1 PO4 K . 10.34 7.51 -17.73
O2 PO4 K . 10.16 8.66 -19.86
O3 PO4 K . 11.88 6.96 -19.52
O4 PO4 K . 12.05 9.11 -18.38
P PO4 L . 8.85 9.95 -14.86
O1 PO4 L . 8.99 9.59 -13.42
O2 PO4 L . 8.64 8.73 -15.67
O3 PO4 L . 10.09 10.64 -15.32
O4 PO4 L . 7.70 10.87 -15.03
NA NA M . 8.05 13.30 -22.38
NA NA N . 7.91 -8.58 -24.77
P PO4 O . 5.14 -12.94 -19.04
O1 PO4 O . 4.84 -13.00 -17.57
O2 PO4 O . 4.40 -11.80 -19.65
O3 PO4 O . 4.69 -14.21 -19.67
O4 PO4 O . 6.60 -12.75 -19.24
P PO4 P . 11.64 -10.85 -14.46
O1 PO4 P . 11.56 -9.97 -13.25
O2 PO4 P . 10.64 -10.42 -15.47
O3 PO4 P . 11.35 -12.26 -14.05
O4 PO4 P . 13.00 -10.77 -15.04
S SO4 Q . 2.46 -31.92 -23.77
O1 SO4 Q . 2.93 -32.71 -22.61
O2 SO4 Q . 2.82 -30.51 -23.57
O3 SO4 Q . 0.99 -32.06 -23.86
O4 SO4 Q . 3.08 -32.42 -25.02
S SO4 R . -21.41 -15.87 -33.07
O1 SO4 R . -21.68 -16.24 -31.67
O2 SO4 R . -21.90 -14.49 -33.33
O3 SO4 R . -22.11 -16.80 -33.97
O4 SO4 R . -19.96 -15.93 -33.35
NA NA S . 1.91 -26.12 -30.74
P PO4 T . -14.54 -13.92 -11.90
O1 PO4 T . -15.52 -13.27 -11.00
O2 PO4 T . -13.19 -13.35 -11.65
O3 PO4 T . -14.92 -13.68 -13.32
O4 PO4 T . -14.51 -15.38 -11.64
P PO4 U . -9.35 -17.87 -7.55
O1 PO4 U . -10.23 -17.21 -8.57
O2 PO4 U . -8.36 -16.88 -7.03
O3 PO4 U . -8.64 -19.01 -8.17
O4 PO4 U . -10.18 -18.35 -6.41
P PO4 V . -22.07 0.76 -1.78
O1 PO4 V . -22.55 2.06 -1.21
O2 PO4 V . -22.87 -0.35 -1.18
O3 PO4 V . -20.64 0.57 -1.46
O4 PO4 V . -22.27 0.77 -3.25
S SO4 W . -34.27 -17.63 -9.68
O1 SO4 W . -33.58 -16.39 -9.27
O2 SO4 W . -34.52 -17.58 -11.13
O3 SO4 W . -35.55 -17.74 -8.96
O4 SO4 W . -33.41 -18.79 -9.37
P PO4 X . -21.28 6.28 -7.49
O1 PO4 X . -21.18 5.70 -8.86
O2 PO4 X . -21.81 7.66 -7.58
O3 PO4 X . -19.94 6.31 -6.86
O4 PO4 X . -22.20 5.43 -6.66
P PO4 Y . -7.79 19.83 -3.87
O1 PO4 Y . -7.46 18.47 -3.36
O2 PO4 Y . -8.82 20.45 -3.02
O3 PO4 Y . -8.28 19.72 -5.27
O4 PO4 Y . -6.56 20.67 -3.85
S SO4 Z . -25.49 27.54 -0.60
O1 SO4 Z . -25.08 28.84 -0.02
O2 SO4 Z . -26.82 27.68 -1.24
O3 SO4 Z . -25.56 26.53 0.47
O4 SO4 Z . -24.50 27.13 -1.62
S SO4 AA . -31.57 24.30 -6.66
O1 SO4 AA . -31.15 23.73 -5.36
O2 SO4 AA . -32.85 25.00 -6.49
O3 SO4 AA . -31.73 23.21 -7.64
O4 SO4 AA . -30.54 25.24 -7.14
S SO4 BA . -12.12 33.68 -18.91
O1 SO4 BA . -11.79 34.91 -18.16
O2 SO4 BA . -13.13 33.99 -19.95
O3 SO4 BA . -12.65 32.66 -17.98
O4 SO4 BA . -10.90 33.15 -19.56
NA NA CA . -11.70 19.69 -14.80
P PO4 DA . 12.52 12.16 -12.37
O1 PO4 DA . 12.80 13.56 -11.98
O2 PO4 DA . 11.61 11.54 -11.37
O3 PO4 DA . 13.80 11.38 -12.41
O4 PO4 DA . 11.88 12.12 -13.71
P PO4 EA . -5.12 19.62 -12.00
O1 PO4 EA . -6.01 19.09 -13.08
O2 PO4 EA . -4.39 20.80 -12.51
O3 PO4 EA . -4.14 18.56 -11.62
O4 PO4 EA . -5.93 19.98 -10.81
P PO4 FA . -7.02 16.36 -7.52
O1 PO4 FA . -6.33 16.05 -6.23
O2 PO4 FA . -7.97 15.27 -7.84
O3 PO4 FA . -6.02 16.49 -8.60
O4 PO4 FA . -7.77 17.64 -7.37
S SO4 GA . 6.60 34.72 -17.77
O1 SO4 GA . 7.64 35.20 -16.82
O2 SO4 GA . 5.92 35.88 -18.37
O3 SO4 GA . 5.62 33.91 -17.02
O4 SO4 GA . 7.23 33.93 -18.85
S SO4 HA . 4.61 13.32 -39.82
O1 SO4 HA . 3.90 13.98 -38.70
O2 SO4 HA . 4.16 13.88 -41.10
O3 SO4 HA . 4.31 11.87 -39.79
O4 SO4 HA . 6.07 13.53 -39.66
P PO4 IA . 21.39 3.79 8.80
O1 PO4 IA . 19.91 3.93 8.72
O2 PO4 IA . 21.99 5.10 9.13
O3 PO4 IA . 21.91 3.30 7.49
O4 PO4 IA . 21.73 2.81 9.87
P PO4 JA . 21.53 -0.09 1.76
O1 PO4 JA . 22.49 -1.22 1.80
O2 PO4 JA . 20.24 -0.54 1.18
O3 PO4 JA . 22.08 1.02 0.94
O4 PO4 JA . 21.30 0.40 3.16
NA NA KA . 24.62 -1.83 12.10
P PO4 LA . 5.68 16.70 15.45
O1 PO4 LA . 4.85 16.03 14.42
O2 PO4 LA . 6.45 15.68 16.22
O3 PO4 LA . 4.80 17.46 16.37
O4 PO4 LA . 6.64 17.62 14.78
P PO4 MA . 8.30 18.00 7.91
O1 PO4 MA . 9.36 19.04 7.74
O2 PO4 MA . 8.32 17.08 6.74
O3 PO4 MA . 6.98 18.67 7.99
O4 PO4 MA . 8.56 17.23 9.15
S SO4 NA . -4.71 31.08 25.00
O1 SO4 NA . -4.81 30.50 23.65
O2 SO4 NA . -3.29 31.21 25.39
O3 SO4 NA . -5.40 30.22 25.99
O4 SO4 NA . -5.35 32.42 24.99
NA NA OA . -7.68 8.76 24.91
P PO4 PA . -11.21 4.52 20.04
O1 PO4 PA . -11.59 3.75 21.26
O2 PO4 PA . -12.14 4.16 18.93
O3 PO4 PA . -9.82 4.20 19.67
O4 PO4 PA . -11.32 5.97 20.32
P PO4 QA . -12.74 10.21 14.43
O1 PO4 QA . -11.61 9.60 13.66
O2 PO4 QA . -14.02 9.91 13.74
O3 PO4 QA . -12.55 11.68 14.51
O4 PO4 QA . -12.76 9.63 15.80
P PO4 RA . -14.09 7.72 18.06
O1 PO4 RA . -15.52 7.32 18.04
O2 PO4 RA . -13.98 9.21 18.09
O3 PO4 RA . -13.42 7.20 16.84
O4 PO4 RA . -13.43 7.16 19.26
S SO4 SA . -27.50 -4.07 29.00
O1 SO4 SA . -27.17 -4.15 27.55
O2 SO4 SA . -27.37 -5.40 29.62
O3 SO4 SA . -28.89 -3.60 29.11
O4 SO4 SA . -26.59 -3.13 29.68
S SO4 TA . 0.65 0.20 12.65
O1 SO4 TA . 1.83 -0.66 12.39
O2 SO4 TA . 0.88 1.02 13.86
O3 SO4 TA . -0.53 -0.65 12.85
O4 SO4 TA . 0.44 1.08 11.49
P PO4 UA . -6.43 -16.07 16.27
O1 PO4 UA . -5.99 -15.16 17.37
O2 PO4 UA . -5.82 -15.65 14.98
O3 PO4 UA . -7.92 -16.02 16.15
O4 PO4 UA . -5.99 -17.46 16.58
P PO4 VA . -12.68 -13.43 12.21
O1 PO4 VA . -12.67 -12.46 11.08
O2 PO4 VA . -12.14 -14.75 11.74
O3 PO4 VA . -14.07 -13.60 12.71
O4 PO4 VA . -11.83 -12.91 13.32
S SO4 WA . -3.64 -36.08 17.27
O1 SO4 WA . -3.86 -36.66 15.93
O2 SO4 WA . -2.20 -35.97 17.54
O3 SO4 WA . -4.24 -36.96 18.29
O4 SO4 WA . -4.28 -34.75 17.34
S SO4 XA . 1.65 -4.40 10.88
O1 SO4 XA . 0.71 -4.59 9.75
O2 SO4 XA . 2.64 -5.49 10.89
O3 SO4 XA . 0.91 -4.41 12.18
O4 SO4 XA . 2.35 -3.11 10.73
S SO4 YA . 13.33 -18.22 34.26
O1 SO4 YA . 12.88 -19.41 33.51
O2 SO4 YA . 14.73 -17.90 33.89
O3 SO4 YA . 13.26 -18.49 35.71
O4 SO4 YA . 12.48 -17.06 33.93
P PO4 ZA . 14.03 -16.40 9.09
O1 PO4 ZA . 14.31 -16.85 10.47
O2 PO4 ZA . 15.31 -16.07 8.40
O3 PO4 ZA . 13.18 -15.18 9.13
O4 PO4 ZA . 13.33 -17.47 8.34
P PO4 AB . 8.32 -19.39 3.93
O1 PO4 AB . 7.37 -18.28 3.65
O2 PO4 AB . 7.71 -20.68 3.50
O3 PO4 AB . 8.60 -19.44 5.39
O4 PO4 AB . 9.58 -19.17 3.19
P PO4 BB . 12.25 -20.36 6.28
O1 PO4 BB . 13.58 -19.72 6.25
O2 PO4 BB . 12.13 -21.34 5.17
O3 PO4 BB . 11.19 -19.32 6.14
O4 PO4 BB . 12.07 -21.07 7.58
S SO4 CB . 33.13 -20.96 5.49
O1 SO4 CB . 33.86 -20.94 4.21
O2 SO4 CB . 33.65 -22.04 6.36
O3 SO4 CB . 31.70 -21.21 5.22
O4 SO4 CB . 33.30 -19.66 6.17
NA NA DB . 18.40 -4.58 9.72
#